data_5W1O
#
_entry.id   5W1O
#
_cell.length_a   96.620
_cell.length_b   101.252
_cell.length_c   128.182
_cell.angle_alpha   90.00
_cell.angle_beta   90.63
_cell.angle_gamma   90.00
#
_symmetry.space_group_name_H-M   'P 1 21 1'
#
loop_
_entity.id
_entity.type
_entity.pdbx_description
1 polymer 'Major capsid protein L1'
2 branched '2-O-sulfo-alpha-L-idopyranuronic acid-(1-4)-2-deoxy-6-O-sulfo-alpha-D-glucopyranose'
3 branched '2-O-sulfo-alpha-L-idopyranuronic acid-(1-4)-2-deoxy-6-O-sulfo-alpha-D-glucopyranose-(1-4)-2-O-sulfo-alpha-L-idopyranuronic acid-(1-4)-2-deoxy-6-O-sulfo-alpha-D-glucopyranose-(1-4)-2-O-sulfo-alpha-L-idopyranuronic acid-(1-4)-2-deoxy-6-O-sulfo-alpha-D-glucopyranose'
4 water water
#
_entity_poly.entity_id   1
_entity_poly.type   'polypeptide(L)'
_entity_poly.pdbx_seq_one_letter_code
;AVVSTDEYVARTNIYYHAGTSRLLAVGHPYFPIKKPNNNKILVPKVSGLQYRVFRIHLPDPNKFGFPDTSFYNPDTQRLV
WACVGVEVGRGQPLGVGISGHPLLNKLDDTENASAYAANAGVDNRECISMDYKQTQLCLIGCKPPIGEHWGKGSPCTNVA
VNPGDCPPLELINTVIQDGDMVDTGFGAMDFTTLQANKSEVPLDICTSICKYPDYIKMVSEPYGDSLFFYLRREQMFVRH
LFNRAGTVGENVPDDLYIKGSGSTANLASSNYFPTPSGSMVTSDAQIFNKPYWLQRAQGHNNGICWGNQLFVTVVDTTRS
TNMSLCAAISTSETTYKNTNFKEYLRHGEEYDLQFIFQLCKITLTADVMTYIHSMNSTILEDWNGGGSGAEDPLKKYTFW
EVNLKEKFSADLDQFPLGRKFLLQAGL
;
_entity_poly.pdbx_strand_id   A,B,C,D,E
#
loop_
_chem_comp.id
_chem_comp.type
_chem_comp.name
_chem_comp.formula
IDS L-saccharide, alpha linking '2-O-sulfo-alpha-L-idopyranuronic acid' 'C6 H10 O10 S'
JHM D-saccharide, alpha linking 2-deoxy-6-O-sulfo-alpha-D-glucopyranose 'C6 H12 O8 S'
#
# COMPACT_ATOMS: atom_id res chain seq x y z
N ALA A 1 -48.25 7.82 0.01
CA ALA A 1 -47.06 7.74 0.85
C ALA A 1 -46.68 6.30 1.11
N VAL A 2 -45.44 5.95 0.78
CA VAL A 2 -44.91 4.60 0.98
C VAL A 2 -44.44 4.42 2.42
N VAL A 3 -44.70 3.25 2.99
CA VAL A 3 -44.31 2.91 4.36
C VAL A 3 -43.43 1.68 4.44
N SER A 4 -42.60 1.62 5.47
CA SER A 4 -41.72 0.46 5.66
C SER A 4 -42.54 -0.82 5.80
N THR A 5 -41.99 -1.95 5.37
CA THR A 5 -42.74 -3.20 5.49
C THR A 5 -42.95 -3.65 6.94
N ASP A 6 -42.06 -3.21 7.84
CA ASP A 6 -42.18 -3.46 9.27
C ASP A 6 -43.52 -3.02 9.83
N GLU A 7 -44.21 -2.18 9.07
CA GLU A 7 -45.55 -1.65 9.39
C GLU A 7 -46.68 -2.64 9.13
N TYR A 8 -46.64 -3.33 7.99
CA TYR A 8 -47.74 -4.22 7.63
C TYR A 8 -47.34 -5.67 7.46
N VAL A 9 -46.05 -5.98 7.54
CA VAL A 9 -45.65 -7.37 7.45
C VAL A 9 -45.29 -7.87 8.84
N ALA A 10 -45.95 -8.94 9.26
CA ALA A 10 -45.73 -9.43 10.61
C ALA A 10 -44.68 -10.52 10.58
N ARG A 11 -43.72 -10.44 11.50
CA ARG A 11 -42.62 -11.39 11.60
C ARG A 11 -43.01 -12.59 12.43
N THR A 12 -42.77 -13.80 11.93
CA THR A 12 -42.93 -14.96 12.78
C THR A 12 -41.58 -15.43 13.35
N ASN A 13 -41.60 -16.64 13.87
CA ASN A 13 -40.49 -17.20 14.59
C ASN A 13 -40.00 -18.39 13.81
N ILE A 14 -40.49 -18.51 12.58
CA ILE A 14 -40.16 -19.63 11.72
C ILE A 14 -39.09 -19.26 10.69
N TYR A 15 -38.10 -20.14 10.55
CA TYR A 15 -36.94 -19.92 9.69
C TYR A 15 -36.59 -21.17 8.93
N TYR A 16 -36.25 -20.98 7.67
CA TYR A 16 -35.74 -22.08 6.89
C TYR A 16 -34.37 -21.71 6.32
N HIS A 17 -33.54 -22.73 6.11
CA HIS A 17 -32.32 -22.58 5.33
C HIS A 17 -32.62 -23.03 3.90
N ALA A 18 -31.86 -22.52 2.95
CA ALA A 18 -31.95 -23.00 1.58
C ALA A 18 -30.64 -22.69 0.87
N GLY A 19 -30.24 -23.58 -0.02
CA GLY A 19 -29.03 -23.38 -0.78
C GLY A 19 -29.01 -24.13 -2.08
N THR A 20 -28.24 -23.61 -3.03
CA THR A 20 -27.89 -24.36 -4.23
C THR A 20 -26.82 -25.36 -3.82
N SER A 21 -26.68 -26.45 -4.55
CA SER A 21 -25.66 -27.42 -4.17
C SER A 21 -24.27 -26.80 -4.35
N ARG A 22 -24.03 -26.29 -5.55
CA ARG A 22 -22.72 -25.85 -6.01
C ARG A 22 -22.84 -25.56 -7.49
N LEU A 23 -22.86 -24.29 -7.86
CA LEU A 23 -23.09 -23.90 -9.24
C LEU A 23 -21.78 -23.85 -10.00
N LEU A 24 -21.76 -24.44 -11.20
CA LEU A 24 -20.55 -24.48 -12.00
C LEU A 24 -20.74 -23.89 -13.38
N ALA A 25 -19.73 -23.19 -13.87
CA ALA A 25 -19.81 -22.59 -15.20
C ALA A 25 -18.46 -22.68 -15.89
N VAL A 26 -18.47 -23.14 -17.14
CA VAL A 26 -17.26 -23.33 -17.89
C VAL A 26 -17.46 -22.96 -19.34
N GLY A 27 -16.53 -22.17 -19.86
CA GLY A 27 -16.56 -21.81 -21.26
C GLY A 27 -15.30 -21.10 -21.68
N HIS A 28 -15.42 -20.37 -22.79
CA HIS A 28 -14.34 -19.57 -23.34
C HIS A 28 -14.42 -18.18 -22.74
N PRO A 29 -13.27 -17.57 -22.40
CA PRO A 29 -13.30 -16.26 -21.74
C PRO A 29 -13.71 -15.11 -22.64
N TYR A 30 -13.49 -15.20 -23.94
CA TYR A 30 -13.62 -14.02 -24.78
C TYR A 30 -14.86 -14.03 -25.68
N PHE A 31 -15.28 -15.22 -26.08
CA PHE A 31 -16.34 -15.36 -27.07
C PHE A 31 -16.89 -16.77 -27.09
N PRO A 32 -18.16 -16.90 -27.48
CA PRO A 32 -18.72 -18.25 -27.53
C PRO A 32 -18.20 -19.03 -28.74
N ILE A 33 -17.92 -20.31 -28.51
CA ILE A 33 -17.54 -21.22 -29.57
C ILE A 33 -18.80 -21.83 -30.13
N LYS A 34 -18.97 -21.75 -31.45
CA LYS A 34 -20.14 -22.31 -32.09
C LYS A 34 -19.78 -22.86 -33.46
N LYS A 35 -20.59 -23.79 -33.96
CA LYS A 35 -20.44 -24.27 -35.33
C LYS A 35 -20.61 -23.07 -36.25
N PRO A 36 -19.67 -22.89 -37.21
CA PRO A 36 -19.60 -21.73 -38.11
C PRO A 36 -20.85 -21.47 -38.97
N ASN A 37 -21.27 -22.44 -39.79
CA ASN A 37 -22.52 -22.32 -40.55
C ASN A 37 -23.69 -22.04 -39.63
N ASN A 38 -23.78 -22.90 -38.63
CA ASN A 38 -24.85 -22.95 -37.66
C ASN A 38 -24.76 -21.82 -36.62
N ASN A 39 -25.78 -21.65 -35.78
CA ASN A 39 -25.78 -20.59 -34.78
C ASN A 39 -25.92 -21.12 -33.35
N LYS A 40 -26.07 -22.45 -33.23
CA LYS A 40 -26.19 -23.12 -31.93
C LYS A 40 -24.86 -23.05 -31.18
N ILE A 41 -24.94 -22.57 -29.95
CA ILE A 41 -23.79 -22.39 -29.06
C ILE A 41 -23.16 -23.73 -28.64
N LEU A 42 -21.91 -23.93 -29.00
CA LEU A 42 -21.24 -25.18 -28.70
C LEU A 42 -20.51 -25.09 -27.36
N VAL A 43 -19.82 -23.96 -27.14
CA VAL A 43 -19.24 -23.62 -25.83
C VAL A 43 -19.57 -22.16 -25.52
N PRO A 44 -20.24 -21.90 -24.40
CA PRO A 44 -20.63 -20.52 -24.07
C PRO A 44 -19.45 -19.62 -23.68
N LYS A 45 -19.71 -18.32 -23.65
CA LYS A 45 -18.71 -17.39 -23.13
C LYS A 45 -18.82 -17.34 -21.62
N VAL A 46 -17.80 -17.83 -20.92
CA VAL A 46 -17.76 -17.68 -19.46
C VAL A 46 -16.52 -16.88 -19.04
N SER A 47 -16.76 -15.71 -18.47
CA SER A 47 -15.70 -14.78 -18.13
C SER A 47 -15.86 -14.30 -16.70
N GLY A 48 -14.76 -14.09 -16.01
CA GLY A 48 -14.84 -13.47 -14.71
C GLY A 48 -15.31 -12.02 -14.79
N LEU A 49 -15.40 -11.45 -15.99
CA LEU A 49 -15.85 -10.08 -16.07
C LEU A 49 -17.32 -9.98 -16.47
N GLN A 50 -18.08 -11.03 -16.15
CA GLN A 50 -19.50 -11.05 -16.48
C GLN A 50 -20.35 -10.78 -15.25
N TYR A 51 -21.49 -10.12 -15.43
CA TYR A 51 -22.48 -10.10 -14.37
C TYR A 51 -23.07 -11.50 -14.23
N ARG A 52 -23.26 -11.95 -12.99
CA ARG A 52 -24.08 -13.12 -12.72
C ARG A 52 -25.37 -12.71 -12.06
N VAL A 53 -26.49 -12.93 -12.72
CA VAL A 53 -27.77 -12.57 -12.12
C VAL A 53 -28.58 -13.83 -11.86
N PHE A 54 -28.66 -14.22 -10.60
CA PHE A 54 -29.43 -15.39 -10.21
C PHE A 54 -30.88 -15.03 -9.89
N ARG A 55 -31.79 -15.64 -10.62
CA ARG A 55 -33.22 -15.54 -10.32
C ARG A 55 -33.62 -16.65 -9.35
N ILE A 56 -33.79 -16.32 -8.08
CA ILE A 56 -34.05 -17.36 -7.09
C ILE A 56 -35.54 -17.63 -6.95
N HIS A 57 -35.95 -18.87 -7.12
CA HIS A 57 -37.37 -19.17 -6.95
C HIS A 57 -37.62 -19.87 -5.63
N LEU A 58 -38.42 -19.23 -4.78
CA LEU A 58 -38.82 -19.82 -3.51
C LEU A 58 -40.14 -20.56 -3.60
N PRO A 59 -40.34 -21.55 -2.72
CA PRO A 59 -41.68 -22.14 -2.64
C PRO A 59 -42.69 -21.11 -2.11
N ASP A 60 -43.88 -21.08 -2.70
CA ASP A 60 -44.97 -20.26 -2.19
C ASP A 60 -45.33 -20.71 -0.78
N PRO A 61 -45.09 -19.88 0.25
CA PRO A 61 -45.39 -20.32 1.62
C PRO A 61 -46.87 -20.62 1.87
N ASN A 62 -47.75 -20.14 1.00
CA ASN A 62 -49.18 -20.40 1.14
C ASN A 62 -49.56 -21.77 0.63
N LYS A 63 -48.76 -22.30 -0.28
CA LYS A 63 -48.97 -23.63 -0.86
C LYS A 63 -48.09 -24.64 -0.13
N PHE A 64 -47.24 -24.14 0.76
CA PHE A 64 -46.23 -24.95 1.44
C PHE A 64 -46.84 -25.95 2.43
N GLY A 65 -46.09 -26.99 2.78
CA GLY A 65 -46.53 -27.92 3.80
C GLY A 65 -45.80 -27.79 5.13
N PHE A 66 -46.14 -26.76 5.91
CA PHE A 66 -45.65 -26.64 7.27
C PHE A 66 -46.21 -27.73 8.15
N PRO A 67 -45.44 -28.18 9.15
CA PRO A 67 -45.92 -29.18 10.09
C PRO A 67 -47.10 -28.68 10.92
N ASP A 68 -47.08 -27.39 11.25
CA ASP A 68 -48.15 -26.75 12.01
C ASP A 68 -48.57 -25.44 11.35
N THR A 69 -49.88 -25.25 11.20
CA THR A 69 -50.43 -24.08 10.52
C THR A 69 -51.26 -23.19 11.44
N SER A 70 -51.05 -23.33 12.75
CA SER A 70 -51.86 -22.63 13.74
C SER A 70 -51.41 -21.18 13.90
N PHE A 71 -50.14 -20.92 13.62
CA PHE A 71 -49.55 -19.58 13.78
C PHE A 71 -50.20 -18.50 12.94
N TYR A 72 -51.12 -18.85 12.06
CA TYR A 72 -51.82 -17.84 11.30
C TYR A 72 -53.23 -18.31 10.89
N ASN A 73 -53.93 -17.42 10.20
CA ASN A 73 -55.30 -17.66 9.78
C ASN A 73 -55.40 -17.55 8.26
N PRO A 74 -55.41 -18.70 7.56
CA PRO A 74 -55.45 -18.66 6.09
C PRO A 74 -56.69 -17.96 5.51
N ASP A 75 -57.58 -17.44 6.36
CA ASP A 75 -58.77 -16.73 5.89
C ASP A 75 -58.57 -15.22 5.89
N THR A 76 -58.00 -14.69 6.97
CA THR A 76 -57.77 -13.27 7.03
C THR A 76 -56.34 -12.90 6.62
N GLN A 77 -55.43 -13.87 6.52
CA GLN A 77 -54.05 -13.51 6.19
C GLN A 77 -53.32 -14.36 5.14
N ARG A 78 -52.17 -13.85 4.69
CA ARG A 78 -51.32 -14.55 3.72
C ARG A 78 -49.85 -14.59 4.13
N LEU A 79 -49.05 -15.40 3.45
CA LEU A 79 -47.66 -15.61 3.83
C LEU A 79 -46.63 -15.13 2.80
N VAL A 80 -45.52 -14.56 3.27
CA VAL A 80 -44.38 -14.12 2.43
C VAL A 80 -43.07 -14.53 3.06
N TRP A 81 -42.08 -14.88 2.26
CA TRP A 81 -40.77 -15.15 2.83
C TRP A 81 -39.99 -13.84 2.99
N ALA A 82 -39.27 -13.71 4.11
CA ALA A 82 -38.30 -12.62 4.24
C ALA A 82 -36.88 -13.17 4.27
N CYS A 83 -36.05 -12.64 3.38
CA CYS A 83 -34.64 -12.99 3.37
C CYS A 83 -33.94 -12.26 4.50
N VAL A 84 -33.19 -13.01 5.31
CA VAL A 84 -32.62 -12.45 6.52
C VAL A 84 -31.12 -12.73 6.63
N GLY A 85 -30.65 -13.73 5.88
CA GLY A 85 -29.23 -14.02 5.78
C GLY A 85 -28.84 -14.56 4.40
N VAL A 86 -27.70 -14.10 3.89
CA VAL A 86 -27.14 -14.58 2.62
C VAL A 86 -25.64 -14.87 2.73
N GLU A 87 -25.20 -15.95 2.10
CA GLU A 87 -23.79 -16.17 1.84
C GLU A 87 -23.62 -16.48 0.39
N VAL A 88 -22.84 -15.68 -0.31
CA VAL A 88 -22.42 -16.02 -1.65
C VAL A 88 -21.10 -16.75 -1.56
N GLY A 89 -21.15 -18.07 -1.64
CA GLY A 89 -19.98 -18.89 -1.63
C GLY A 89 -19.29 -18.75 -2.96
N ARG A 90 -17.96 -18.77 -2.92
CA ARG A 90 -17.15 -18.65 -4.12
C ARG A 90 -16.07 -19.73 -4.11
N GLY A 91 -15.86 -20.34 -5.26
CA GLY A 91 -15.12 -21.57 -5.33
C GLY A 91 -13.65 -21.61 -5.66
N GLN A 92 -13.18 -20.88 -6.66
CA GLN A 92 -11.86 -21.19 -7.22
C GLN A 92 -10.72 -20.45 -6.48
N PRO A 93 -9.45 -20.69 -6.85
CA PRO A 93 -8.42 -19.86 -6.20
C PRO A 93 -8.36 -18.43 -6.73
N LEU A 94 -8.05 -17.49 -5.86
CA LEU A 94 -7.91 -16.08 -6.26
C LEU A 94 -6.90 -15.98 -7.42
N GLY A 95 -7.27 -15.22 -8.44
CA GLY A 95 -6.39 -15.04 -9.59
C GLY A 95 -6.88 -13.96 -10.53
N VAL A 96 -6.03 -13.52 -11.47
CA VAL A 96 -6.40 -12.46 -12.40
C VAL A 96 -6.32 -12.90 -13.88
N GLY A 97 -7.37 -12.63 -14.63
CA GLY A 97 -7.39 -12.96 -16.04
C GLY A 97 -6.65 -11.96 -16.90
N ILE A 98 -7.04 -11.85 -18.16
CA ILE A 98 -6.28 -11.10 -19.13
C ILE A 98 -7.10 -11.02 -20.43
N SER A 99 -7.11 -9.86 -21.07
CA SER A 99 -7.94 -9.67 -22.25
C SER A 99 -7.24 -8.79 -23.25
N GLY A 100 -7.15 -9.24 -24.49
CA GLY A 100 -6.58 -8.41 -25.52
C GLY A 100 -7.37 -8.33 -26.81
N HIS A 101 -6.71 -7.86 -27.86
CA HIS A 101 -7.26 -7.86 -29.22
C HIS A 101 -6.08 -7.96 -30.17
N PRO A 102 -6.14 -8.91 -31.14
CA PRO A 102 -5.06 -9.12 -32.12
C PRO A 102 -4.80 -7.89 -32.99
N LEU A 103 -5.82 -7.05 -33.10
CA LEU A 103 -5.69 -5.82 -33.86
C LEU A 103 -6.31 -4.67 -33.08
N LEU A 104 -5.86 -4.47 -31.85
CA LEU A 104 -6.28 -3.31 -31.08
C LEU A 104 -5.75 -2.04 -31.76
N ASN A 105 -6.55 -0.98 -31.72
CA ASN A 105 -6.19 0.31 -32.27
C ASN A 105 -5.22 1.06 -31.34
N LYS A 106 -3.93 0.88 -31.62
CA LYS A 106 -2.90 1.53 -30.84
C LYS A 106 -1.87 2.14 -31.80
N LEU A 107 -1.77 3.46 -31.87
CA LEU A 107 -0.77 4.04 -32.76
C LEU A 107 0.58 3.96 -32.05
N ASP A 108 1.00 5.02 -31.36
CA ASP A 108 2.26 4.94 -30.65
C ASP A 108 2.10 4.92 -29.13
N ASP A 109 3.21 4.62 -28.46
CA ASP A 109 3.28 4.72 -27.01
C ASP A 109 3.54 6.18 -26.64
N THR A 110 2.56 6.83 -26.03
CA THR A 110 2.63 8.25 -25.75
C THR A 110 3.01 8.58 -24.32
N GLU A 111 3.45 7.56 -23.57
CA GLU A 111 3.87 7.75 -22.18
C GLU A 111 5.24 8.42 -22.12
N ASN A 112 6.09 8.09 -23.07
CA ASN A 112 7.47 8.55 -23.12
C ASN A 112 8.07 8.30 -24.51
N ALA A 113 8.43 9.35 -25.24
CA ALA A 113 8.92 9.18 -26.62
C ALA A 113 10.15 10.05 -26.89
N SER A 114 11.15 9.46 -27.54
CA SER A 114 12.43 10.15 -27.75
C SER A 114 12.51 10.78 -29.13
N ALA A 115 11.68 10.31 -30.04
CA ALA A 115 11.59 10.86 -31.38
C ALA A 115 10.11 11.08 -31.70
N TYR A 116 9.80 11.96 -32.65
CA TYR A 116 8.40 12.08 -33.08
C TYR A 116 8.08 10.80 -33.83
N ALA A 117 6.90 10.23 -33.57
CA ALA A 117 6.51 8.97 -34.20
C ALA A 117 6.51 9.08 -35.75
N ALA A 118 6.36 7.93 -36.41
CA ALA A 118 6.41 7.91 -37.87
C ALA A 118 5.15 8.56 -38.44
N ASN A 119 4.48 7.86 -39.34
CA ASN A 119 3.19 8.34 -39.84
C ASN A 119 2.18 7.22 -39.88
N ALA A 120 0.94 7.54 -39.50
CA ALA A 120 -0.14 6.57 -39.58
C ALA A 120 -0.40 6.21 -41.04
N GLY A 121 0.04 5.01 -41.43
CA GLY A 121 -0.18 4.53 -42.77
C GLY A 121 -1.53 3.84 -42.85
N VAL A 122 -1.54 2.62 -43.34
CA VAL A 122 -2.76 1.85 -43.33
C VAL A 122 -2.61 0.74 -42.31
N ASP A 123 -3.59 0.61 -41.43
CA ASP A 123 -3.55 -0.39 -40.36
C ASP A 123 -2.24 -0.42 -39.54
N ASN A 124 -2.20 0.36 -38.46
CA ASN A 124 -1.12 0.31 -37.48
C ASN A 124 -1.57 -0.38 -36.20
N ARG A 125 -2.58 -1.23 -36.32
CA ARG A 125 -3.09 -1.93 -35.16
C ARG A 125 -2.06 -2.93 -34.63
N GLU A 126 -2.22 -3.32 -33.36
CA GLU A 126 -1.25 -4.17 -32.66
C GLU A 126 -1.99 -5.21 -31.82
N CYS A 127 -1.40 -6.40 -31.73
CA CYS A 127 -1.87 -7.40 -30.80
C CYS A 127 -1.52 -7.00 -29.35
N ILE A 128 -2.53 -6.63 -28.57
CA ILE A 128 -2.33 -6.02 -27.27
C ILE A 128 -3.28 -6.49 -26.16
N SER A 129 -2.76 -6.92 -25.02
CA SER A 129 -3.64 -7.33 -23.93
C SER A 129 -3.45 -6.53 -22.61
N MET A 130 -4.46 -6.62 -21.74
CA MET A 130 -4.46 -5.88 -20.49
C MET A 130 -5.08 -6.70 -19.35
N ASP A 131 -4.70 -6.40 -18.12
CA ASP A 131 -5.42 -6.92 -16.97
C ASP A 131 -6.45 -5.89 -16.55
N TYR A 132 -7.71 -6.30 -16.56
CA TYR A 132 -8.81 -5.36 -16.43
C TYR A 132 -8.98 -4.79 -15.01
N LYS A 133 -9.79 -3.76 -14.91
CA LYS A 133 -10.11 -3.16 -13.62
C LYS A 133 -10.80 -4.17 -12.70
N GLN A 134 -10.37 -4.21 -11.44
CA GLN A 134 -10.94 -5.13 -10.45
C GLN A 134 -12.31 -4.68 -9.96
N THR A 135 -13.23 -5.63 -9.81
CA THR A 135 -14.57 -5.29 -9.36
C THR A 135 -15.18 -6.39 -8.51
N GLN A 136 -15.68 -6.04 -7.34
CA GLN A 136 -16.50 -6.95 -6.52
C GLN A 136 -17.79 -6.27 -6.17
N LEU A 137 -18.91 -6.85 -6.55
CA LEU A 137 -20.18 -6.32 -6.07
C LEU A 137 -21.20 -7.42 -5.87
N CYS A 138 -22.17 -7.10 -5.01
CA CYS A 138 -23.31 -7.95 -4.76
C CYS A 138 -24.58 -7.10 -4.64
N LEU A 139 -25.61 -7.44 -5.41
CA LEU A 139 -26.90 -6.76 -5.31
C LEU A 139 -28.00 -7.73 -4.91
N ILE A 140 -28.72 -7.44 -3.83
CA ILE A 140 -29.82 -8.30 -3.40
C ILE A 140 -31.14 -7.56 -3.35
N GLY A 141 -32.15 -8.10 -4.03
CA GLY A 141 -33.46 -7.48 -4.04
C GLY A 141 -34.54 -8.44 -4.48
N CYS A 142 -35.74 -7.93 -4.71
CA CYS A 142 -36.79 -8.82 -5.20
C CYS A 142 -37.23 -8.46 -6.62
N LYS A 143 -36.51 -7.51 -7.22
CA LYS A 143 -36.68 -7.14 -8.63
C LYS A 143 -35.33 -7.25 -9.33
N PRO A 144 -35.34 -7.43 -10.66
CA PRO A 144 -34.07 -7.46 -11.38
C PRO A 144 -33.32 -6.15 -11.24
N PRO A 145 -32.00 -6.22 -11.15
CA PRO A 145 -31.11 -5.06 -11.01
C PRO A 145 -31.11 -4.18 -12.26
N ILE A 146 -30.99 -2.87 -12.10
CA ILE A 146 -30.99 -1.99 -13.26
C ILE A 146 -29.64 -1.32 -13.51
N GLY A 147 -29.11 -1.44 -14.72
CA GLY A 147 -27.86 -0.80 -15.05
C GLY A 147 -27.92 0.50 -15.86
N GLU A 148 -26.80 1.18 -15.95
CA GLU A 148 -26.69 2.34 -16.84
C GLU A 148 -25.50 2.17 -17.79
N HIS A 149 -25.67 2.61 -19.03
CA HIS A 149 -24.55 2.66 -19.94
C HIS A 149 -24.77 3.77 -20.97
N TRP A 150 -23.69 4.26 -21.59
CA TRP A 150 -23.79 5.23 -22.69
C TRP A 150 -23.99 4.51 -24.03
N GLY A 151 -25.00 4.94 -24.77
CA GLY A 151 -25.24 4.38 -26.09
C GLY A 151 -25.49 5.47 -27.10
N LYS A 152 -25.82 5.08 -28.32
CA LYS A 152 -25.98 6.05 -29.41
C LYS A 152 -27.34 6.71 -29.38
N GLY A 153 -27.41 7.96 -28.95
CA GLY A 153 -28.66 8.69 -28.90
C GLY A 153 -29.30 8.92 -30.25
N SER A 154 -30.59 9.26 -30.23
CA SER A 154 -31.32 9.66 -31.41
C SER A 154 -30.73 10.88 -32.06
N PRO A 155 -30.68 10.92 -33.39
CA PRO A 155 -30.26 12.12 -34.13
C PRO A 155 -31.05 13.36 -33.73
N CYS A 156 -30.76 14.47 -34.39
CA CYS A 156 -31.59 15.66 -34.28
C CYS A 156 -31.88 16.11 -35.69
N THR A 157 -33.06 15.80 -36.22
CA THR A 157 -33.30 15.99 -37.66
C THR A 157 -33.24 17.44 -38.15
N ASN A 158 -32.43 18.27 -37.47
CA ASN A 158 -32.05 19.60 -37.95
C ASN A 158 -30.90 19.47 -38.94
N VAL A 159 -29.68 19.56 -38.40
CA VAL A 159 -28.45 19.81 -39.14
C VAL A 159 -28.05 18.71 -40.13
N ALA A 160 -28.69 17.55 -40.03
CA ALA A 160 -28.30 16.35 -40.79
C ALA A 160 -26.89 15.86 -40.43
N VAL A 161 -26.55 14.65 -40.88
CA VAL A 161 -25.27 14.03 -40.54
C VAL A 161 -24.41 13.82 -41.78
N ASN A 162 -23.09 13.90 -41.63
CA ASN A 162 -22.16 13.83 -42.77
C ASN A 162 -21.13 12.71 -42.65
N PRO A 163 -21.52 11.49 -43.08
CA PRO A 163 -20.89 10.19 -42.83
C PRO A 163 -19.57 10.26 -42.06
N GLY A 164 -19.60 9.83 -40.82
CA GLY A 164 -18.40 9.83 -40.01
C GLY A 164 -18.52 10.83 -38.90
N ASP A 165 -19.65 11.52 -38.84
CA ASP A 165 -19.90 12.46 -37.78
C ASP A 165 -20.05 11.73 -36.46
N CYS A 166 -19.66 12.39 -35.37
CA CYS A 166 -19.69 11.82 -34.03
C CYS A 166 -21.11 11.46 -33.61
N PRO A 167 -21.32 10.18 -33.26
CA PRO A 167 -22.65 9.79 -32.76
C PRO A 167 -22.94 10.49 -31.45
N PRO A 168 -24.20 10.90 -31.25
CA PRO A 168 -24.66 11.52 -30.00
C PRO A 168 -24.80 10.50 -28.87
N LEU A 169 -24.56 10.92 -27.63
CA LEU A 169 -24.64 10.01 -26.48
C LEU A 169 -26.01 10.06 -25.80
N GLU A 170 -26.41 8.96 -25.19
CA GLU A 170 -27.55 8.98 -24.28
C GLU A 170 -27.32 7.97 -23.18
N LEU A 171 -27.60 8.36 -21.94
CA LEU A 171 -27.48 7.45 -20.82
C LEU A 171 -28.68 6.52 -20.87
N ILE A 172 -28.41 5.23 -20.97
CA ILE A 172 -29.46 4.27 -21.24
C ILE A 172 -29.67 3.26 -20.12
N ASN A 173 -30.82 3.32 -19.47
CA ASN A 173 -31.16 2.38 -18.41
C ASN A 173 -31.71 1.07 -18.96
N THR A 174 -31.22 -0.03 -18.39
CA THR A 174 -31.45 -1.37 -18.90
C THR A 174 -31.55 -2.35 -17.74
N VAL A 175 -32.11 -3.53 -18.00
CA VAL A 175 -32.05 -4.58 -16.99
C VAL A 175 -30.73 -5.32 -17.13
N ILE A 176 -30.02 -5.46 -16.03
CA ILE A 176 -28.77 -6.20 -16.02
C ILE A 176 -29.06 -7.69 -16.08
N GLN A 177 -28.89 -8.26 -17.26
CA GLN A 177 -29.11 -9.67 -17.47
C GLN A 177 -27.90 -10.49 -17.11
N ASP A 178 -28.11 -11.79 -16.94
CA ASP A 178 -27.01 -12.71 -16.68
C ASP A 178 -26.11 -12.82 -17.91
N GLY A 179 -24.81 -12.61 -17.72
CA GLY A 179 -23.86 -12.67 -18.82
C GLY A 179 -23.61 -11.32 -19.45
N ASP A 180 -24.25 -10.29 -18.94
CA ASP A 180 -23.88 -8.92 -19.30
C ASP A 180 -22.45 -8.63 -18.78
N MET A 181 -21.78 -7.66 -19.39
CA MET A 181 -20.39 -7.36 -19.04
C MET A 181 -20.25 -6.16 -18.10
N VAL A 182 -19.41 -6.30 -17.08
CA VAL A 182 -19.01 -5.16 -16.26
C VAL A 182 -18.16 -4.19 -17.05
N ASP A 183 -18.14 -2.92 -16.62
CA ASP A 183 -17.14 -1.98 -17.06
C ASP A 183 -15.78 -2.51 -16.64
N THR A 184 -14.80 -2.36 -17.50
CA THR A 184 -13.53 -3.03 -17.34
C THR A 184 -12.37 -2.05 -17.29
N GLY A 185 -12.65 -0.79 -17.59
CA GLY A 185 -11.62 0.22 -17.64
C GLY A 185 -11.82 1.16 -18.80
N PHE A 186 -12.90 0.96 -19.54
CA PHE A 186 -13.22 1.85 -20.66
C PHE A 186 -14.61 2.42 -20.49
N GLY A 187 -15.19 2.21 -19.30
CA GLY A 187 -16.49 2.78 -18.95
C GLY A 187 -17.70 1.96 -19.36
N ALA A 188 -18.87 2.37 -18.90
CA ALA A 188 -20.11 1.68 -19.23
C ALA A 188 -20.75 2.23 -20.51
N MET A 189 -20.56 1.53 -21.62
CA MET A 189 -21.05 1.99 -22.93
C MET A 189 -21.31 0.85 -23.90
N ASP A 190 -22.04 1.15 -24.97
CA ASP A 190 -22.32 0.16 -26.01
C ASP A 190 -21.23 0.18 -27.07
N PHE A 191 -20.27 -0.72 -26.97
CA PHE A 191 -19.09 -0.64 -27.80
C PHE A 191 -19.37 -1.00 -29.26
N THR A 192 -20.51 -1.65 -29.48
CA THR A 192 -20.92 -2.03 -30.81
C THR A 192 -21.41 -0.82 -31.60
N THR A 193 -22.31 -0.04 -30.99
CA THR A 193 -22.92 1.10 -31.68
C THR A 193 -22.09 2.38 -31.60
N LEU A 194 -21.06 2.37 -30.77
CA LEU A 194 -20.33 3.59 -30.45
C LEU A 194 -18.90 3.52 -30.99
N GLN A 195 -18.51 2.34 -31.43
CA GLN A 195 -17.21 2.15 -32.08
C GLN A 195 -17.34 1.25 -33.30
N ALA A 196 -17.20 1.84 -34.47
CA ALA A 196 -17.40 1.08 -35.73
C ALA A 196 -16.12 0.34 -36.04
N ASN A 197 -15.07 0.77 -35.34
CA ASN A 197 -13.74 0.19 -35.38
C ASN A 197 -13.73 -1.33 -35.21
N LYS A 198 -14.45 -1.76 -34.18
CA LYS A 198 -14.42 -3.14 -33.68
C LYS A 198 -13.04 -3.51 -33.14
N SER A 199 -12.21 -2.50 -32.91
CA SER A 199 -10.82 -2.74 -32.53
C SER A 199 -10.28 -1.74 -31.49
N GLU A 200 -11.17 -1.06 -30.77
CA GLU A 200 -10.76 -0.10 -29.75
C GLU A 200 -10.56 -0.74 -28.37
N VAL A 201 -11.25 -1.86 -28.14
CA VAL A 201 -11.17 -2.57 -26.88
C VAL A 201 -11.11 -4.08 -27.17
N PRO A 202 -10.65 -4.88 -26.19
CA PRO A 202 -10.42 -6.32 -26.35
C PRO A 202 -11.62 -7.11 -26.85
N LEU A 203 -11.37 -8.27 -27.45
CA LEU A 203 -12.40 -9.16 -27.98
C LEU A 203 -13.60 -9.36 -27.09
N ASP A 204 -13.36 -9.43 -25.78
CA ASP A 204 -14.38 -9.88 -24.86
C ASP A 204 -15.38 -8.81 -24.51
N ILE A 205 -15.11 -7.57 -24.89
CA ILE A 205 -16.10 -6.51 -24.67
C ILE A 205 -16.31 -5.72 -25.93
N CYS A 206 -15.58 -6.14 -26.96
CA CYS A 206 -15.49 -5.41 -28.22
C CYS A 206 -16.85 -5.29 -28.92
N THR A 207 -17.73 -6.28 -28.76
CA THR A 207 -19.07 -6.17 -29.35
C THR A 207 -20.10 -6.50 -28.30
N SER A 208 -19.82 -6.01 -27.09
CA SER A 208 -20.70 -6.18 -25.94
C SER A 208 -21.11 -4.83 -25.38
N ILE A 209 -22.04 -4.82 -24.45
CA ILE A 209 -22.32 -3.62 -23.69
C ILE A 209 -21.70 -3.78 -22.29
N CYS A 210 -21.00 -2.77 -21.83
CA CYS A 210 -20.55 -2.80 -20.45
C CYS A 210 -21.51 -1.96 -19.63
N LYS A 211 -22.01 -2.52 -18.54
CA LYS A 211 -23.03 -1.84 -17.75
C LYS A 211 -22.56 -1.65 -16.32
N TYR A 212 -23.05 -0.58 -15.71
CA TYR A 212 -22.72 -0.22 -14.33
C TYR A 212 -24.01 -0.21 -13.57
N PRO A 213 -23.99 -0.67 -12.31
CA PRO A 213 -25.24 -0.62 -11.57
C PRO A 213 -25.65 0.82 -11.30
N ASP A 214 -26.88 1.16 -11.65
CA ASP A 214 -27.40 2.47 -11.36
C ASP A 214 -27.83 2.51 -9.90
N TYR A 215 -26.88 2.61 -8.98
CA TYR A 215 -27.18 2.57 -7.55
C TYR A 215 -28.09 3.74 -7.14
N ILE A 216 -27.89 4.91 -7.74
CA ILE A 216 -28.71 6.06 -7.41
C ILE A 216 -30.19 5.83 -7.76
N LYS A 217 -30.48 5.56 -9.03
CA LYS A 217 -31.85 5.28 -9.44
C LYS A 217 -32.53 4.18 -8.59
N MET A 218 -31.81 3.08 -8.36
CA MET A 218 -32.35 1.96 -7.60
C MET A 218 -32.62 2.31 -6.14
N VAL A 219 -31.79 3.17 -5.55
CA VAL A 219 -31.99 3.56 -4.16
C VAL A 219 -33.04 4.66 -4.10
N SER A 220 -33.21 5.36 -5.20
CA SER A 220 -34.21 6.41 -5.31
C SER A 220 -35.59 5.78 -5.45
N GLU A 221 -35.61 4.57 -5.98
CA GLU A 221 -36.85 3.86 -6.20
C GLU A 221 -37.74 3.87 -4.95
N PRO A 222 -39.03 4.20 -5.11
CA PRO A 222 -39.93 4.48 -3.97
C PRO A 222 -40.13 3.30 -3.03
N TYR A 223 -40.36 2.10 -3.56
CA TYR A 223 -40.61 0.95 -2.69
C TYR A 223 -39.34 0.22 -2.26
N GLY A 224 -38.29 0.30 -3.07
CA GLY A 224 -37.00 -0.28 -2.73
C GLY A 224 -36.87 -1.78 -2.97
N ASP A 225 -37.54 -2.29 -4.00
CA ASP A 225 -37.55 -3.72 -4.32
C ASP A 225 -36.33 -4.18 -5.11
N SER A 226 -35.71 -3.28 -5.86
CA SER A 226 -34.67 -3.73 -6.75
C SER A 226 -33.42 -4.05 -5.95
N LEU A 227 -33.18 -3.31 -4.87
CA LEU A 227 -32.08 -3.67 -3.99
C LEU A 227 -32.29 -3.19 -2.54
N PHE A 228 -32.35 -4.17 -1.63
CA PHE A 228 -32.37 -3.85 -0.22
C PHE A 228 -31.06 -4.22 0.48
N PHE A 229 -30.05 -4.55 -0.31
CA PHE A 229 -28.70 -4.73 0.20
C PHE A 229 -27.73 -4.69 -0.98
N TYR A 230 -26.56 -4.09 -0.80
CA TYR A 230 -25.49 -4.17 -1.79
C TYR A 230 -24.09 -3.99 -1.18
N LEU A 231 -23.10 -4.63 -1.79
CA LEU A 231 -21.70 -4.39 -1.47
C LEU A 231 -20.94 -4.08 -2.74
N ARG A 232 -20.10 -3.04 -2.73
CA ARG A 232 -19.33 -2.73 -3.93
C ARG A 232 -17.88 -2.41 -3.63
N ARG A 233 -17.02 -2.96 -4.46
CA ARG A 233 -15.58 -2.80 -4.33
C ARG A 233 -14.99 -2.74 -5.74
N GLU A 234 -14.49 -1.57 -6.13
CA GLU A 234 -13.90 -1.43 -7.46
C GLU A 234 -12.66 -0.52 -7.43
N GLN A 235 -11.66 -0.88 -8.23
CA GLN A 235 -10.38 -0.16 -8.23
C GLN A 235 -9.70 -0.29 -9.59
N MET A 236 -8.87 0.69 -9.90
CA MET A 236 -8.25 0.77 -11.21
C MET A 236 -7.15 1.83 -11.27
N PHE A 237 -6.02 1.50 -11.88
CA PHE A 237 -5.08 2.54 -12.26
C PHE A 237 -4.69 2.48 -13.75
N VAL A 238 -3.81 3.39 -14.15
CA VAL A 238 -3.39 3.51 -15.54
C VAL A 238 -2.07 2.81 -15.72
N ARG A 239 -2.05 1.75 -16.53
CA ARG A 239 -0.83 0.97 -16.67
C ARG A 239 -0.05 1.46 -17.91
N HIS A 240 -0.75 1.67 -19.02
CA HIS A 240 -0.10 2.25 -20.21
C HIS A 240 -0.89 3.40 -20.82
N LEU A 241 -0.18 4.29 -21.53
CA LEU A 241 -0.79 5.49 -22.06
C LEU A 241 -0.63 5.53 -23.57
N PHE A 242 -1.72 5.35 -24.29
CA PHE A 242 -1.61 5.13 -25.72
C PHE A 242 -2.27 6.20 -26.60
N ASN A 243 -2.12 5.98 -27.91
CA ASN A 243 -2.59 6.84 -28.98
C ASN A 243 -3.62 6.06 -29.78
N ARG A 244 -4.58 6.74 -30.43
CA ARG A 244 -5.48 6.03 -31.37
C ARG A 244 -5.15 6.35 -32.81
N ALA A 245 -4.98 5.31 -33.62
CA ALA A 245 -4.88 5.51 -35.06
C ALA A 245 -6.26 5.87 -35.59
N GLY A 246 -6.32 6.35 -36.82
CA GLY A 246 -7.58 6.79 -37.38
C GLY A 246 -7.38 8.19 -37.91
N THR A 247 -8.46 8.85 -38.29
CA THR A 247 -8.36 10.23 -38.76
C THR A 247 -9.08 11.19 -37.84
N VAL A 248 -8.62 12.42 -37.85
CA VAL A 248 -9.13 13.41 -36.91
C VAL A 248 -10.62 13.66 -37.15
N GLY A 249 -11.43 13.32 -36.15
CA GLY A 249 -12.84 13.60 -36.20
C GLY A 249 -13.10 15.02 -35.75
N GLU A 250 -12.39 15.43 -34.70
CA GLU A 250 -12.44 16.79 -34.22
C GLU A 250 -11.04 17.34 -34.12
N ASN A 251 -10.75 18.35 -34.92
CA ASN A 251 -9.42 18.91 -34.97
C ASN A 251 -9.10 19.72 -33.75
N VAL A 252 -7.82 19.72 -33.37
CA VAL A 252 -7.37 20.55 -32.27
C VAL A 252 -7.37 22.02 -32.67
N PRO A 253 -8.12 22.86 -31.92
CA PRO A 253 -8.17 24.29 -32.22
C PRO A 253 -6.78 24.91 -32.14
N ASP A 254 -6.33 25.60 -33.19
CA ASP A 254 -4.94 26.02 -33.26
C ASP A 254 -4.54 27.11 -32.27
N ASP A 255 -5.52 27.69 -31.57
CA ASP A 255 -5.21 28.63 -30.51
C ASP A 255 -4.66 27.88 -29.30
N LEU A 256 -4.66 26.55 -29.36
CA LEU A 256 -4.17 25.70 -28.29
C LEU A 256 -2.72 25.23 -28.46
N TYR A 257 -2.06 25.70 -29.51
CA TYR A 257 -0.67 25.33 -29.75
C TYR A 257 -0.01 26.24 -30.79
N ILE A 258 1.32 26.15 -30.86
CA ILE A 258 2.09 26.79 -31.90
C ILE A 258 2.47 25.77 -32.97
N LYS A 259 2.10 26.05 -34.22
CA LYS A 259 2.39 25.18 -35.38
C LYS A 259 3.80 24.61 -35.32
N GLY A 260 3.94 23.34 -35.72
CA GLY A 260 5.25 22.72 -35.83
C GLY A 260 5.85 22.91 -37.22
N SER A 261 6.86 22.11 -37.56
CA SER A 261 7.50 22.19 -38.88
C SER A 261 8.45 21.02 -39.10
N GLY A 262 8.63 20.62 -40.36
CA GLY A 262 9.44 19.45 -40.66
C GLY A 262 8.74 18.19 -40.19
N SER A 263 9.26 17.57 -39.14
CA SER A 263 8.63 16.37 -38.58
C SER A 263 7.43 16.70 -37.65
N THR A 264 7.53 17.79 -36.89
CA THR A 264 6.44 18.27 -36.04
C THR A 264 5.38 19.08 -36.81
N ALA A 265 5.44 19.05 -38.13
CA ALA A 265 4.48 19.81 -38.94
C ALA A 265 3.07 19.27 -38.78
N ASN A 266 2.95 17.94 -38.88
CA ASN A 266 1.66 17.28 -38.79
C ASN A 266 1.37 16.75 -37.41
N LEU A 267 0.34 17.31 -36.77
CA LEU A 267 -0.10 16.89 -35.45
C LEU A 267 -0.30 15.38 -35.35
N ALA A 268 0.41 14.75 -34.42
CA ALA A 268 0.16 13.36 -34.15
C ALA A 268 -1.22 13.25 -33.49
N SER A 269 -1.83 12.07 -33.56
CA SER A 269 -3.12 11.84 -32.91
C SER A 269 -3.04 12.25 -31.46
N SER A 270 -4.00 13.05 -31.00
CA SER A 270 -4.13 13.38 -29.59
C SER A 270 -5.43 12.81 -29.06
N ASN A 271 -5.83 11.70 -29.67
CA ASN A 271 -6.91 10.84 -29.19
C ASN A 271 -6.34 9.78 -28.27
N TYR A 272 -5.99 10.18 -27.05
CA TYR A 272 -5.36 9.28 -26.09
C TYR A 272 -6.35 8.34 -25.44
N PHE A 273 -5.88 7.13 -25.13
CA PHE A 273 -6.57 6.21 -24.23
C PHE A 273 -5.55 5.51 -23.32
N PRO A 274 -5.95 5.25 -22.06
CA PRO A 274 -5.08 4.51 -21.15
C PRO A 274 -5.42 3.03 -21.17
N THR A 275 -4.47 2.26 -20.66
CA THR A 275 -4.64 0.85 -20.49
C THR A 275 -4.96 0.67 -19.04
N PRO A 276 -6.08 -0.01 -18.74
CA PRO A 276 -6.43 -0.18 -17.34
C PRO A 276 -5.57 -1.24 -16.67
N SER A 277 -5.43 -1.12 -15.37
CA SER A 277 -4.94 -2.22 -14.54
C SER A 277 -5.76 -2.16 -13.27
N GLY A 278 -6.38 -3.28 -12.92
CA GLY A 278 -6.93 -3.49 -11.59
C GLY A 278 -5.79 -4.22 -10.93
N SER A 279 -5.44 -3.86 -9.72
CA SER A 279 -4.10 -4.22 -9.24
C SER A 279 -3.99 -5.64 -8.69
N MET A 280 -3.35 -5.79 -7.54
CA MET A 280 -3.27 -7.05 -6.81
C MET A 280 -4.64 -7.46 -6.24
N VAL A 281 -4.86 -8.76 -6.10
CA VAL A 281 -6.08 -9.32 -5.52
C VAL A 281 -5.69 -10.00 -4.24
N THR A 282 -6.55 -9.92 -3.24
CA THR A 282 -6.16 -10.31 -1.90
C THR A 282 -7.32 -10.91 -1.15
N SER A 283 -7.03 -11.88 -0.29
CA SER A 283 -8.05 -12.51 0.52
C SER A 283 -8.68 -11.46 1.42
N ASP A 284 -7.83 -10.62 2.00
CA ASP A 284 -8.27 -9.65 2.98
C ASP A 284 -9.35 -8.73 2.43
N ALA A 285 -9.33 -8.43 1.15
CA ALA A 285 -10.30 -7.52 0.57
C ALA A 285 -11.60 -8.20 0.11
N GLN A 286 -11.79 -9.46 0.50
CA GLN A 286 -12.89 -10.25 -0.05
C GLN A 286 -14.24 -9.87 0.48
N ILE A 287 -15.24 -10.07 -0.35
CA ILE A 287 -16.57 -9.63 -0.04
C ILE A 287 -17.45 -10.86 0.04
N PHE A 288 -16.89 -11.98 -0.38
CA PHE A 288 -17.64 -13.23 -0.47
C PHE A 288 -17.18 -14.22 0.57
N ASN A 289 -17.89 -15.34 0.68
CA ASN A 289 -17.65 -16.33 1.71
C ASN A 289 -17.73 -15.71 3.12
N LYS A 290 -18.57 -14.67 3.22
CA LYS A 290 -18.95 -14.00 4.46
C LYS A 290 -20.45 -13.95 4.41
N PRO A 291 -21.11 -14.12 5.56
CA PRO A 291 -22.56 -13.97 5.66
C PRO A 291 -23.02 -12.53 5.67
N TYR A 292 -24.06 -12.23 4.92
CA TYR A 292 -24.68 -10.91 4.97
C TYR A 292 -25.96 -11.02 5.80
N TRP A 293 -26.04 -10.24 6.87
CA TRP A 293 -27.28 -10.22 7.60
C TRP A 293 -28.09 -8.99 7.23
N LEU A 294 -29.09 -9.18 6.39
CA LEU A 294 -29.96 -8.10 6.00
C LEU A 294 -31.00 -7.86 7.08
N GLN A 295 -30.64 -7.19 8.16
CA GLN A 295 -31.62 -6.98 9.21
C GLN A 295 -32.37 -5.67 9.02
N ARG A 296 -31.65 -4.60 8.73
CA ARG A 296 -32.26 -3.28 8.58
C ARG A 296 -31.96 -2.73 7.20
N ALA A 297 -32.92 -2.77 6.28
CA ALA A 297 -32.69 -2.19 4.96
C ALA A 297 -32.82 -0.65 4.97
N GLN A 298 -31.98 0.01 4.18
CA GLN A 298 -32.02 1.45 4.11
C GLN A 298 -33.34 1.86 3.45
N GLY A 299 -33.87 0.99 2.60
CA GLY A 299 -35.14 1.22 1.93
C GLY A 299 -36.37 0.74 2.68
N HIS A 300 -37.52 0.85 2.02
CA HIS A 300 -38.80 0.55 2.64
C HIS A 300 -39.13 -0.92 2.55
N ASN A 301 -38.67 -1.58 1.49
CA ASN A 301 -38.77 -3.03 1.43
C ASN A 301 -37.66 -3.66 2.27
N ASN A 302 -38.01 -4.06 3.49
CA ASN A 302 -37.03 -4.66 4.37
C ASN A 302 -36.78 -6.15 4.08
N GLY A 303 -36.41 -6.45 2.84
CA GLY A 303 -36.05 -7.81 2.48
C GLY A 303 -37.24 -8.73 2.30
N ILE A 304 -38.42 -8.16 2.05
CA ILE A 304 -39.57 -8.99 1.75
C ILE A 304 -39.42 -9.46 0.32
N CYS A 305 -39.50 -10.77 0.11
CA CYS A 305 -39.40 -11.32 -1.22
C CYS A 305 -40.75 -11.42 -1.88
N TRP A 306 -41.32 -10.30 -2.30
CA TRP A 306 -42.61 -10.33 -2.98
C TRP A 306 -42.59 -11.26 -4.19
N GLY A 307 -43.60 -12.11 -4.30
CA GLY A 307 -43.73 -13.00 -5.43
C GLY A 307 -42.94 -14.28 -5.28
N ASN A 308 -42.49 -14.55 -4.05
CA ASN A 308 -41.68 -15.74 -3.78
C ASN A 308 -40.52 -15.80 -4.76
N GLN A 309 -39.86 -14.64 -4.90
CA GLN A 309 -38.76 -14.39 -5.81
C GLN A 309 -37.65 -13.73 -5.07
N LEU A 310 -36.44 -13.83 -5.59
CA LEU A 310 -35.27 -13.20 -4.98
C LEU A 310 -34.24 -12.96 -6.08
N PHE A 311 -33.63 -11.77 -6.10
CA PHE A 311 -32.60 -11.54 -7.11
C PHE A 311 -31.22 -11.40 -6.48
N VAL A 312 -30.24 -12.12 -7.04
CA VAL A 312 -28.88 -12.00 -6.52
C VAL A 312 -27.91 -11.72 -7.65
N THR A 313 -27.35 -10.52 -7.64
CA THR A 313 -26.41 -10.14 -8.65
C THR A 313 -25.02 -10.15 -8.06
N VAL A 314 -24.07 -10.75 -8.78
CA VAL A 314 -22.68 -10.75 -8.37
C VAL A 314 -21.78 -10.36 -9.53
N VAL A 315 -20.75 -9.57 -9.27
CA VAL A 315 -19.59 -9.56 -10.16
C VAL A 315 -18.39 -9.91 -9.31
N ASP A 316 -17.55 -10.83 -9.77
CA ASP A 316 -16.32 -11.14 -9.06
C ASP A 316 -15.19 -11.37 -10.03
N THR A 317 -14.34 -10.38 -10.16
CA THR A 317 -13.19 -10.52 -11.02
C THR A 317 -11.95 -10.96 -10.25
N THR A 318 -12.10 -11.32 -8.97
CA THR A 318 -10.92 -11.68 -8.18
C THR A 318 -10.51 -13.13 -8.36
N ARG A 319 -11.20 -13.83 -9.26
CA ARG A 319 -10.89 -15.21 -9.62
C ARG A 319 -10.90 -15.39 -11.14
N SER A 320 -10.40 -14.39 -11.85
CA SER A 320 -10.64 -14.32 -13.28
C SER A 320 -9.63 -15.15 -14.09
N THR A 321 -8.85 -15.97 -13.40
CA THR A 321 -7.87 -16.85 -14.02
C THR A 321 -8.44 -17.62 -15.20
N ASN A 322 -7.79 -17.46 -16.35
CA ASN A 322 -8.08 -18.26 -17.54
C ASN A 322 -7.05 -19.40 -17.65
N MET A 323 -7.48 -20.58 -18.07
CA MET A 323 -6.51 -21.65 -18.24
C MET A 323 -6.35 -21.98 -19.71
N SER A 324 -5.13 -21.86 -20.22
CA SER A 324 -4.88 -22.26 -21.59
C SER A 324 -4.60 -23.75 -21.61
N LEU A 325 -5.49 -24.52 -22.21
CA LEU A 325 -5.20 -25.93 -22.39
C LEU A 325 -4.83 -26.16 -23.85
N CYS A 326 -3.90 -27.07 -24.11
CA CYS A 326 -3.58 -27.41 -25.50
C CYS A 326 -3.39 -28.90 -25.71
N ALA A 327 -3.66 -29.34 -26.93
CA ALA A 327 -3.64 -30.76 -27.28
C ALA A 327 -2.74 -31.02 -28.46
N ALA A 328 -2.04 -32.14 -28.39
CA ALA A 328 -1.19 -32.60 -29.47
C ALA A 328 -2.02 -33.07 -30.65
N ILE A 329 -1.54 -32.81 -31.86
CA ILE A 329 -2.16 -33.38 -33.03
C ILE A 329 -1.46 -34.70 -33.30
N SER A 330 -0.35 -34.90 -32.60
CA SER A 330 0.39 -36.16 -32.68
C SER A 330 1.34 -36.30 -31.52
N THR A 331 1.37 -37.48 -30.92
CA THR A 331 2.27 -37.77 -29.80
C THR A 331 3.45 -38.62 -30.26
N SER A 332 3.94 -38.37 -31.47
CA SER A 332 5.07 -39.12 -32.00
C SER A 332 6.38 -38.35 -31.82
N GLU A 333 6.58 -37.34 -32.66
CA GLU A 333 7.87 -36.65 -32.78
C GLU A 333 8.39 -36.14 -31.43
N THR A 334 9.72 -36.19 -31.31
CA THR A 334 10.42 -35.81 -30.10
C THR A 334 11.06 -34.45 -30.28
N THR A 335 10.41 -33.62 -31.10
CA THR A 335 10.87 -32.27 -31.32
C THR A 335 9.66 -31.35 -31.34
N TYR A 336 9.72 -30.26 -30.59
CA TYR A 336 8.59 -29.35 -30.52
C TYR A 336 8.26 -28.78 -31.88
N LYS A 337 6.96 -28.64 -32.14
CA LYS A 337 6.44 -27.95 -33.31
C LYS A 337 5.20 -27.18 -32.90
N ASN A 338 5.11 -25.90 -33.27
CA ASN A 338 3.92 -25.12 -32.90
C ASN A 338 2.73 -25.67 -33.66
N THR A 339 3.01 -26.13 -34.88
CA THR A 339 2.03 -26.72 -35.78
C THR A 339 1.43 -27.99 -35.19
N ASN A 340 2.18 -28.62 -34.29
CA ASN A 340 1.80 -29.88 -33.66
C ASN A 340 0.81 -29.72 -32.49
N PHE A 341 0.66 -28.52 -31.95
CA PHE A 341 -0.22 -28.30 -30.79
C PHE A 341 -1.33 -27.29 -31.03
N LYS A 342 -2.58 -27.71 -30.81
CA LYS A 342 -3.72 -26.80 -30.88
C LYS A 342 -3.94 -26.12 -29.53
N GLU A 343 -3.91 -24.79 -29.50
CA GLU A 343 -4.06 -24.05 -28.24
C GLU A 343 -5.45 -23.44 -28.02
N TYR A 344 -6.01 -23.71 -26.85
CA TYR A 344 -7.32 -23.22 -26.47
C TYR A 344 -7.24 -22.34 -25.24
N LEU A 345 -8.38 -21.78 -24.83
CA LEU A 345 -8.53 -21.07 -23.55
C LEU A 345 -9.86 -21.42 -22.91
N ARG A 346 -9.85 -21.61 -21.59
CA ARG A 346 -11.09 -21.88 -20.85
C ARG A 346 -11.13 -21.17 -19.51
N HIS A 347 -12.34 -20.82 -19.10
CA HIS A 347 -12.53 -20.24 -17.79
C HIS A 347 -13.57 -21.01 -16.99
N GLY A 348 -13.32 -21.16 -15.68
CA GLY A 348 -14.27 -21.83 -14.81
C GLY A 348 -14.71 -20.96 -13.65
N GLU A 349 -16.02 -20.93 -13.40
CA GLU A 349 -16.57 -20.17 -12.29
C GLU A 349 -17.34 -21.08 -11.33
N GLU A 350 -17.20 -20.86 -10.03
CA GLU A 350 -17.87 -21.72 -9.07
C GLU A 350 -18.59 -20.96 -7.94
N TYR A 351 -19.91 -21.04 -7.94
CA TYR A 351 -20.75 -20.44 -6.92
C TYR A 351 -21.39 -21.48 -5.99
N ASP A 352 -21.71 -21.06 -4.77
CA ASP A 352 -22.55 -21.82 -3.85
C ASP A 352 -23.40 -20.85 -3.02
N LEU A 353 -24.63 -20.61 -3.44
CA LEU A 353 -25.48 -19.65 -2.76
C LEU A 353 -26.22 -20.27 -1.57
N GLN A 354 -26.25 -19.57 -0.44
CA GLN A 354 -26.96 -20.03 0.76
C GLN A 354 -27.80 -18.89 1.37
N PHE A 355 -28.93 -19.24 2.01
CA PHE A 355 -29.90 -18.23 2.44
C PHE A 355 -30.59 -18.60 3.75
N ILE A 356 -30.89 -17.61 4.57
CA ILE A 356 -31.77 -17.85 5.71
C ILE A 356 -33.06 -17.06 5.50
N PHE A 357 -34.19 -17.76 5.44
CA PHE A 357 -35.48 -17.11 5.18
C PHE A 357 -36.37 -17.13 6.40
N GLN A 358 -37.02 -16.02 6.69
CA GLN A 358 -37.90 -15.94 7.83
C GLN A 358 -39.36 -15.76 7.39
N LEU A 359 -40.23 -16.67 7.85
CA LEU A 359 -41.64 -16.62 7.49
C LEU A 359 -42.31 -15.35 8.05
N CYS A 360 -43.15 -14.74 7.23
CA CYS A 360 -43.85 -13.50 7.58
C CYS A 360 -45.31 -13.62 7.24
N LYS A 361 -46.18 -12.88 7.93
CA LYS A 361 -47.63 -12.94 7.65
C LYS A 361 -48.24 -11.55 7.50
N ILE A 362 -49.20 -11.44 6.58
CA ILE A 362 -49.91 -10.20 6.27
C ILE A 362 -51.39 -10.32 6.52
N THR A 363 -51.96 -9.42 7.32
CA THR A 363 -53.41 -9.46 7.56
C THR A 363 -54.14 -8.61 6.54
N LEU A 364 -54.86 -9.27 5.64
CA LEU A 364 -55.45 -8.59 4.47
C LEU A 364 -56.59 -7.63 4.76
N THR A 365 -56.35 -6.59 5.56
CA THR A 365 -57.41 -5.62 5.79
C THR A 365 -57.68 -4.80 4.53
N ALA A 366 -58.53 -3.80 4.67
CA ALA A 366 -58.85 -2.95 3.55
C ALA A 366 -57.65 -2.07 3.16
N ASP A 367 -57.06 -1.41 4.15
CA ASP A 367 -55.97 -0.47 3.89
C ASP A 367 -54.75 -1.18 3.38
N VAL A 368 -54.54 -2.39 3.87
CA VAL A 368 -53.36 -3.15 3.48
C VAL A 368 -53.57 -3.64 2.06
N MET A 369 -54.81 -3.99 1.75
CA MET A 369 -55.10 -4.45 0.39
C MET A 369 -55.04 -3.27 -0.56
N THR A 370 -55.46 -2.10 -0.10
CA THR A 370 -55.38 -0.89 -0.94
C THR A 370 -53.92 -0.54 -1.24
N TYR A 371 -53.08 -0.67 -0.21
CA TYR A 371 -51.68 -0.34 -0.32
C TYR A 371 -50.91 -1.32 -1.21
N ILE A 372 -51.09 -2.63 -0.98
CA ILE A 372 -50.37 -3.63 -1.79
C ILE A 372 -50.83 -3.55 -3.24
N HIS A 373 -52.14 -3.42 -3.47
CA HIS A 373 -52.67 -3.37 -4.83
C HIS A 373 -52.04 -2.24 -5.65
N SER A 374 -51.89 -1.07 -5.02
CA SER A 374 -51.19 0.04 -5.67
C SER A 374 -49.71 -0.31 -5.92
N MET A 375 -49.05 -0.82 -4.88
CA MET A 375 -47.60 -1.12 -4.91
C MET A 375 -47.24 -2.10 -6.02
N ASN A 376 -47.90 -3.24 -6.02
CA ASN A 376 -47.71 -4.24 -7.05
C ASN A 376 -48.91 -5.15 -7.09
N SER A 377 -49.88 -4.81 -7.96
CA SER A 377 -51.15 -5.54 -8.04
C SER A 377 -51.01 -7.06 -8.12
N THR A 378 -49.92 -7.55 -8.71
CA THR A 378 -49.76 -8.98 -8.94
C THR A 378 -49.67 -9.79 -7.66
N ILE A 379 -49.47 -9.12 -6.53
CA ILE A 379 -49.32 -9.81 -5.27
C ILE A 379 -50.66 -10.39 -4.82
N LEU A 380 -51.70 -9.55 -4.81
CA LEU A 380 -53.03 -10.02 -4.40
C LEU A 380 -53.63 -10.98 -5.41
N GLU A 381 -53.26 -10.83 -6.68
CA GLU A 381 -53.82 -11.66 -7.73
C GLU A 381 -53.17 -13.03 -7.72
N ASP A 382 -52.03 -13.13 -7.06
CA ASP A 382 -51.33 -14.41 -6.97
C ASP A 382 -51.69 -15.11 -5.68
N TRP A 383 -52.07 -14.33 -4.67
CA TRP A 383 -52.38 -14.85 -3.34
C TRP A 383 -53.75 -15.50 -3.25
N ASN A 384 -54.37 -15.67 -4.41
CA ASN A 384 -55.58 -16.46 -4.54
C ASN A 384 -55.90 -16.60 -6.01
N GLY A 385 -54.86 -16.72 -6.82
CA GLY A 385 -55.05 -16.93 -8.25
C GLY A 385 -55.86 -18.19 -8.45
N GLY A 386 -57.06 -18.03 -9.03
CA GLY A 386 -57.92 -19.16 -9.37
C GLY A 386 -57.26 -20.00 -10.46
N GLY A 387 -56.25 -19.37 -11.07
CA GLY A 387 -55.20 -20.04 -11.81
C GLY A 387 -53.97 -19.32 -11.27
N SER A 388 -53.40 -18.47 -12.12
CA SER A 388 -52.29 -17.55 -11.81
C SER A 388 -51.71 -17.05 -13.13
N GLY A 389 -52.26 -17.56 -14.23
CA GLY A 389 -51.82 -17.25 -15.58
C GLY A 389 -50.34 -17.50 -15.79
N ALA A 390 -49.76 -18.30 -14.90
CA ALA A 390 -48.36 -18.73 -14.85
C ALA A 390 -47.35 -18.11 -15.84
N GLU A 391 -47.53 -16.85 -16.24
CA GLU A 391 -46.67 -16.29 -17.30
C GLU A 391 -45.71 -15.19 -16.87
N ASP A 392 -44.43 -15.57 -16.85
CA ASP A 392 -43.29 -14.70 -16.53
C ASP A 392 -43.32 -13.32 -17.21
N PRO A 393 -43.49 -12.25 -16.39
CA PRO A 393 -43.43 -10.86 -16.88
C PRO A 393 -42.02 -10.42 -17.28
N LEU A 394 -41.01 -11.23 -16.98
CA LEU A 394 -39.64 -10.95 -17.38
C LEU A 394 -39.08 -12.04 -18.30
N LYS A 395 -39.87 -12.43 -19.28
CA LYS A 395 -39.49 -13.49 -20.22
C LYS A 395 -38.32 -13.09 -21.12
N LYS A 396 -38.40 -11.88 -21.66
CA LYS A 396 -37.39 -11.32 -22.56
C LYS A 396 -35.97 -11.32 -21.97
N TYR A 397 -35.86 -11.09 -20.66
CA TYR A 397 -34.56 -11.02 -20.00
C TYR A 397 -34.07 -12.41 -19.61
N THR A 398 -32.77 -12.64 -19.67
CA THR A 398 -32.24 -13.94 -19.29
C THR A 398 -31.41 -13.85 -18.00
N PHE A 399 -31.73 -14.77 -17.08
CA PHE A 399 -31.00 -14.90 -15.83
C PHE A 399 -30.53 -16.31 -15.65
N TRP A 400 -29.61 -16.50 -14.69
CA TRP A 400 -29.31 -17.84 -14.23
C TRP A 400 -30.47 -18.25 -13.32
N GLU A 401 -31.26 -19.22 -13.79
CA GLU A 401 -32.43 -19.67 -13.04
C GLU A 401 -32.05 -20.65 -11.95
N VAL A 402 -32.38 -20.29 -10.71
CA VAL A 402 -32.11 -21.09 -9.52
C VAL A 402 -33.40 -21.56 -8.87
N ASN A 403 -33.62 -22.87 -8.83
CA ASN A 403 -34.85 -23.39 -8.24
C ASN A 403 -34.66 -23.89 -6.83
N LEU A 404 -35.25 -23.18 -5.86
CA LEU A 404 -35.12 -23.53 -4.45
C LEU A 404 -36.40 -24.10 -3.83
N LYS A 405 -37.40 -24.40 -4.64
CA LYS A 405 -38.69 -24.88 -4.10
C LYS A 405 -38.58 -26.20 -3.31
N GLU A 406 -37.54 -26.98 -3.55
CA GLU A 406 -37.30 -28.21 -2.79
C GLU A 406 -36.01 -28.18 -2.00
N LYS A 407 -35.58 -27.01 -1.58
CA LYS A 407 -34.30 -26.85 -0.93
C LYS A 407 -34.43 -26.17 0.44
N PHE A 408 -35.66 -25.85 0.82
CA PHE A 408 -35.91 -25.29 2.13
C PHE A 408 -35.85 -26.36 3.20
N SER A 409 -35.02 -26.14 4.22
CA SER A 409 -35.01 -27.01 5.39
C SER A 409 -35.23 -26.23 6.70
N ALA A 410 -36.00 -26.81 7.63
CA ALA A 410 -36.18 -26.19 8.94
C ALA A 410 -35.01 -26.45 9.90
N ASP A 411 -34.12 -27.38 9.57
CA ASP A 411 -33.00 -27.67 10.48
C ASP A 411 -31.80 -26.77 10.26
N LEU A 412 -31.88 -25.53 10.74
CA LEU A 412 -30.83 -24.54 10.56
C LEU A 412 -29.47 -25.11 10.98
N ASP A 413 -29.45 -25.61 12.21
CA ASP A 413 -28.46 -26.51 12.76
C ASP A 413 -27.55 -27.26 11.78
N GLN A 414 -28.16 -27.84 10.74
CA GLN A 414 -27.46 -28.76 9.86
C GLN A 414 -26.75 -28.10 8.67
N PHE A 415 -26.64 -26.78 8.68
CA PHE A 415 -25.95 -26.06 7.60
C PHE A 415 -25.00 -25.01 8.13
N PRO A 416 -23.96 -24.68 7.36
CA PRO A 416 -23.03 -23.68 7.86
C PRO A 416 -23.69 -22.32 8.10
N LEU A 417 -24.56 -21.89 7.18
CA LEU A 417 -25.15 -20.58 7.26
C LEU A 417 -26.12 -20.55 8.42
N GLY A 418 -26.89 -21.62 8.56
CA GLY A 418 -27.85 -21.69 9.65
C GLY A 418 -27.17 -21.62 11.00
N ARG A 419 -26.05 -22.30 11.09
CA ARG A 419 -25.27 -22.33 12.30
C ARG A 419 -24.81 -20.92 12.63
N LYS A 420 -24.26 -20.23 11.62
CA LYS A 420 -23.77 -18.87 11.80
C LYS A 420 -24.88 -17.94 12.24
N PHE A 421 -26.07 -18.20 11.69
CA PHE A 421 -27.23 -17.35 11.91
C PHE A 421 -27.74 -17.47 13.34
N LEU A 422 -27.96 -18.69 13.82
CA LEU A 422 -28.46 -18.90 15.18
C LEU A 422 -27.56 -18.18 16.19
N LEU A 423 -26.26 -18.32 15.99
CA LEU A 423 -25.27 -17.64 16.81
C LEU A 423 -25.33 -16.12 16.67
N GLN A 424 -25.47 -15.63 15.45
CA GLN A 424 -25.63 -14.20 15.23
C GLN A 424 -26.95 -13.67 15.81
N ALA A 425 -28.04 -14.39 15.57
CA ALA A 425 -29.36 -13.97 16.02
C ALA A 425 -29.62 -14.24 17.51
N GLY A 426 -28.81 -15.11 18.11
CA GLY A 426 -28.93 -15.40 19.52
C GLY A 426 -30.07 -16.33 19.82
N LEU A 427 -30.27 -17.31 18.94
CA LEU A 427 -31.34 -18.30 19.07
C LEU A 427 -30.77 -19.70 19.36
N ALA B 1 -30.12 -36.88 12.56
CA ALA B 1 -29.66 -35.52 12.78
C ALA B 1 -28.21 -35.51 13.30
N VAL B 2 -27.40 -34.56 12.82
CA VAL B 2 -26.05 -34.44 13.35
C VAL B 2 -26.01 -33.44 14.50
N VAL B 3 -25.30 -33.78 15.57
CA VAL B 3 -25.20 -32.85 16.68
C VAL B 3 -23.77 -32.51 17.05
N SER B 4 -23.64 -31.35 17.70
CA SER B 4 -22.35 -30.87 18.15
C SER B 4 -21.73 -31.87 19.08
N THR B 5 -20.42 -32.03 18.99
CA THR B 5 -19.71 -32.95 19.87
C THR B 5 -19.81 -32.52 21.33
N ASP B 6 -20.20 -31.26 21.56
CA ASP B 6 -20.36 -30.76 22.93
C ASP B 6 -21.48 -31.49 23.65
N GLU B 7 -22.34 -32.18 22.92
CA GLU B 7 -23.50 -32.84 23.51
C GLU B 7 -23.13 -34.17 24.13
N TYR B 8 -22.31 -34.96 23.42
CA TYR B 8 -21.94 -36.32 23.86
C TYR B 8 -20.47 -36.52 24.22
N VAL B 9 -19.64 -35.48 24.09
CA VAL B 9 -18.25 -35.60 24.52
C VAL B 9 -17.94 -34.73 25.75
N ALA B 10 -17.65 -35.38 26.86
CA ALA B 10 -17.50 -34.71 28.15
C ALA B 10 -16.10 -34.17 28.34
N ARG B 11 -16.00 -32.93 28.79
CA ARG B 11 -14.69 -32.33 28.96
C ARG B 11 -14.16 -32.56 30.38
N THR B 12 -12.90 -32.97 30.47
CA THR B 12 -12.27 -33.07 31.76
C THR B 12 -11.35 -31.90 31.98
N ASN B 13 -10.67 -31.92 33.12
CA ASN B 13 -9.82 -30.82 33.51
C ASN B 13 -8.38 -31.02 33.10
N ILE B 14 -8.10 -32.18 32.52
CA ILE B 14 -6.74 -32.57 32.21
C ILE B 14 -6.31 -31.95 30.91
N TYR B 15 -5.10 -31.38 30.89
CA TYR B 15 -4.54 -30.77 29.69
C TYR B 15 -3.11 -31.23 29.50
N TYR B 16 -2.81 -31.70 28.30
CA TYR B 16 -1.47 -32.11 27.93
C TYR B 16 -0.92 -31.25 26.77
N HIS B 17 0.40 -31.08 26.74
CA HIS B 17 1.10 -30.41 25.64
C HIS B 17 1.84 -31.43 24.82
N ALA B 18 2.04 -31.16 23.54
CA ALA B 18 2.78 -32.09 22.69
C ALA B 18 3.42 -31.33 21.53
N GLY B 19 4.58 -31.78 21.08
CA GLY B 19 5.27 -31.08 20.02
C GLY B 19 6.31 -31.87 19.29
N THR B 20 6.24 -31.80 17.96
CA THR B 20 7.33 -32.24 17.09
C THR B 20 8.58 -31.48 17.48
N SER B 21 9.73 -32.17 17.52
CA SER B 21 10.99 -31.54 17.90
C SER B 21 11.23 -30.27 17.08
N ARG B 22 11.64 -30.47 15.84
CA ARG B 22 11.96 -29.44 14.87
C ARG B 22 12.03 -30.18 13.55
N LEU B 23 11.04 -30.00 12.68
CA LEU B 23 10.99 -30.78 11.45
C LEU B 23 11.74 -30.04 10.36
N LEU B 24 12.47 -30.75 9.52
CA LEU B 24 13.36 -30.12 8.57
C LEU B 24 13.35 -30.83 7.22
N ALA B 25 13.20 -30.07 6.15
CA ALA B 25 13.10 -30.66 4.80
C ALA B 25 13.99 -29.91 3.81
N VAL B 26 14.94 -30.61 3.20
CA VAL B 26 15.87 -30.00 2.26
C VAL B 26 15.83 -30.75 0.94
N GLY B 27 15.82 -30.02 -0.17
CA GLY B 27 15.78 -30.66 -1.47
C GLY B 27 15.88 -29.73 -2.65
N HIS B 28 15.41 -30.18 -3.80
CA HIS B 28 15.45 -29.36 -4.98
C HIS B 28 14.10 -28.67 -5.18
N PRO B 29 14.09 -27.36 -5.43
CA PRO B 29 12.88 -26.56 -5.58
C PRO B 29 11.94 -27.03 -6.70
N TYR B 30 12.50 -27.60 -7.76
CA TYR B 30 11.78 -27.79 -9.02
C TYR B 30 11.43 -29.24 -9.34
N PHE B 31 12.33 -30.16 -8.99
CA PHE B 31 12.14 -31.55 -9.34
C PHE B 31 13.02 -32.45 -8.47
N PRO B 32 12.66 -33.74 -8.36
CA PRO B 32 13.54 -34.59 -7.57
C PRO B 32 14.74 -34.99 -8.37
N ILE B 33 15.89 -35.11 -7.69
CA ILE B 33 17.07 -35.64 -8.31
C ILE B 33 17.13 -37.14 -8.10
N LYS B 34 17.12 -37.90 -9.19
CA LYS B 34 17.29 -39.35 -9.10
C LYS B 34 18.46 -39.80 -9.94
N LYS B 35 18.88 -41.05 -9.76
CA LYS B 35 20.15 -41.52 -10.31
C LYS B 35 20.03 -42.24 -11.66
N PRO B 36 19.78 -41.48 -12.75
CA PRO B 36 19.22 -41.94 -14.02
C PRO B 36 18.78 -43.40 -13.98
N ASN B 37 19.40 -44.27 -14.79
CA ASN B 37 19.20 -45.75 -14.78
C ASN B 37 18.17 -46.31 -13.80
N ASN B 38 18.45 -46.10 -12.51
CA ASN B 38 17.51 -46.37 -11.44
C ASN B 38 16.20 -45.56 -11.54
N ASN B 39 15.59 -45.30 -10.38
CA ASN B 39 14.48 -44.36 -10.27
C ASN B 39 14.33 -43.93 -8.82
N LYS B 40 15.15 -44.51 -7.95
CA LYS B 40 15.12 -44.14 -6.55
C LYS B 40 15.50 -42.68 -6.37
N ILE B 41 14.69 -41.97 -5.58
CA ILE B 41 14.91 -40.56 -5.32
C ILE B 41 16.14 -40.34 -4.46
N LEU B 42 17.13 -39.67 -5.05
CA LEU B 42 18.37 -39.32 -4.36
C LEU B 42 18.23 -38.01 -3.59
N VAL B 43 17.63 -37.02 -4.24
CA VAL B 43 17.30 -35.74 -3.62
C VAL B 43 15.83 -35.44 -3.88
N PRO B 44 15.06 -35.17 -2.83
CA PRO B 44 13.62 -34.96 -3.06
C PRO B 44 13.23 -33.52 -3.44
N LYS B 45 12.04 -33.40 -4.00
CA LYS B 45 11.54 -32.11 -4.45
C LYS B 45 10.95 -31.41 -3.24
N VAL B 46 11.70 -30.45 -2.69
CA VAL B 46 11.20 -29.67 -1.56
C VAL B 46 11.04 -28.20 -1.96
N SER B 47 9.82 -27.67 -1.87
CA SER B 47 9.52 -26.35 -2.39
C SER B 47 8.51 -25.58 -1.53
N GLY B 48 8.63 -24.25 -1.50
CA GLY B 48 7.75 -23.44 -0.70
C GLY B 48 6.34 -23.44 -1.26
N LEU B 49 6.20 -24.00 -2.45
CA LEU B 49 4.93 -24.02 -3.11
C LEU B 49 4.29 -25.38 -2.97
N GLN B 50 4.76 -26.13 -2.00
CA GLN B 50 4.15 -27.41 -1.73
C GLN B 50 3.21 -27.33 -0.54
N TYR B 51 2.12 -28.11 -0.61
CA TYR B 51 1.34 -28.45 0.57
C TYR B 51 2.20 -29.28 1.51
N ARG B 52 2.11 -28.98 2.80
CA ARG B 52 2.63 -29.86 3.84
C ARG B 52 1.46 -30.41 4.61
N VAL B 53 1.21 -31.70 4.45
CA VAL B 53 0.09 -32.34 5.12
C VAL B 53 0.60 -33.29 6.19
N PHE B 54 0.47 -32.83 7.44
CA PHE B 54 0.95 -33.55 8.62
C PHE B 54 -0.12 -34.42 9.20
N ARG B 55 0.17 -35.72 9.23
CA ARG B 55 -0.69 -36.71 9.86
C ARG B 55 -0.15 -36.92 11.27
N ILE B 56 -0.83 -36.34 12.25
CA ILE B 56 -0.35 -36.31 13.64
C ILE B 56 -0.90 -37.47 14.44
N HIS B 57 -0.03 -38.39 14.84
CA HIS B 57 -0.51 -39.54 15.59
C HIS B 57 -0.44 -39.26 17.07
N LEU B 58 -1.57 -39.44 17.73
CA LEU B 58 -1.65 -39.26 19.17
C LEU B 58 -1.61 -40.60 19.90
N PRO B 59 -1.21 -40.57 21.16
CA PRO B 59 -1.32 -41.80 21.95
C PRO B 59 -2.78 -42.08 22.27
N ASP B 60 -3.19 -43.34 22.26
CA ASP B 60 -4.57 -43.70 22.64
C ASP B 60 -4.75 -43.46 24.12
N PRO B 61 -5.60 -42.49 24.48
CA PRO B 61 -5.80 -42.17 25.91
C PRO B 61 -6.30 -43.36 26.74
N ASN B 62 -6.96 -44.33 26.11
CA ASN B 62 -7.41 -45.55 26.80
C ASN B 62 -6.27 -46.53 27.04
N LYS B 63 -5.19 -46.33 26.30
CA LYS B 63 -3.99 -47.17 26.45
C LYS B 63 -2.88 -46.39 27.18
N PHE B 64 -3.01 -45.07 27.17
CA PHE B 64 -2.11 -44.15 27.88
C PHE B 64 -2.00 -44.43 29.37
N GLY B 65 -0.96 -43.91 29.99
CA GLY B 65 -0.67 -44.23 31.37
C GLY B 65 -0.75 -43.05 32.32
N PHE B 66 -1.97 -42.68 32.69
CA PHE B 66 -2.17 -41.55 33.59
C PHE B 66 -1.84 -41.91 35.04
N PRO B 67 -1.38 -40.92 35.82
CA PRO B 67 -1.12 -41.08 37.26
C PRO B 67 -2.40 -41.34 38.04
N ASP B 68 -3.47 -40.65 37.66
CA ASP B 68 -4.76 -40.79 38.31
C ASP B 68 -5.80 -41.15 37.26
N THR B 69 -6.66 -42.12 37.58
CA THR B 69 -7.70 -42.59 36.66
C THR B 69 -9.11 -42.52 37.27
N SER B 70 -9.21 -41.93 38.45
CA SER B 70 -10.49 -41.85 39.14
C SER B 70 -11.42 -40.83 38.48
N PHE B 71 -10.92 -40.12 37.46
CA PHE B 71 -11.75 -39.13 36.78
C PHE B 71 -12.72 -39.77 35.81
N TYR B 72 -12.55 -41.05 35.50
CA TYR B 72 -13.57 -41.74 34.69
C TYR B 72 -13.73 -43.25 34.96
N ASN B 73 -14.85 -43.79 34.49
CA ASN B 73 -15.17 -45.20 34.61
C ASN B 73 -14.83 -45.97 33.33
N PRO B 74 -13.73 -46.71 33.34
CA PRO B 74 -13.35 -47.43 32.11
C PRO B 74 -14.33 -48.56 31.70
N ASP B 75 -15.34 -48.83 32.50
CA ASP B 75 -16.36 -49.80 32.09
C ASP B 75 -17.42 -49.14 31.22
N THR B 76 -18.00 -48.07 31.74
CA THR B 76 -19.09 -47.43 31.05
C THR B 76 -18.61 -46.47 29.95
N GLN B 77 -17.35 -46.03 30.02
CA GLN B 77 -16.91 -44.97 29.10
C GLN B 77 -15.48 -45.06 28.55
N ARG B 78 -15.22 -44.31 27.49
CA ARG B 78 -13.94 -44.27 26.79
C ARG B 78 -13.38 -42.85 26.77
N LEU B 79 -12.11 -42.72 26.38
CA LEU B 79 -11.46 -41.40 26.31
C LEU B 79 -11.09 -40.97 24.88
N VAL B 80 -11.16 -39.67 24.60
CA VAL B 80 -10.72 -39.09 23.31
C VAL B 80 -9.95 -37.82 23.56
N TRP B 81 -8.92 -37.57 22.76
CA TRP B 81 -8.25 -36.27 22.81
C TRP B 81 -9.02 -35.19 22.04
N ALA B 82 -9.08 -33.98 22.60
CA ALA B 82 -9.59 -32.82 21.88
C ALA B 82 -8.49 -31.82 21.65
N CYS B 83 -8.41 -31.27 20.44
CA CYS B 83 -7.41 -30.24 20.15
C CYS B 83 -7.90 -28.85 20.53
N VAL B 84 -7.16 -28.18 21.40
CA VAL B 84 -7.58 -26.92 21.99
C VAL B 84 -6.68 -25.76 21.55
N GLY B 85 -5.42 -26.07 21.25
CA GLY B 85 -4.50 -25.03 20.83
C GLY B 85 -3.54 -25.59 19.83
N VAL B 86 -3.07 -24.75 18.91
CA VAL B 86 -2.07 -25.14 17.91
C VAL B 86 -1.15 -23.97 17.65
N GLU B 87 0.15 -24.23 17.63
CA GLU B 87 1.11 -23.28 17.10
C GLU B 87 1.89 -23.89 15.95
N VAL B 88 1.70 -23.38 14.74
CA VAL B 88 2.61 -23.74 13.66
C VAL B 88 3.90 -22.90 13.70
N GLY B 89 5.03 -23.52 14.01
CA GLY B 89 6.27 -22.79 14.03
C GLY B 89 6.92 -22.80 12.66
N ARG B 90 7.51 -21.68 12.26
CA ARG B 90 8.22 -21.59 10.98
C ARG B 90 9.57 -20.94 11.20
N GLY B 91 10.53 -21.26 10.35
CA GLY B 91 11.92 -21.14 10.75
C GLY B 91 12.86 -20.28 9.96
N GLN B 92 12.83 -20.38 8.66
CA GLN B 92 13.83 -19.67 7.88
C GLN B 92 13.48 -18.18 7.87
N PRO B 93 14.37 -17.34 7.37
CA PRO B 93 13.93 -15.96 7.13
C PRO B 93 12.83 -15.86 6.06
N LEU B 94 12.02 -14.82 6.17
CA LEU B 94 11.04 -14.50 5.16
C LEU B 94 11.72 -14.31 3.85
N GLY B 95 11.06 -14.66 2.76
CA GLY B 95 11.67 -14.49 1.45
C GLY B 95 10.87 -15.05 0.30
N VAL B 96 11.26 -14.70 -0.93
CA VAL B 96 10.52 -15.17 -2.10
C VAL B 96 11.39 -15.84 -3.13
N GLY B 97 11.08 -17.10 -3.43
CA GLY B 97 11.71 -17.83 -4.51
C GLY B 97 11.20 -17.50 -5.91
N ILE B 98 11.57 -18.35 -6.85
CA ILE B 98 11.40 -18.03 -8.24
C ILE B 98 11.38 -19.35 -9.05
N SER B 99 10.43 -19.49 -9.96
CA SER B 99 10.31 -20.70 -10.79
C SER B 99 10.29 -20.33 -12.25
N GLY B 100 10.69 -21.28 -13.11
CA GLY B 100 10.62 -21.04 -14.53
C GLY B 100 10.72 -22.26 -15.42
N HIS B 101 11.03 -22.00 -16.69
CA HIS B 101 11.15 -23.06 -17.68
C HIS B 101 12.10 -22.59 -18.79
N PRO B 102 13.05 -23.45 -19.20
CA PRO B 102 14.03 -23.12 -20.25
C PRO B 102 13.39 -23.06 -21.62
N LEU B 103 12.19 -23.61 -21.73
CA LEU B 103 11.46 -23.62 -23.00
C LEU B 103 9.98 -23.27 -22.79
N LEU B 104 9.72 -22.22 -22.01
CA LEU B 104 8.35 -21.81 -21.71
C LEU B 104 7.68 -21.26 -22.97
N ASN B 105 6.47 -21.74 -23.25
CA ASN B 105 5.71 -21.25 -24.40
C ASN B 105 5.26 -19.78 -24.29
N LYS B 106 6.12 -18.87 -24.76
CA LYS B 106 5.83 -17.44 -24.76
C LYS B 106 6.15 -16.84 -26.12
N LEU B 107 5.12 -16.54 -26.90
CA LEU B 107 5.34 -15.99 -28.24
C LEU B 107 5.81 -14.53 -28.08
N ASP B 108 4.95 -13.54 -28.23
CA ASP B 108 5.44 -12.19 -28.01
C ASP B 108 4.95 -11.59 -26.69
N ASP B 109 5.66 -10.56 -26.26
CA ASP B 109 5.22 -9.64 -25.24
C ASP B 109 4.02 -8.83 -25.75
N THR B 110 2.83 -9.12 -25.24
CA THR B 110 1.62 -8.44 -25.76
C THR B 110 1.25 -7.16 -24.99
N GLU B 111 2.02 -6.84 -23.95
CA GLU B 111 1.67 -5.77 -23.02
C GLU B 111 1.81 -4.39 -23.67
N ASN B 112 2.70 -4.33 -24.65
CA ASN B 112 3.03 -3.11 -25.37
C ASN B 112 3.82 -3.53 -26.61
N ALA B 113 3.33 -3.20 -27.79
CA ALA B 113 3.97 -3.62 -29.04
C ALA B 113 3.97 -2.47 -30.03
N SER B 114 5.14 -2.16 -30.58
CA SER B 114 5.28 -0.97 -31.44
C SER B 114 5.04 -1.28 -32.93
N ALA B 115 5.23 -2.53 -33.31
CA ALA B 115 4.88 -2.96 -34.65
C ALA B 115 4.32 -4.38 -34.55
N TYR B 116 3.65 -4.83 -35.63
CA TYR B 116 3.05 -6.14 -35.56
C TYR B 116 4.15 -7.17 -35.45
N ALA B 117 4.06 -8.02 -34.42
CA ALA B 117 5.07 -9.05 -34.17
C ALA B 117 5.24 -9.94 -35.39
N ALA B 118 6.36 -10.68 -35.45
CA ALA B 118 6.78 -11.43 -36.63
C ALA B 118 5.83 -12.57 -37.00
N ASN B 119 6.40 -13.74 -37.29
CA ASN B 119 5.60 -14.91 -37.61
C ASN B 119 6.09 -16.10 -36.80
N ALA B 120 5.15 -16.81 -36.18
CA ALA B 120 5.52 -18.01 -35.44
C ALA B 120 6.09 -19.02 -36.43
N GLY B 121 7.38 -19.32 -36.28
CA GLY B 121 8.01 -20.40 -37.00
C GLY B 121 7.96 -21.68 -36.17
N VAL B 122 9.05 -22.44 -36.19
CA VAL B 122 9.15 -23.64 -35.38
C VAL B 122 9.78 -23.29 -34.05
N ASP B 123 9.18 -23.75 -32.96
CA ASP B 123 9.73 -23.54 -31.61
C ASP B 123 10.24 -22.10 -31.31
N ASN B 124 9.35 -21.27 -30.76
CA ASN B 124 9.69 -19.92 -30.35
C ASN B 124 9.74 -19.79 -28.84
N ARG B 125 10.02 -20.90 -28.15
CA ARG B 125 9.93 -20.92 -26.70
C ARG B 125 11.12 -20.22 -26.05
N GLU B 126 10.89 -19.63 -24.87
CA GLU B 126 11.89 -18.80 -24.22
C GLU B 126 12.18 -19.24 -22.79
N CYS B 127 13.36 -18.87 -22.30
CA CYS B 127 13.76 -19.16 -20.94
C CYS B 127 13.22 -18.10 -20.01
N ILE B 128 12.11 -18.39 -19.35
CA ILE B 128 11.37 -17.39 -18.63
C ILE B 128 11.08 -17.84 -17.21
N SER B 129 11.28 -16.95 -16.25
CA SER B 129 10.99 -17.26 -14.87
C SER B 129 9.98 -16.28 -14.31
N MET B 130 9.34 -16.66 -13.22
CA MET B 130 8.33 -15.82 -12.60
C MET B 130 8.40 -15.97 -11.10
N ASP B 131 7.82 -15.02 -10.37
CA ASP B 131 7.68 -15.20 -8.93
C ASP B 131 6.21 -15.47 -8.61
N TYR B 132 5.97 -16.61 -8.01
CA TYR B 132 4.63 -17.19 -7.93
C TYR B 132 3.69 -16.40 -7.03
N LYS B 133 2.40 -16.68 -7.13
CA LYS B 133 1.42 -16.07 -6.25
C LYS B 133 1.70 -16.47 -4.80
N GLN B 134 1.78 -15.48 -3.94
CA GLN B 134 1.97 -15.69 -2.51
C GLN B 134 0.76 -16.35 -1.85
N THR B 135 1.02 -17.41 -1.09
CA THR B 135 -0.05 -18.07 -0.35
C THR B 135 0.38 -18.46 1.05
N GLN B 136 -0.45 -18.17 2.06
CA GLN B 136 -0.31 -18.77 3.40
C GLN B 136 -1.64 -19.40 3.78
N LEU B 137 -1.64 -20.69 4.11
CA LEU B 137 -2.86 -21.30 4.64
C LEU B 137 -2.58 -22.34 5.73
N CYS B 138 -3.54 -22.49 6.63
CA CYS B 138 -3.48 -23.54 7.65
C CYS B 138 -4.84 -24.18 7.86
N LEU B 139 -4.87 -25.50 7.71
CA LEU B 139 -6.07 -26.33 7.80
C LEU B 139 -5.92 -27.35 8.92
N ILE B 140 -6.91 -27.42 9.81
CA ILE B 140 -6.87 -28.40 10.90
C ILE B 140 -8.17 -29.17 11.08
N GLY B 141 -8.09 -30.49 11.03
CA GLY B 141 -9.23 -31.36 11.30
C GLY B 141 -8.75 -32.73 11.69
N CYS B 142 -9.68 -33.69 11.82
CA CYS B 142 -9.28 -35.08 12.10
C CYS B 142 -9.41 -35.99 10.89
N LYS B 143 -9.68 -35.40 9.73
CA LYS B 143 -9.63 -36.13 8.46
C LYS B 143 -8.71 -35.41 7.49
N PRO B 144 -8.18 -36.14 6.50
CA PRO B 144 -7.35 -35.45 5.50
C PRO B 144 -8.08 -34.28 4.85
N PRO B 145 -7.33 -33.26 4.43
CA PRO B 145 -7.93 -32.14 3.70
C PRO B 145 -8.34 -32.54 2.28
N ILE B 146 -9.36 -31.89 1.73
CA ILE B 146 -9.83 -32.25 0.39
C ILE B 146 -9.61 -31.11 -0.58
N GLY B 147 -9.00 -31.42 -1.72
CA GLY B 147 -8.77 -30.42 -2.75
C GLY B 147 -9.69 -30.43 -3.95
N GLU B 148 -9.64 -29.36 -4.73
CA GLU B 148 -10.35 -29.31 -6.00
C GLU B 148 -9.40 -28.83 -7.11
N HIS B 149 -9.59 -29.33 -8.32
CA HIS B 149 -8.78 -28.88 -9.46
C HIS B 149 -9.49 -29.22 -10.77
N TRP B 150 -9.05 -28.62 -11.86
CA TRP B 150 -9.63 -28.98 -13.14
C TRP B 150 -8.75 -30.02 -13.78
N GLY B 151 -9.38 -31.11 -14.22
CA GLY B 151 -8.70 -32.12 -14.99
C GLY B 151 -9.48 -32.42 -16.26
N LYS B 152 -8.96 -33.36 -17.05
CA LYS B 152 -9.62 -33.83 -18.27
C LYS B 152 -10.83 -34.67 -17.92
N GLY B 153 -12.03 -34.18 -18.23
CA GLY B 153 -13.24 -34.93 -17.95
C GLY B 153 -13.33 -36.13 -18.87
N SER B 154 -14.36 -36.95 -18.68
CA SER B 154 -14.64 -38.02 -19.62
C SER B 154 -15.53 -37.50 -20.75
N PRO B 155 -15.27 -37.92 -22.00
CA PRO B 155 -16.10 -37.54 -23.15
C PRO B 155 -17.35 -38.39 -23.16
N CYS B 156 -18.32 -38.10 -24.04
CA CYS B 156 -19.63 -38.74 -23.93
C CYS B 156 -20.00 -39.67 -25.11
N THR B 157 -19.00 -40.42 -25.59
CA THR B 157 -19.14 -41.39 -26.68
C THR B 157 -20.16 -40.97 -27.73
N ASN B 158 -19.89 -39.83 -28.36
CA ASN B 158 -20.67 -39.40 -29.52
C ASN B 158 -19.75 -39.04 -30.68
N VAL B 159 -19.67 -37.72 -30.92
CA VAL B 159 -18.74 -37.15 -31.87
C VAL B 159 -17.34 -37.62 -31.48
N ALA B 160 -16.62 -38.20 -32.44
CA ALA B 160 -15.27 -38.66 -32.19
C ALA B 160 -14.44 -37.46 -31.80
N VAL B 161 -13.41 -37.68 -31.01
CA VAL B 161 -12.43 -36.64 -30.74
C VAL B 161 -11.35 -36.70 -31.82
N ASN B 162 -11.38 -35.72 -32.72
CA ASN B 162 -10.27 -35.52 -33.63
C ASN B 162 -9.03 -35.26 -32.82
N PRO B 163 -7.86 -35.68 -33.32
CA PRO B 163 -6.62 -35.31 -32.63
C PRO B 163 -6.47 -33.79 -32.48
N GLY B 164 -6.15 -33.35 -31.27
CA GLY B 164 -5.90 -31.94 -31.05
C GLY B 164 -7.13 -31.17 -30.65
N ASP B 165 -8.29 -31.81 -30.74
CA ASP B 165 -9.54 -31.24 -30.25
C ASP B 165 -9.38 -30.83 -28.80
N CYS B 166 -10.14 -29.84 -28.36
CA CYS B 166 -9.99 -29.37 -26.97
C CYS B 166 -10.50 -30.38 -25.95
N PRO B 167 -9.67 -30.73 -24.96
CA PRO B 167 -10.13 -31.69 -23.97
C PRO B 167 -11.25 -31.10 -23.10
N PRO B 168 -12.21 -31.95 -22.70
CA PRO B 168 -13.33 -31.54 -21.82
C PRO B 168 -12.90 -31.36 -20.36
N LEU B 169 -13.47 -30.35 -19.69
CA LEU B 169 -13.06 -30.01 -18.32
C LEU B 169 -13.95 -30.63 -17.26
N GLU B 170 -13.36 -31.05 -16.16
CA GLU B 170 -14.15 -31.57 -15.04
C GLU B 170 -13.52 -31.17 -13.70
N LEU B 171 -14.29 -30.54 -12.82
CA LEU B 171 -13.79 -30.21 -11.50
C LEU B 171 -13.70 -31.50 -10.68
N ILE B 172 -12.47 -31.84 -10.30
CA ILE B 172 -12.20 -33.11 -9.64
C ILE B 172 -11.79 -32.89 -8.18
N ASN B 173 -12.49 -33.60 -7.30
CA ASN B 173 -12.17 -33.57 -5.89
C ASN B 173 -11.12 -34.62 -5.59
N THR B 174 -10.30 -34.36 -4.58
CA THR B 174 -9.14 -35.19 -4.36
C THR B 174 -8.74 -35.04 -2.89
N VAL B 175 -8.00 -35.98 -2.34
CA VAL B 175 -7.39 -35.78 -1.04
C VAL B 175 -6.12 -34.96 -1.27
N ILE B 176 -5.88 -33.97 -0.43
CA ILE B 176 -4.64 -33.23 -0.56
C ILE B 176 -3.52 -33.97 0.16
N GLN B 177 -2.53 -34.38 -0.62
CA GLN B 177 -1.41 -35.12 -0.07
C GLN B 177 -0.14 -34.28 0.11
N ASP B 178 0.73 -34.76 1.00
CA ASP B 178 1.97 -34.06 1.31
C ASP B 178 2.86 -34.05 0.11
N GLY B 179 3.10 -32.85 -0.41
CA GLY B 179 4.06 -32.67 -1.47
C GLY B 179 3.36 -32.32 -2.74
N ASP B 180 2.03 -32.30 -2.67
CA ASP B 180 1.23 -31.69 -3.71
C ASP B 180 1.56 -30.21 -3.92
N MET B 181 1.34 -29.73 -5.14
CA MET B 181 1.58 -28.35 -5.50
C MET B 181 0.36 -27.46 -5.32
N VAL B 182 0.60 -26.22 -4.88
CA VAL B 182 -0.44 -25.22 -4.70
C VAL B 182 -0.66 -24.47 -5.98
N ASP B 183 -1.87 -23.97 -6.19
CA ASP B 183 -2.09 -23.04 -7.28
C ASP B 183 -1.07 -21.91 -7.18
N THR B 184 -0.52 -21.51 -8.32
CA THR B 184 0.60 -20.58 -8.32
C THR B 184 0.33 -19.36 -9.17
N GLY B 185 -0.90 -19.23 -9.67
CA GLY B 185 -1.22 -18.13 -10.56
C GLY B 185 -1.77 -18.56 -11.91
N PHE B 186 -1.61 -19.84 -12.24
CA PHE B 186 -2.25 -20.41 -13.42
C PHE B 186 -3.44 -21.28 -13.04
N GLY B 187 -3.99 -21.05 -11.85
CA GLY B 187 -5.16 -21.76 -11.40
C GLY B 187 -4.85 -23.16 -10.93
N ALA B 188 -5.87 -23.81 -10.36
CA ALA B 188 -5.76 -25.16 -9.86
C ALA B 188 -6.16 -26.21 -10.90
N MET B 189 -5.18 -26.84 -11.56
CA MET B 189 -5.47 -27.80 -12.63
C MET B 189 -4.37 -28.85 -12.84
N ASP B 190 -4.72 -29.87 -13.60
CA ASP B 190 -3.80 -30.95 -13.92
C ASP B 190 -3.05 -30.64 -15.23
N PHE B 191 -1.83 -30.11 -15.11
CA PHE B 191 -1.09 -29.65 -16.28
C PHE B 191 -0.52 -30.78 -17.13
N THR B 192 -0.40 -31.96 -16.53
CA THR B 192 0.07 -33.15 -17.22
C THR B 192 -0.95 -33.55 -18.28
N THR B 193 -2.18 -33.71 -17.86
CA THR B 193 -3.23 -34.23 -18.74
C THR B 193 -3.97 -33.13 -19.51
N LEU B 194 -3.72 -31.87 -19.18
CA LEU B 194 -4.44 -30.77 -19.81
C LEU B 194 -3.53 -29.91 -20.71
N GLN B 195 -2.23 -30.18 -20.68
CA GLN B 195 -1.28 -29.42 -21.49
C GLN B 195 -0.23 -30.29 -22.13
N ALA B 196 -0.55 -30.82 -23.30
CA ALA B 196 0.28 -31.80 -23.98
C ALA B 196 1.68 -31.24 -24.22
N ASN B 197 1.68 -29.96 -24.58
CA ASN B 197 2.82 -29.05 -24.65
C ASN B 197 4.05 -29.30 -23.77
N LYS B 198 3.79 -29.57 -22.49
CA LYS B 198 4.80 -29.67 -21.44
C LYS B 198 5.64 -28.41 -21.24
N SER B 199 5.19 -27.28 -21.80
CA SER B 199 5.96 -26.04 -21.75
C SER B 199 5.13 -24.81 -21.42
N GLU B 200 3.92 -25.01 -20.90
CA GLU B 200 3.03 -23.87 -20.68
C GLU B 200 3.34 -23.15 -19.37
N VAL B 201 3.86 -23.90 -18.40
CA VAL B 201 4.08 -23.40 -17.06
C VAL B 201 5.40 -23.98 -16.58
N PRO B 202 6.04 -23.37 -15.55
CA PRO B 202 7.40 -23.73 -15.12
C PRO B 202 7.57 -25.20 -14.67
N LEU B 203 8.80 -25.71 -14.70
CA LEU B 203 9.12 -27.11 -14.35
C LEU B 203 8.48 -27.66 -13.06
N ASP B 204 8.34 -26.84 -12.02
CA ASP B 204 7.85 -27.36 -10.73
C ASP B 204 6.36 -27.63 -10.67
N ILE B 205 5.60 -27.25 -11.69
CA ILE B 205 4.18 -27.59 -11.74
C ILE B 205 3.83 -28.12 -13.13
N CYS B 206 4.88 -28.20 -13.93
CA CYS B 206 4.86 -28.55 -15.33
C CYS B 206 4.26 -29.91 -15.61
N THR B 207 4.50 -30.87 -14.73
CA THR B 207 3.91 -32.19 -14.88
C THR B 207 3.25 -32.57 -13.56
N SER B 208 2.63 -31.59 -12.91
CA SER B 208 1.98 -31.79 -11.63
C SER B 208 0.53 -31.32 -11.67
N ILE B 209 -0.21 -31.63 -10.60
CA ILE B 209 -1.52 -31.03 -10.41
C ILE B 209 -1.42 -29.95 -9.34
N CYS B 210 -1.95 -28.78 -9.65
CA CYS B 210 -2.08 -27.70 -8.69
C CYS B 210 -3.44 -27.80 -8.03
N LYS B 211 -3.46 -27.94 -6.72
CA LYS B 211 -4.74 -28.14 -6.03
C LYS B 211 -5.04 -26.99 -5.08
N TYR B 212 -6.30 -26.59 -5.06
CA TYR B 212 -6.79 -25.53 -4.19
C TYR B 212 -7.78 -26.16 -3.22
N PRO B 213 -7.81 -25.70 -1.96
CA PRO B 213 -8.74 -26.36 -1.04
C PRO B 213 -10.18 -26.14 -1.43
N ASP B 214 -11.02 -27.17 -1.22
CA ASP B 214 -12.45 -27.04 -1.48
C ASP B 214 -13.10 -26.68 -0.17
N TYR B 215 -12.94 -25.41 0.21
CA TYR B 215 -13.45 -24.90 1.47
C TYR B 215 -14.97 -25.08 1.57
N ILE B 216 -15.65 -24.76 0.47
CA ILE B 216 -17.10 -24.91 0.40
C ILE B 216 -17.59 -26.31 0.79
N LYS B 217 -17.00 -27.34 0.15
CA LYS B 217 -17.35 -28.72 0.38
C LYS B 217 -17.02 -29.17 1.81
N MET B 218 -15.78 -28.95 2.25
CA MET B 218 -15.36 -29.35 3.61
C MET B 218 -16.25 -28.72 4.69
N VAL B 219 -16.65 -27.48 4.50
CA VAL B 219 -17.46 -26.80 5.50
C VAL B 219 -18.92 -27.25 5.35
N SER B 220 -19.28 -27.71 4.17
CA SER B 220 -20.61 -28.28 3.95
C SER B 220 -20.72 -29.65 4.58
N GLU B 221 -19.59 -30.32 4.72
CA GLU B 221 -19.53 -31.67 5.23
C GLU B 221 -20.26 -31.79 6.58
N PRO B 222 -21.20 -32.74 6.68
CA PRO B 222 -22.14 -32.87 7.82
C PRO B 222 -21.50 -32.96 9.22
N TYR B 223 -20.56 -33.87 9.45
CA TYR B 223 -19.98 -34.01 10.78
C TYR B 223 -18.83 -33.02 11.05
N GLY B 224 -18.25 -32.47 9.99
CA GLY B 224 -17.31 -31.37 10.11
C GLY B 224 -15.93 -31.80 10.53
N ASP B 225 -15.57 -33.04 10.19
CA ASP B 225 -14.30 -33.65 10.62
C ASP B 225 -13.09 -33.12 9.90
N SER B 226 -13.22 -32.86 8.60
CA SER B 226 -12.01 -32.65 7.79
C SER B 226 -11.37 -31.30 8.10
N LEU B 227 -12.18 -30.31 8.47
CA LEU B 227 -11.58 -29.09 8.98
C LEU B 227 -12.48 -28.41 10.03
N PHE B 228 -11.94 -28.22 11.23
CA PHE B 228 -12.69 -27.47 12.23
C PHE B 228 -12.06 -26.12 12.49
N PHE B 229 -11.10 -25.77 11.66
CA PHE B 229 -10.41 -24.51 11.79
C PHE B 229 -9.58 -24.28 10.54
N TYR B 230 -9.54 -23.04 10.05
CA TYR B 230 -8.64 -22.73 8.95
C TYR B 230 -8.27 -21.25 8.91
N LEU B 231 -7.15 -20.95 8.25
CA LEU B 231 -6.78 -19.56 7.97
C LEU B 231 -6.23 -19.50 6.57
N ARG B 232 -6.70 -18.55 5.76
CA ARG B 232 -6.20 -18.45 4.39
C ARG B 232 -5.83 -17.02 4.04
N ARG B 233 -4.75 -16.91 3.30
CA ARG B 233 -4.26 -15.61 2.85
C ARG B 233 -3.53 -15.79 1.53
N GLU B 234 -4.16 -15.34 0.45
CA GLU B 234 -3.61 -15.47 -0.89
C GLU B 234 -3.67 -14.11 -1.61
N GLN B 235 -2.59 -13.77 -2.33
CA GLN B 235 -2.50 -12.54 -3.11
C GLN B 235 -1.66 -12.69 -4.39
N MET B 236 -2.03 -11.95 -5.42
CA MET B 236 -1.42 -12.13 -6.72
C MET B 236 -1.72 -10.94 -7.63
N PHE B 237 -0.77 -10.57 -8.49
CA PHE B 237 -1.07 -9.59 -9.54
C PHE B 237 -0.36 -9.89 -10.85
N VAL B 238 -0.80 -9.19 -11.90
CA VAL B 238 -0.26 -9.45 -13.22
C VAL B 238 1.03 -8.69 -13.44
N ARG B 239 2.13 -9.42 -13.41
CA ARG B 239 3.42 -8.83 -13.66
C ARG B 239 3.61 -8.57 -15.17
N HIS B 240 3.55 -9.61 -15.99
CA HIS B 240 3.70 -9.47 -17.46
C HIS B 240 2.50 -9.98 -18.25
N LEU B 241 2.41 -9.61 -19.53
CA LEU B 241 1.29 -10.02 -20.36
C LEU B 241 1.74 -10.63 -21.70
N PHE B 242 1.67 -11.96 -21.79
CA PHE B 242 2.28 -12.69 -22.89
C PHE B 242 1.32 -13.36 -23.86
N ASN B 243 1.92 -13.95 -24.89
CA ASN B 243 1.25 -14.68 -25.95
C ASN B 243 1.56 -16.16 -25.90
N ARG B 244 0.69 -16.99 -26.47
CA ARG B 244 1.04 -18.39 -26.66
C ARG B 244 1.25 -18.75 -28.13
N ALA B 245 2.39 -19.38 -28.41
CA ALA B 245 2.61 -19.98 -29.72
C ALA B 245 1.90 -21.32 -29.73
N GLY B 246 1.61 -21.80 -30.93
CA GLY B 246 0.83 -23.00 -31.13
C GLY B 246 -0.16 -22.67 -32.22
N THR B 247 -0.90 -23.63 -32.71
CA THR B 247 -1.90 -23.31 -33.72
C THR B 247 -3.27 -23.04 -33.11
N VAL B 248 -4.01 -22.17 -33.78
CA VAL B 248 -5.34 -21.80 -33.33
C VAL B 248 -6.26 -23.01 -33.16
N GLY B 249 -6.63 -23.30 -31.93
CA GLY B 249 -7.57 -24.36 -31.61
C GLY B 249 -8.99 -23.93 -31.95
N GLU B 250 -9.34 -22.73 -31.50
CA GLU B 250 -10.61 -22.13 -31.86
C GLU B 250 -10.38 -20.74 -32.45
N ASN B 251 -10.80 -20.57 -33.69
CA ASN B 251 -10.57 -19.34 -34.42
C ASN B 251 -11.38 -18.18 -33.88
N VAL B 252 -10.82 -16.99 -34.03
CA VAL B 252 -11.49 -15.78 -33.60
C VAL B 252 -12.66 -15.48 -34.54
N PRO B 253 -13.89 -15.49 -34.02
CA PRO B 253 -15.05 -15.14 -34.83
C PRO B 253 -14.85 -13.83 -35.56
N ASP B 254 -15.11 -13.80 -36.87
CA ASP B 254 -14.78 -12.65 -37.68
C ASP B 254 -15.84 -11.55 -37.63
N ASP B 255 -16.77 -11.68 -36.69
CA ASP B 255 -17.74 -10.62 -36.40
C ASP B 255 -17.24 -9.72 -35.24
N LEU B 256 -16.11 -10.09 -34.66
CA LEU B 256 -15.50 -9.34 -33.58
C LEU B 256 -14.41 -8.36 -34.06
N TYR B 257 -14.04 -8.44 -35.33
CA TYR B 257 -12.90 -7.67 -35.83
C TYR B 257 -12.99 -7.41 -37.32
N ILE B 258 -12.30 -6.36 -37.76
CA ILE B 258 -12.24 -6.00 -39.17
C ILE B 258 -10.94 -6.51 -39.81
N LYS B 259 -11.06 -7.33 -40.88
CA LYS B 259 -9.92 -7.99 -41.52
C LYS B 259 -8.77 -7.02 -41.77
N GLY B 260 -7.55 -7.47 -41.48
CA GLY B 260 -6.38 -6.65 -41.71
C GLY B 260 -5.90 -6.65 -43.15
N SER B 261 -4.63 -6.29 -43.34
CA SER B 261 -3.97 -6.32 -44.65
C SER B 261 -2.45 -6.26 -44.51
N GLY B 262 -1.75 -6.98 -45.37
CA GLY B 262 -0.31 -7.01 -45.32
C GLY B 262 0.15 -7.70 -44.06
N SER B 263 0.83 -6.97 -43.18
CA SER B 263 1.29 -7.56 -41.93
C SER B 263 0.11 -7.99 -41.05
N THR B 264 -0.96 -7.19 -41.07
CA THR B 264 -2.12 -7.44 -40.21
C THR B 264 -3.15 -8.36 -40.88
N ALA B 265 -2.80 -8.86 -42.05
CA ALA B 265 -3.66 -9.81 -42.76
C ALA B 265 -3.89 -11.04 -41.89
N ASN B 266 -2.81 -11.52 -41.27
CA ASN B 266 -2.85 -12.69 -40.41
C ASN B 266 -2.95 -12.33 -38.94
N LEU B 267 -3.98 -12.83 -38.27
CA LEU B 267 -4.18 -12.58 -36.84
C LEU B 267 -3.06 -13.16 -35.99
N ALA B 268 -2.48 -12.32 -35.14
CA ALA B 268 -1.56 -12.80 -34.12
C ALA B 268 -2.33 -13.62 -33.11
N SER B 269 -1.65 -14.61 -32.52
CA SER B 269 -2.20 -15.42 -31.45
C SER B 269 -2.88 -14.57 -30.39
N SER B 270 -4.16 -14.80 -30.16
CA SER B 270 -4.89 -14.11 -29.09
C SER B 270 -5.18 -15.06 -27.93
N ASN B 271 -4.37 -16.12 -27.86
CA ASN B 271 -4.28 -16.97 -26.68
C ASN B 271 -3.44 -16.34 -25.57
N TYR B 272 -3.95 -15.29 -24.94
CA TYR B 272 -3.18 -14.55 -23.93
C TYR B 272 -3.04 -15.33 -22.63
N PHE B 273 -1.86 -15.20 -22.00
CA PHE B 273 -1.63 -15.69 -20.63
C PHE B 273 -0.77 -14.70 -19.87
N PRO B 274 -1.13 -14.44 -18.61
CA PRO B 274 -0.38 -13.49 -17.81
C PRO B 274 0.69 -14.15 -16.95
N THR B 275 1.54 -13.32 -16.38
CA THR B 275 2.61 -13.74 -15.49
C THR B 275 2.21 -13.35 -14.09
N PRO B 276 2.05 -14.34 -13.21
CA PRO B 276 1.60 -14.05 -11.85
C PRO B 276 2.71 -13.39 -11.04
N SER B 277 2.35 -12.64 -10.01
CA SER B 277 3.34 -12.14 -9.05
C SER B 277 2.73 -12.02 -7.68
N GLY B 278 3.22 -12.82 -6.75
CA GLY B 278 2.87 -12.66 -5.34
C GLY B 278 3.81 -11.58 -4.90
N SER B 279 3.27 -10.51 -4.35
CA SER B 279 4.01 -9.27 -4.19
C SER B 279 5.08 -9.34 -3.12
N MET B 280 5.19 -8.26 -2.36
CA MET B 280 6.08 -8.20 -1.21
C MET B 280 5.61 -9.18 -0.14
N VAL B 281 6.55 -9.75 0.61
CA VAL B 281 6.23 -10.55 1.79
C VAL B 281 6.69 -9.80 3.01
N THR B 282 5.95 -9.92 4.11
CA THR B 282 6.10 -9.06 5.29
C THR B 282 5.76 -9.75 6.61
N SER B 283 6.50 -9.41 7.66
CA SER B 283 6.22 -9.90 9.01
C SER B 283 4.79 -9.66 9.44
N ASP B 284 4.34 -8.43 9.33
CA ASP B 284 3.04 -8.05 9.84
C ASP B 284 1.91 -8.97 9.34
N ALA B 285 2.05 -9.51 8.14
CA ALA B 285 0.97 -10.29 7.56
C ALA B 285 1.12 -11.80 7.79
N GLN B 286 1.95 -12.19 8.74
CA GLN B 286 2.22 -13.60 8.99
C GLN B 286 1.08 -14.29 9.70
N ILE B 287 0.76 -15.47 9.22
CA ILE B 287 -0.29 -16.32 9.75
C ILE B 287 0.29 -17.23 10.82
N PHE B 288 1.62 -17.41 10.78
CA PHE B 288 2.29 -18.43 11.59
C PHE B 288 2.99 -17.90 12.84
N ASN B 289 3.64 -18.79 13.58
CA ASN B 289 4.27 -18.47 14.86
C ASN B 289 3.36 -17.69 15.80
N LYS B 290 2.06 -17.87 15.60
CA LYS B 290 1.00 -17.35 16.46
C LYS B 290 0.14 -18.53 16.88
N PRO B 291 -0.34 -18.55 18.14
CA PRO B 291 -1.22 -19.65 18.58
C PRO B 291 -2.63 -19.51 18.07
N TYR B 292 -3.23 -20.60 17.61
CA TYR B 292 -4.68 -20.60 17.35
C TYR B 292 -5.41 -21.38 18.45
N TRP B 293 -6.39 -20.74 19.08
CA TRP B 293 -7.17 -21.41 20.11
C TRP B 293 -8.49 -21.95 19.55
N LEU B 294 -8.64 -23.28 19.55
CA LEU B 294 -9.76 -23.93 18.88
C LEU B 294 -10.87 -24.23 19.86
N GLN B 295 -11.41 -23.18 20.46
CA GLN B 295 -12.41 -23.33 21.51
C GLN B 295 -13.82 -23.60 20.96
N ARG B 296 -14.17 -22.90 19.88
CA ARG B 296 -15.55 -22.86 19.40
C ARG B 296 -15.53 -23.05 17.89
N ALA B 297 -15.76 -24.25 17.43
CA ALA B 297 -15.66 -24.50 15.99
C ALA B 297 -16.95 -24.13 15.26
N GLN B 298 -16.83 -23.91 13.96
CA GLN B 298 -17.99 -23.57 13.12
C GLN B 298 -18.81 -24.81 12.78
N GLY B 299 -18.18 -25.99 12.88
CA GLY B 299 -18.84 -27.25 12.58
C GLY B 299 -19.21 -28.02 13.82
N HIS B 300 -19.84 -29.17 13.64
CA HIS B 300 -20.31 -29.97 14.75
C HIS B 300 -19.20 -30.73 15.45
N ASN B 301 -18.04 -30.81 14.84
CA ASN B 301 -16.91 -31.43 15.51
C ASN B 301 -16.02 -30.35 16.11
N ASN B 302 -16.09 -30.25 17.44
CA ASN B 302 -15.38 -29.21 18.13
C ASN B 302 -13.98 -29.65 18.51
N GLY B 303 -13.20 -30.06 17.52
CA GLY B 303 -11.80 -30.37 17.75
C GLY B 303 -11.57 -31.72 18.43
N ILE B 304 -12.52 -32.63 18.28
CA ILE B 304 -12.38 -33.97 18.79
C ILE B 304 -11.53 -34.74 17.83
N CYS B 305 -10.51 -35.41 18.35
CA CYS B 305 -9.55 -36.13 17.51
C CYS B 305 -9.83 -37.61 17.43
N TRP B 306 -10.98 -37.94 16.84
CA TRP B 306 -11.38 -39.32 16.57
C TRP B 306 -10.23 -40.10 15.94
N GLY B 307 -10.06 -41.34 16.38
CA GLY B 307 -8.98 -42.15 15.85
C GLY B 307 -7.63 -41.86 16.50
N ASN B 308 -7.64 -40.90 17.41
CA ASN B 308 -6.41 -40.35 17.99
C ASN B 308 -5.46 -39.86 16.90
N GLN B 309 -6.06 -39.34 15.83
CA GLN B 309 -5.37 -38.70 14.73
C GLN B 309 -5.66 -37.21 14.75
N LEU B 310 -4.82 -36.45 14.06
CA LEU B 310 -4.98 -35.02 13.90
C LEU B 310 -4.33 -34.62 12.58
N PHE B 311 -5.06 -33.95 11.68
CA PHE B 311 -4.47 -33.50 10.41
C PHE B 311 -4.18 -32.02 10.42
N VAL B 312 -2.94 -31.65 10.09
CA VAL B 312 -2.53 -30.24 9.95
C VAL B 312 -1.93 -30.01 8.58
N THR B 313 -2.65 -29.27 7.75
CA THR B 313 -2.19 -28.92 6.41
C THR B 313 -1.68 -27.48 6.34
N VAL B 314 -0.52 -27.28 5.72
CA VAL B 314 0.05 -25.94 5.63
C VAL B 314 0.61 -25.65 4.24
N VAL B 315 0.35 -24.44 3.76
CA VAL B 315 1.12 -23.86 2.67
C VAL B 315 1.71 -22.57 3.21
N ASP B 316 3.01 -22.38 3.01
CA ASP B 316 3.67 -21.13 3.35
C ASP B 316 4.67 -20.72 2.28
N THR B 317 4.30 -19.80 1.39
CA THR B 317 5.25 -19.34 0.35
C THR B 317 6.03 -18.09 0.75
N THR B 318 5.91 -17.68 2.01
CA THR B 318 6.57 -16.46 2.43
C THR B 318 8.01 -16.71 2.91
N ARG B 319 8.50 -17.92 2.64
CA ARG B 319 9.85 -18.35 2.95
C ARG B 319 10.40 -19.24 1.83
N SER B 320 10.09 -18.89 0.58
CA SER B 320 10.38 -19.78 -0.56
C SER B 320 11.73 -19.51 -1.22
N THR B 321 12.57 -18.73 -0.53
CA THR B 321 13.97 -18.60 -0.86
C THR B 321 14.60 -19.93 -1.30
N ASN B 322 15.04 -19.97 -2.55
CA ASN B 322 15.94 -21.03 -2.99
C ASN B 322 17.34 -20.51 -2.94
N MET B 323 18.28 -21.38 -2.60
CA MET B 323 19.66 -20.96 -2.51
C MET B 323 20.49 -21.70 -3.53
N SER B 324 21.26 -20.95 -4.33
CA SER B 324 22.20 -21.58 -5.22
C SER B 324 23.50 -21.86 -4.49
N LEU B 325 24.01 -23.07 -4.67
CA LEU B 325 25.33 -23.40 -4.16
C LEU B 325 26.11 -24.08 -5.26
N CYS B 326 27.36 -23.68 -5.43
CA CYS B 326 28.15 -24.18 -6.55
C CYS B 326 29.57 -24.58 -6.10
N ALA B 327 30.06 -25.65 -6.71
CA ALA B 327 31.31 -26.27 -6.29
C ALA B 327 32.34 -26.21 -7.43
N ALA B 328 33.58 -25.87 -7.08
CA ALA B 328 34.62 -25.72 -8.08
C ALA B 328 35.10 -27.09 -8.51
N ILE B 329 35.26 -27.24 -9.82
CA ILE B 329 35.71 -28.49 -10.39
C ILE B 329 37.21 -28.60 -10.13
N SER B 330 37.89 -27.45 -10.15
CA SER B 330 39.30 -27.36 -9.83
C SER B 330 39.51 -26.17 -8.91
N THR B 331 40.51 -26.25 -8.04
CA THR B 331 40.80 -25.14 -7.15
C THR B 331 42.06 -24.38 -7.58
N SER B 332 42.46 -24.50 -8.85
CA SER B 332 43.73 -23.97 -9.34
C SER B 332 43.67 -22.58 -9.97
N GLU B 333 43.26 -22.54 -11.24
CA GLU B 333 43.41 -21.35 -12.09
C GLU B 333 42.74 -20.13 -11.48
N THR B 334 43.46 -19.01 -11.53
CA THR B 334 42.99 -17.75 -10.98
C THR B 334 42.25 -16.95 -12.03
N THR B 335 41.65 -17.64 -12.98
CA THR B 335 40.74 -17.00 -13.93
C THR B 335 39.39 -17.70 -13.88
N TYR B 336 38.34 -16.93 -13.71
CA TYR B 336 37.01 -17.49 -13.68
C TYR B 336 36.75 -18.17 -15.02
N LYS B 337 36.25 -19.41 -14.98
CA LYS B 337 35.71 -20.09 -16.15
C LYS B 337 34.39 -20.75 -15.79
N ASN B 338 33.34 -20.49 -16.57
CA ASN B 338 32.04 -21.09 -16.27
C ASN B 338 32.09 -22.62 -16.29
N THR B 339 33.09 -23.16 -16.97
CA THR B 339 33.26 -24.62 -17.10
C THR B 339 33.83 -25.22 -15.81
N ASN B 340 34.36 -24.34 -14.97
CA ASN B 340 35.02 -24.71 -13.72
C ASN B 340 34.06 -24.92 -12.54
N PHE B 341 32.81 -24.49 -12.71
CA PHE B 341 31.82 -24.51 -11.63
C PHE B 341 30.49 -25.19 -12.02
N LYS B 342 30.11 -26.22 -11.26
CA LYS B 342 28.80 -26.85 -11.44
C LYS B 342 27.76 -26.20 -10.52
N GLU B 343 26.70 -25.64 -11.11
CA GLU B 343 25.70 -24.90 -10.34
C GLU B 343 24.55 -25.79 -9.94
N TYR B 344 24.05 -25.59 -8.73
CA TYR B 344 22.90 -26.32 -8.25
C TYR B 344 21.90 -25.38 -7.57
N LEU B 345 20.73 -25.93 -7.26
CA LEU B 345 19.71 -25.20 -6.52
C LEU B 345 19.18 -26.04 -5.38
N ARG B 346 19.14 -25.48 -4.17
CA ARG B 346 18.51 -26.15 -3.02
C ARG B 346 17.54 -25.23 -2.31
N HIS B 347 16.57 -25.85 -1.62
CA HIS B 347 15.60 -25.16 -0.76
C HIS B 347 15.47 -25.86 0.59
N GLY B 348 15.23 -25.08 1.63
CA GLY B 348 15.16 -25.62 2.97
C GLY B 348 13.89 -25.16 3.62
N GLU B 349 13.23 -26.06 4.34
CA GLU B 349 12.02 -25.71 5.02
C GLU B 349 12.10 -26.21 6.44
N GLU B 350 11.66 -25.38 7.39
CA GLU B 350 11.76 -25.66 8.81
C GLU B 350 10.41 -25.49 9.49
N TYR B 351 9.96 -26.53 10.18
CA TYR B 351 8.68 -26.52 10.87
C TYR B 351 8.87 -26.87 12.32
N ASP B 352 7.89 -26.53 13.13
CA ASP B 352 7.85 -26.97 14.51
C ASP B 352 6.43 -26.88 15.07
N LEU B 353 5.77 -28.04 15.20
CA LEU B 353 4.34 -28.07 15.53
C LEU B 353 4.14 -28.29 17.03
N GLN B 354 3.25 -27.50 17.61
CA GLN B 354 2.98 -27.57 19.05
C GLN B 354 1.50 -27.55 19.31
N PHE B 355 1.05 -28.37 20.25
CA PHE B 355 -0.36 -28.53 20.49
C PHE B 355 -0.69 -28.52 21.97
N ILE B 356 -1.89 -28.07 22.28
CA ILE B 356 -2.48 -28.29 23.59
C ILE B 356 -3.63 -29.25 23.40
N PHE B 357 -3.71 -30.28 24.24
CA PHE B 357 -4.83 -31.22 24.11
C PHE B 357 -5.63 -31.34 25.39
N GLN B 358 -6.95 -31.28 25.28
CA GLN B 358 -7.82 -31.53 26.42
C GLN B 358 -8.26 -32.99 26.44
N LEU B 359 -8.22 -33.63 27.60
CA LEU B 359 -8.75 -34.99 27.72
C LEU B 359 -10.29 -34.98 27.77
N CYS B 360 -10.91 -35.97 27.14
CA CYS B 360 -12.37 -36.09 27.15
C CYS B 360 -12.84 -37.51 27.40
N LYS B 361 -14.13 -37.66 27.70
CA LYS B 361 -14.70 -38.96 28.03
C LYS B 361 -16.09 -39.12 27.39
N ILE B 362 -16.37 -40.31 26.88
CA ILE B 362 -17.65 -40.60 26.29
C ILE B 362 -18.30 -41.77 26.98
N THR B 363 -19.46 -41.57 27.59
CA THR B 363 -20.20 -42.68 28.16
C THR B 363 -20.88 -43.49 27.05
N LEU B 364 -20.53 -44.78 26.93
CA LEU B 364 -21.05 -45.63 25.86
C LEU B 364 -22.47 -46.12 26.07
N THR B 365 -23.41 -45.17 26.04
CA THR B 365 -24.83 -45.45 26.13
C THR B 365 -25.35 -46.04 24.84
N ALA B 366 -26.57 -46.55 24.87
CA ALA B 366 -27.20 -47.06 23.67
C ALA B 366 -27.19 -45.99 22.56
N ASP B 367 -27.62 -44.78 22.90
CA ASP B 367 -27.75 -43.75 21.89
C ASP B 367 -26.40 -43.25 21.42
N VAL B 368 -25.46 -43.13 22.35
CA VAL B 368 -24.15 -42.68 21.95
C VAL B 368 -23.53 -43.72 21.00
N MET B 369 -23.72 -45.00 21.33
CA MET B 369 -23.17 -46.08 20.51
C MET B 369 -23.82 -46.17 19.15
N THR B 370 -25.11 -45.87 19.05
CA THR B 370 -25.74 -45.81 17.73
C THR B 370 -25.18 -44.63 16.92
N TYR B 371 -25.09 -43.47 17.56
CA TYR B 371 -24.64 -42.26 16.89
C TYR B 371 -23.21 -42.41 16.38
N ILE B 372 -22.28 -42.66 17.29
CA ILE B 372 -20.89 -42.80 16.89
C ILE B 372 -20.75 -43.91 15.80
N HIS B 373 -21.55 -44.97 15.89
CA HIS B 373 -21.51 -46.03 14.88
C HIS B 373 -21.84 -45.54 13.47
N SER B 374 -22.83 -44.66 13.36
CA SER B 374 -23.29 -44.19 12.06
C SER B 374 -22.30 -43.20 11.49
N MET B 375 -21.68 -42.47 12.40
CA MET B 375 -20.75 -41.42 12.02
C MET B 375 -19.52 -42.01 11.39
N ASN B 376 -19.04 -43.09 12.01
CA ASN B 376 -17.80 -43.74 11.63
C ASN B 376 -17.63 -45.04 12.40
N SER B 377 -18.11 -46.12 11.82
CA SER B 377 -18.03 -47.46 12.41
C SER B 377 -16.71 -47.85 13.08
N THR B 378 -15.61 -47.21 12.70
CA THR B 378 -14.30 -47.65 13.15
C THR B 378 -14.03 -47.18 14.59
N ILE B 379 -14.68 -46.09 15.00
CA ILE B 379 -14.43 -45.49 16.31
C ILE B 379 -14.67 -46.49 17.45
N LEU B 380 -15.88 -47.06 17.53
CA LEU B 380 -16.16 -48.09 18.55
C LEU B 380 -15.27 -49.31 18.39
N GLU B 381 -15.08 -49.75 17.15
CA GLU B 381 -14.30 -50.96 16.92
C GLU B 381 -12.89 -50.85 17.41
N ASP B 382 -12.30 -49.66 17.32
CA ASP B 382 -10.92 -49.47 17.77
C ASP B 382 -10.89 -49.23 19.28
N TRP B 383 -12.04 -48.99 19.89
CA TRP B 383 -12.12 -48.88 21.34
C TRP B 383 -12.27 -50.27 21.88
N ASN B 384 -12.46 -50.40 23.20
CA ASN B 384 -12.44 -51.69 23.91
C ASN B 384 -12.10 -52.93 23.07
N GLY B 385 -12.90 -53.16 22.02
CA GLY B 385 -12.67 -54.24 21.08
C GLY B 385 -11.22 -54.28 20.63
N GLY B 386 -10.73 -53.19 20.06
CA GLY B 386 -9.36 -53.11 19.58
C GLY B 386 -9.17 -54.08 18.43
N GLY B 387 -9.02 -55.35 18.78
CA GLY B 387 -9.07 -56.45 17.84
C GLY B 387 -8.11 -56.39 16.66
N SER B 388 -6.95 -57.04 16.82
CA SER B 388 -5.91 -57.13 15.79
C SER B 388 -5.33 -55.76 15.40
N GLY B 389 -4.65 -55.72 14.25
CA GLY B 389 -3.90 -54.54 13.83
C GLY B 389 -4.68 -53.27 13.51
N ALA B 390 -5.90 -53.41 13.00
CA ALA B 390 -6.73 -52.27 12.57
C ALA B 390 -6.03 -51.45 11.48
N GLU B 391 -5.94 -52.04 10.29
CA GLU B 391 -5.21 -51.51 9.12
C GLU B 391 -5.46 -50.03 8.77
N ASP B 392 -4.40 -49.36 8.31
CA ASP B 392 -4.48 -47.98 7.81
C ASP B 392 -5.45 -47.86 6.63
N PRO B 393 -6.55 -47.13 6.83
CA PRO B 393 -7.58 -46.86 5.82
C PRO B 393 -7.12 -45.85 4.75
N LEU B 394 -5.96 -45.24 4.96
CA LEU B 394 -5.43 -44.24 4.04
C LEU B 394 -4.03 -44.57 3.51
N LYS B 395 -3.77 -45.86 3.22
CA LYS B 395 -2.42 -46.31 2.84
C LYS B 395 -2.03 -45.88 1.43
N LYS B 396 -3.03 -45.44 0.68
CA LYS B 396 -2.82 -44.93 -0.67
C LYS B 396 -2.20 -43.53 -0.64
N TYR B 397 -2.67 -42.69 0.27
CA TYR B 397 -2.24 -41.30 0.34
C TYR B 397 -0.98 -41.15 1.16
N THR B 398 -0.09 -40.24 0.75
CA THR B 398 1.14 -40.05 1.49
C THR B 398 1.14 -38.72 2.25
N PHE B 399 1.47 -38.81 3.53
CA PHE B 399 1.54 -37.66 4.39
C PHE B 399 2.89 -37.62 5.07
N TRP B 400 3.36 -36.42 5.39
CA TRP B 400 4.43 -36.28 6.37
C TRP B 400 3.89 -36.85 7.67
N GLU B 401 4.43 -38.00 8.03
CA GLU B 401 4.04 -38.73 9.22
C GLU B 401 4.73 -38.18 10.47
N VAL B 402 3.92 -37.86 11.47
CA VAL B 402 4.42 -37.29 12.71
C VAL B 402 3.95 -38.10 13.91
N ASN B 403 4.90 -38.53 14.74
CA ASN B 403 4.52 -39.31 15.91
C ASN B 403 4.63 -38.56 17.22
N LEU B 404 3.49 -38.34 17.87
CA LEU B 404 3.47 -37.63 19.15
C LEU B 404 3.18 -38.54 20.37
N LYS B 405 3.37 -39.85 20.24
CA LYS B 405 3.05 -40.76 21.34
C LYS B 405 3.91 -40.55 22.60
N GLU B 406 5.17 -40.18 22.40
CA GLU B 406 6.08 -39.96 23.52
C GLU B 406 6.23 -38.48 23.91
N LYS B 407 5.61 -37.59 23.15
CA LYS B 407 5.81 -36.15 23.35
C LYS B 407 4.74 -35.47 24.23
N PHE B 408 3.85 -36.24 24.81
CA PHE B 408 2.83 -35.64 25.68
C PHE B 408 3.41 -35.29 27.04
N SER B 409 3.07 -34.10 27.53
CA SER B 409 3.46 -33.69 28.87
C SER B 409 2.32 -33.02 29.59
N ALA B 410 2.16 -33.31 30.88
CA ALA B 410 1.09 -32.70 31.65
C ALA B 410 1.57 -31.39 32.25
N ASP B 411 2.86 -31.10 32.12
CA ASP B 411 3.43 -29.83 32.59
C ASP B 411 3.43 -28.79 31.47
N LEU B 412 2.29 -28.15 31.26
CA LEU B 412 2.20 -27.19 30.18
C LEU B 412 3.20 -26.08 30.41
N ASP B 413 3.35 -25.73 31.68
CA ASP B 413 4.32 -24.75 32.19
C ASP B 413 5.62 -24.70 31.38
N GLN B 414 6.18 -25.89 31.15
CA GLN B 414 7.53 -26.08 30.64
C GLN B 414 7.66 -25.85 29.13
N PHE B 415 6.60 -25.37 28.53
CA PHE B 415 6.58 -25.17 27.08
C PHE B 415 5.97 -23.81 26.77
N PRO B 416 6.48 -23.15 25.71
CA PRO B 416 5.94 -21.87 25.24
C PRO B 416 4.43 -21.89 24.91
N LEU B 417 3.94 -22.86 24.15
CA LEU B 417 2.51 -22.92 23.84
C LEU B 417 1.73 -23.15 25.12
N GLY B 418 2.33 -23.91 26.03
CA GLY B 418 1.71 -24.20 27.31
C GLY B 418 1.60 -22.96 28.17
N ARG B 419 2.68 -22.18 28.21
CA ARG B 419 2.66 -20.92 28.94
C ARG B 419 1.57 -20.01 28.38
N LYS B 420 1.58 -19.80 27.07
CA LYS B 420 0.56 -18.98 26.44
C LYS B 420 -0.84 -19.42 26.83
N PHE B 421 -1.06 -20.73 26.87
CA PHE B 421 -2.38 -21.30 27.12
C PHE B 421 -2.84 -21.06 28.56
N LEU B 422 -1.93 -21.20 29.50
CA LEU B 422 -2.27 -20.95 30.89
C LEU B 422 -2.55 -19.47 31.06
N LEU B 423 -1.72 -18.65 30.42
CA LEU B 423 -1.96 -17.21 30.44
C LEU B 423 -3.27 -16.82 29.77
N GLN B 424 -3.63 -17.53 28.71
CA GLN B 424 -4.90 -17.27 28.02
C GLN B 424 -6.04 -17.69 28.92
N ALA B 425 -5.78 -18.64 29.82
CA ALA B 425 -6.77 -19.06 30.81
C ALA B 425 -6.76 -18.12 32.02
N GLY B 426 -6.32 -16.89 31.78
CA GLY B 426 -6.48 -15.80 32.71
C GLY B 426 -7.69 -14.99 32.24
N LEU B 427 -8.85 -15.63 32.33
CA LEU B 427 -10.13 -15.02 32.01
C LEU B 427 -11.12 -15.23 33.18
N ALA C 1 11.95 -29.34 37.41
CA ALA C 1 11.04 -28.42 36.75
C ALA C 1 11.52 -26.97 36.87
N VAL C 2 11.30 -26.19 35.82
CA VAL C 2 11.66 -24.78 35.75
C VAL C 2 10.52 -23.90 36.26
N VAL C 3 10.87 -22.80 36.94
CA VAL C 3 9.86 -21.91 37.53
C VAL C 3 10.12 -20.46 37.19
N SER C 4 9.05 -19.69 37.06
CA SER C 4 9.13 -18.24 36.84
C SER C 4 10.01 -17.59 37.89
N THR C 5 10.78 -16.58 37.49
CA THR C 5 11.64 -15.86 38.45
C THR C 5 10.80 -15.10 39.47
N ASP C 6 9.54 -14.85 39.13
CA ASP C 6 8.58 -14.22 40.03
C ASP C 6 8.48 -14.99 41.33
N GLU C 7 8.85 -16.27 41.29
CA GLU C 7 8.74 -17.17 42.44
C GLU C 7 9.85 -16.96 43.49
N TYR C 8 11.08 -16.74 43.02
CA TYR C 8 12.20 -16.61 43.96
C TYR C 8 12.97 -15.30 43.80
N VAL C 9 12.48 -14.39 42.97
CA VAL C 9 13.11 -13.08 42.88
C VAL C 9 12.16 -12.01 43.39
N ALA C 10 12.45 -11.46 44.56
CA ALA C 10 11.58 -10.44 45.16
C ALA C 10 11.85 -9.07 44.55
N ARG C 11 10.79 -8.32 44.34
CA ARG C 11 10.90 -7.04 43.68
C ARG C 11 10.95 -5.93 44.70
N THR C 12 12.01 -5.11 44.66
CA THR C 12 12.09 -3.93 45.51
C THR C 12 11.50 -2.73 44.81
N ASN C 13 11.63 -1.57 45.44
CA ASN C 13 11.01 -0.37 44.94
C ASN C 13 12.02 0.57 44.29
N ILE C 14 13.26 0.11 44.16
CA ILE C 14 14.34 0.95 43.66
C ILE C 14 14.54 0.81 42.18
N TYR C 15 14.52 1.94 41.48
CA TYR C 15 14.70 1.97 40.03
C TYR C 15 15.89 2.85 39.62
N TYR C 16 16.76 2.32 38.79
CA TYR C 16 17.91 3.07 38.30
C TYR C 16 17.84 3.19 36.78
N HIS C 17 18.25 4.34 36.27
CA HIS C 17 18.35 4.57 34.83
C HIS C 17 19.79 4.46 34.42
N ALA C 18 20.02 3.91 33.24
CA ALA C 18 21.37 3.75 32.71
C ALA C 18 21.34 3.96 31.21
N GLY C 19 22.35 4.66 30.70
CA GLY C 19 22.44 4.93 29.28
C GLY C 19 23.85 5.11 28.76
N THR C 20 24.07 4.64 27.54
CA THR C 20 25.32 4.90 26.84
C THR C 20 25.32 6.36 26.43
N SER C 21 26.49 6.93 26.19
CA SER C 21 26.52 8.35 25.85
C SER C 21 25.81 8.60 24.52
N ARG C 22 26.38 7.98 23.47
CA ARG C 22 25.95 8.07 22.08
C ARG C 22 26.95 7.27 21.30
N LEU C 23 26.57 6.07 20.89
CA LEU C 23 27.47 5.21 20.16
C LEU C 23 27.54 5.56 18.66
N LEU C 24 28.76 5.56 18.12
CA LEU C 24 28.99 5.92 16.74
C LEU C 24 29.91 4.89 16.07
N ALA C 25 29.52 4.36 14.92
CA ALA C 25 30.40 3.46 14.14
C ALA C 25 30.48 3.93 12.70
N VAL C 26 31.71 4.11 12.20
CA VAL C 26 31.92 4.57 10.84
C VAL C 26 32.87 3.67 10.08
N GLY C 27 32.57 3.39 8.82
CA GLY C 27 33.46 2.51 8.07
C GLY C 27 33.12 2.38 6.61
N HIS C 28 33.62 1.30 6.00
CA HIS C 28 33.26 0.96 4.63
C HIS C 28 32.10 -0.03 4.63
N PRO C 29 31.10 0.20 3.78
CA PRO C 29 29.91 -0.64 3.86
C PRO C 29 30.13 -2.08 3.38
N TYR C 30 31.14 -2.32 2.54
CA TYR C 30 31.29 -3.66 1.94
C TYR C 30 32.43 -4.51 2.54
N PHE C 31 33.57 -3.91 2.81
CA PHE C 31 34.71 -4.70 3.26
C PHE C 31 35.63 -3.91 4.19
N PRO C 32 36.40 -4.61 5.05
CA PRO C 32 37.34 -3.77 5.79
C PRO C 32 38.45 -3.27 4.89
N ILE C 33 38.86 -2.03 5.11
CA ILE C 33 39.99 -1.46 4.41
C ILE C 33 41.22 -1.78 5.23
N LYS C 34 42.18 -2.47 4.63
CA LYS C 34 43.45 -2.67 5.32
C LYS C 34 44.64 -2.41 4.41
N LYS C 35 45.83 -2.33 5.01
CA LYS C 35 47.04 -2.26 4.24
C LYS C 35 47.24 -3.62 3.57
N PRO C 36 47.80 -3.64 2.35
CA PRO C 36 48.01 -4.83 1.52
C PRO C 36 48.89 -5.93 2.12
N ASN C 37 50.08 -5.60 2.61
CA ASN C 37 50.85 -6.62 3.30
C ASN C 37 50.89 -6.38 4.80
N ASN C 38 49.84 -5.75 5.28
CA ASN C 38 49.53 -5.71 6.70
C ASN C 38 48.20 -6.43 6.93
N ASN C 39 47.95 -6.80 8.18
CA ASN C 39 46.73 -7.50 8.53
C ASN C 39 45.84 -6.57 9.34
N LYS C 40 46.46 -5.55 9.92
CA LYS C 40 45.76 -4.58 10.74
C LYS C 40 44.61 -3.92 9.97
N ILE C 41 43.46 -3.80 10.64
CA ILE C 41 42.28 -3.19 10.06
C ILE C 41 42.33 -1.67 10.22
N LEU C 42 42.61 -0.99 9.12
CA LEU C 42 42.75 0.45 9.13
C LEU C 42 41.39 1.14 9.19
N VAL C 43 40.45 0.64 8.39
CA VAL C 43 39.06 1.07 8.43
C VAL C 43 38.17 -0.18 8.51
N PRO C 44 37.21 -0.20 9.46
CA PRO C 44 36.38 -1.39 9.61
C PRO C 44 35.23 -1.47 8.59
N LYS C 45 34.61 -2.65 8.50
CA LYS C 45 33.36 -2.80 7.76
C LYS C 45 32.21 -2.40 8.66
N VAL C 46 31.50 -1.37 8.25
CA VAL C 46 30.35 -0.92 8.98
C VAL C 46 29.20 -0.76 7.99
N SER C 47 28.17 -1.58 8.13
CA SER C 47 27.09 -1.61 7.16
C SER C 47 25.74 -1.69 7.83
N GLY C 48 24.76 -1.05 7.20
CA GLY C 48 23.38 -1.19 7.67
C GLY C 48 22.89 -2.63 7.83
N LEU C 49 23.62 -3.57 7.22
CA LEU C 49 23.15 -4.94 7.19
C LEU C 49 23.88 -5.88 8.13
N GLN C 50 24.50 -5.33 9.18
CA GLN C 50 25.12 -6.17 10.20
C GLN C 50 24.26 -6.25 11.46
N TYR C 51 24.45 -7.31 12.24
CA TYR C 51 23.91 -7.38 13.60
C TYR C 51 24.71 -6.45 14.43
N ARG C 52 24.05 -5.77 15.36
CA ARG C 52 24.75 -5.07 16.44
C ARG C 52 24.43 -5.81 17.72
N VAL C 53 25.37 -6.63 18.18
CA VAL C 53 25.17 -7.38 19.41
C VAL C 53 25.87 -6.63 20.56
N PHE C 54 25.06 -6.02 21.43
CA PHE C 54 25.59 -5.21 22.53
C PHE C 54 25.66 -6.01 23.81
N ARG C 55 26.86 -6.12 24.39
CA ARG C 55 27.07 -6.82 25.64
C ARG C 55 27.12 -5.82 26.76
N ILE C 56 26.02 -5.69 27.48
CA ILE C 56 25.89 -4.67 28.50
C ILE C 56 26.43 -5.13 29.86
N HIS C 57 27.36 -4.35 30.43
CA HIS C 57 27.93 -4.67 31.73
C HIS C 57 27.33 -3.81 32.83
N LEU C 58 26.59 -4.45 33.73
CA LEU C 58 25.94 -3.76 34.83
C LEU C 58 26.77 -3.82 36.12
N PRO C 59 26.72 -2.76 36.92
CA PRO C 59 27.44 -2.75 38.20
C PRO C 59 26.87 -3.78 39.16
N ASP C 60 27.72 -4.53 39.86
CA ASP C 60 27.23 -5.53 40.81
C ASP C 60 26.43 -4.82 41.90
N PRO C 61 25.13 -5.16 42.02
CA PRO C 61 24.29 -4.52 43.04
C PRO C 61 24.68 -4.91 44.47
N ASN C 62 25.50 -5.95 44.60
CA ASN C 62 25.95 -6.44 45.90
C ASN C 62 27.20 -5.69 46.36
N LYS C 63 28.02 -5.31 45.39
CA LYS C 63 29.21 -4.51 45.63
C LYS C 63 28.86 -3.02 45.60
N PHE C 64 27.77 -2.68 44.91
CA PHE C 64 27.27 -1.30 44.74
C PHE C 64 27.14 -0.53 46.08
N GLY C 65 27.20 0.79 46.01
CA GLY C 65 27.11 1.61 47.22
C GLY C 65 25.83 2.42 47.30
N PHE C 66 24.76 1.77 47.73
CA PHE C 66 23.46 2.42 47.85
C PHE C 66 23.45 3.40 49.02
N PRO C 67 22.64 4.46 48.91
CA PRO C 67 22.46 5.38 50.05
C PRO C 67 21.91 4.65 51.31
N ASP C 68 21.00 3.70 51.10
CA ASP C 68 20.35 2.99 52.20
C ASP C 68 20.24 1.49 51.89
N THR C 69 20.66 0.66 52.85
CA THR C 69 20.76 -0.79 52.67
C THR C 69 19.86 -1.61 53.62
N SER C 70 18.88 -0.96 54.25
CA SER C 70 18.00 -1.62 55.21
C SER C 70 16.87 -2.40 54.51
N PHE C 71 16.77 -2.25 53.19
CA PHE C 71 15.68 -2.87 52.45
C PHE C 71 15.92 -4.36 52.28
N TYR C 72 17.14 -4.83 52.55
CA TYR C 72 17.43 -6.26 52.47
C TYR C 72 18.47 -6.73 53.48
N ASN C 73 18.57 -8.06 53.61
CA ASN C 73 19.47 -8.70 54.55
C ASN C 73 20.65 -9.34 53.81
N PRO C 74 21.83 -8.69 53.83
CA PRO C 74 23.00 -9.19 53.10
C PRO C 74 23.48 -10.58 53.51
N ASP C 75 23.00 -11.08 54.64
CA ASP C 75 23.45 -12.37 55.13
C ASP C 75 22.58 -13.50 54.58
N THR C 76 21.29 -13.23 54.41
CA THR C 76 20.38 -14.25 53.89
C THR C 76 20.08 -14.11 52.38
N GLN C 77 20.20 -12.90 51.82
CA GLN C 77 19.84 -12.70 50.41
C GLN C 77 20.92 -12.01 49.56
N ARG C 78 20.71 -12.01 48.26
CA ARG C 78 21.60 -11.32 47.34
C ARG C 78 20.79 -10.43 46.40
N LEU C 79 21.47 -9.71 45.52
CA LEU C 79 20.78 -8.75 44.64
C LEU C 79 21.10 -8.93 43.15
N VAL C 80 20.05 -8.82 42.32
CA VAL C 80 20.18 -8.86 40.86
C VAL C 80 19.37 -7.76 40.22
N TRP C 81 19.90 -7.15 39.17
CA TRP C 81 19.10 -6.19 38.41
C TRP C 81 18.06 -6.89 37.54
N ALA C 82 16.87 -6.30 37.47
CA ALA C 82 15.86 -6.74 36.53
C ALA C 82 15.65 -5.65 35.49
N CYS C 83 15.77 -6.01 34.22
CA CYS C 83 15.45 -5.04 33.20
C CYS C 83 13.93 -4.82 33.15
N VAL C 84 13.54 -3.55 33.03
CA VAL C 84 12.13 -3.15 33.08
C VAL C 84 11.78 -2.23 31.90
N GLY C 85 12.79 -1.54 31.39
CA GLY C 85 12.57 -0.72 30.22
C GLY C 85 13.80 -0.71 29.34
N VAL C 86 13.58 -0.68 28.03
CA VAL C 86 14.65 -0.50 27.07
C VAL C 86 14.24 0.50 25.99
N GLU C 87 15.11 1.47 25.69
CA GLU C 87 14.93 2.35 24.52
C GLU C 87 16.13 2.26 23.59
N VAL C 88 15.94 1.74 22.39
CA VAL C 88 17.05 1.76 21.45
C VAL C 88 16.98 3.03 20.61
N GLY C 89 17.79 4.02 20.98
CA GLY C 89 17.87 5.29 20.27
C GLY C 89 18.64 5.15 18.96
N ARG C 90 18.05 5.62 17.87
CA ARG C 90 18.67 5.59 16.55
C ARG C 90 18.82 6.98 15.91
N GLY C 91 19.95 7.17 15.23
CA GLY C 91 20.45 8.49 14.95
C GLY C 91 20.28 9.08 13.57
N GLN C 92 20.65 8.37 12.53
CA GLN C 92 20.79 9.05 11.23
C GLN C 92 19.45 9.30 10.53
N PRO C 93 19.46 10.02 9.39
CA PRO C 93 18.22 10.07 8.62
C PRO C 93 17.82 8.69 8.10
N LEU C 94 16.53 8.47 7.88
CA LEU C 94 16.08 7.19 7.35
C LEU C 94 16.54 7.06 5.91
N GLY C 95 17.00 5.89 5.51
CA GLY C 95 17.37 5.71 4.13
C GLY C 95 17.85 4.33 3.72
N VAL C 96 17.93 4.10 2.43
CA VAL C 96 18.34 2.79 1.91
C VAL C 96 19.68 2.84 1.20
N GLY C 97 20.58 1.99 1.65
CA GLY C 97 21.83 1.73 0.96
C GLY C 97 21.65 0.62 -0.07
N ILE C 98 22.75 0.14 -0.59
CA ILE C 98 22.73 -0.57 -1.84
C ILE C 98 24.03 -1.35 -1.97
N SER C 99 23.96 -2.57 -2.47
CA SER C 99 25.16 -3.40 -2.51
C SER C 99 25.22 -4.19 -3.82
N GLY C 100 26.43 -4.39 -4.32
CA GLY C 100 26.60 -5.05 -5.60
C GLY C 100 27.84 -5.91 -5.71
N HIS C 101 28.09 -6.43 -6.91
CA HIS C 101 29.33 -7.13 -7.25
C HIS C 101 29.75 -6.73 -8.68
N PRO C 102 31.05 -6.43 -8.88
CA PRO C 102 31.56 -6.06 -10.21
C PRO C 102 31.41 -7.20 -11.17
N LEU C 103 31.43 -8.42 -10.64
CA LEU C 103 31.41 -9.63 -11.43
C LEU C 103 30.37 -10.59 -10.87
N LEU C 104 29.15 -10.10 -10.71
CA LEU C 104 28.06 -10.93 -10.22
C LEU C 104 27.79 -12.02 -11.24
N ASN C 105 27.54 -13.25 -10.79
CA ASN C 105 27.25 -14.32 -11.74
C ASN C 105 25.85 -14.15 -12.30
N LYS C 106 25.74 -13.28 -13.29
CA LYS C 106 24.48 -13.03 -13.94
C LYS C 106 24.59 -13.32 -15.43
N LEU C 107 23.93 -14.38 -15.90
CA LEU C 107 23.90 -14.66 -17.33
C LEU C 107 22.90 -13.73 -18.00
N ASP C 108 21.65 -14.15 -18.16
CA ASP C 108 20.69 -13.24 -18.78
C ASP C 108 19.49 -12.89 -17.91
N ASP C 109 18.66 -12.06 -18.51
CA ASP C 109 17.45 -11.55 -17.91
C ASP C 109 16.31 -12.48 -18.30
N THR C 110 15.82 -13.25 -17.34
CA THR C 110 14.82 -14.27 -17.66
C THR C 110 13.42 -13.80 -17.37
N GLU C 111 13.27 -12.56 -16.90
CA GLU C 111 11.96 -12.01 -16.59
C GLU C 111 11.11 -11.92 -17.84
N ASN C 112 11.79 -11.70 -18.95
CA ASN C 112 11.17 -11.48 -20.23
C ASN C 112 12.26 -11.49 -21.29
N ALA C 113 12.08 -12.29 -22.32
CA ALA C 113 13.05 -12.36 -23.40
C ALA C 113 12.30 -12.42 -24.71
N SER C 114 12.87 -11.77 -25.72
CA SER C 114 12.23 -11.67 -27.03
C SER C 114 12.69 -12.77 -27.99
N ALA C 115 13.78 -13.43 -27.59
CA ALA C 115 14.44 -14.43 -28.43
C ALA C 115 15.42 -15.22 -27.56
N TYR C 116 15.72 -16.45 -27.97
CA TYR C 116 16.49 -17.35 -27.12
C TYR C 116 17.90 -16.83 -26.93
N ALA C 117 18.32 -16.74 -25.66
CA ALA C 117 19.62 -16.18 -25.31
C ALA C 117 20.75 -16.88 -26.04
N ALA C 118 21.91 -16.24 -26.09
CA ALA C 118 23.05 -16.72 -26.86
C ALA C 118 23.57 -18.08 -26.38
N ASN C 119 24.73 -18.08 -25.73
CA ASN C 119 25.38 -19.29 -25.24
C ASN C 119 26.47 -18.87 -24.27
N ALA C 120 26.53 -19.51 -23.11
CA ALA C 120 27.54 -19.14 -22.11
C ALA C 120 28.97 -19.34 -22.63
N GLY C 121 29.75 -18.26 -22.68
CA GLY C 121 31.14 -18.35 -23.05
C GLY C 121 32.04 -18.68 -21.86
N VAL C 122 33.10 -17.91 -21.72
CA VAL C 122 33.87 -17.94 -20.51
C VAL C 122 33.57 -16.62 -19.83
N ASP C 123 33.24 -16.65 -18.55
CA ASP C 123 33.01 -15.38 -17.83
C ASP C 123 31.98 -14.42 -18.46
N ASN C 124 30.70 -14.65 -18.18
CA ASN C 124 29.63 -13.72 -18.58
C ASN C 124 29.18 -12.84 -17.42
N ARG C 125 30.04 -12.66 -16.43
CA ARG C 125 29.63 -11.98 -15.23
C ARG C 125 29.42 -10.48 -15.48
N GLU C 126 28.39 -9.92 -14.84
CA GLU C 126 28.07 -8.50 -14.99
C GLU C 126 28.29 -7.77 -13.68
N CYS C 127 28.43 -6.45 -13.79
CA CYS C 127 28.49 -5.58 -12.63
C CYS C 127 27.07 -5.21 -12.18
N ILE C 128 26.57 -5.82 -11.10
CA ILE C 128 25.18 -5.63 -10.68
C ILE C 128 25.00 -5.18 -9.20
N SER C 129 24.09 -4.24 -8.95
CA SER C 129 23.74 -3.93 -7.57
C SER C 129 22.24 -4.21 -7.24
N MET C 130 21.95 -4.29 -5.95
CA MET C 130 20.61 -4.52 -5.48
C MET C 130 20.42 -3.85 -4.11
N ASP C 131 19.17 -3.48 -3.82
CA ASP C 131 18.81 -2.96 -2.53
C ASP C 131 18.23 -4.11 -1.73
N TYR C 132 18.95 -4.47 -0.67
CA TYR C 132 18.71 -5.69 0.09
C TYR C 132 17.33 -5.70 0.75
N LYS C 133 16.94 -6.85 1.28
CA LYS C 133 15.70 -6.96 2.04
C LYS C 133 15.76 -6.16 3.34
N GLN C 134 14.67 -5.46 3.63
CA GLN C 134 14.55 -4.59 4.80
C GLN C 134 14.33 -5.41 6.09
N THR C 135 15.10 -5.10 7.14
CA THR C 135 14.93 -5.81 8.40
C THR C 135 15.15 -4.90 9.58
N GLN C 136 14.17 -4.84 10.47
CA GLN C 136 14.38 -4.32 11.84
C GLN C 136 14.10 -5.43 12.85
N LEU C 137 14.94 -5.54 13.87
CA LEU C 137 14.73 -6.52 14.94
C LEU C 137 15.50 -6.13 16.21
N CYS C 138 14.90 -6.36 17.37
CA CYS C 138 15.62 -6.15 18.63
C CYS C 138 15.45 -7.35 19.54
N LEU C 139 16.59 -7.95 19.92
CA LEU C 139 16.60 -9.10 20.82
C LEU C 139 17.21 -8.68 22.13
N ILE C 140 16.47 -8.88 23.20
CA ILE C 140 16.99 -8.66 24.55
C ILE C 140 16.92 -9.91 25.42
N GLY C 141 18.02 -10.22 26.10
CA GLY C 141 18.08 -11.33 27.03
C GLY C 141 19.39 -11.21 27.78
N CYS C 142 19.68 -12.14 28.68
CA CYS C 142 20.92 -12.02 29.46
C CYS C 142 21.96 -13.01 28.98
N LYS C 143 21.65 -13.66 27.87
CA LYS C 143 22.59 -14.56 27.24
C LYS C 143 22.71 -14.14 25.79
N PRO C 144 23.84 -14.47 25.13
CA PRO C 144 24.03 -14.04 23.73
C PRO C 144 22.96 -14.63 22.83
N PRO C 145 22.58 -13.90 21.78
CA PRO C 145 21.57 -14.36 20.79
C PRO C 145 22.11 -15.52 19.94
N ILE C 146 21.27 -16.52 19.68
CA ILE C 146 21.72 -17.65 18.88
C ILE C 146 21.13 -17.60 17.48
N GLY C 147 21.95 -17.87 16.47
CA GLY C 147 21.46 -17.88 15.09
C GLY C 147 21.46 -19.23 14.37
N GLU C 148 20.72 -19.28 13.26
CA GLU C 148 20.74 -20.45 12.38
C GLU C 148 21.17 -20.03 10.98
N HIS C 149 21.88 -20.93 10.29
CA HIS C 149 22.20 -20.77 8.88
C HIS C 149 22.52 -22.13 8.25
N TRP C 150 22.41 -22.22 6.92
CA TRP C 150 22.81 -23.43 6.22
C TRP C 150 24.28 -23.36 5.87
N GLY C 151 25.00 -24.44 6.17
CA GLY C 151 26.42 -24.55 5.85
C GLY C 151 26.71 -25.92 5.25
N LYS C 152 27.99 -26.20 4.99
CA LYS C 152 28.39 -27.47 4.41
C LYS C 152 28.41 -28.58 5.46
N GLY C 153 27.51 -29.54 5.33
CA GLY C 153 27.44 -30.65 6.28
C GLY C 153 28.63 -31.57 6.06
N SER C 154 28.98 -32.37 7.07
CA SER C 154 30.02 -33.37 6.92
C SER C 154 29.56 -34.43 5.93
N PRO C 155 30.49 -34.94 5.10
CA PRO C 155 30.09 -35.83 4.00
C PRO C 155 29.93 -37.26 4.47
N CYS C 156 29.58 -38.14 3.54
CA CYS C 156 29.49 -39.56 3.87
C CYS C 156 30.70 -40.29 3.31
N THR C 157 31.54 -40.84 4.19
CA THR C 157 32.63 -41.70 3.74
C THR C 157 31.94 -42.90 3.11
N ASN C 158 31.47 -42.67 1.88
CA ASN C 158 30.55 -43.53 1.17
C ASN C 158 30.87 -43.45 -0.31
N VAL C 159 29.85 -43.09 -1.08
CA VAL C 159 30.04 -42.60 -2.44
C VAL C 159 31.02 -41.45 -2.35
N ALA C 160 32.23 -41.68 -2.83
CA ALA C 160 33.26 -40.65 -2.81
C ALA C 160 32.74 -39.40 -3.53
N VAL C 161 32.80 -38.25 -2.86
CA VAL C 161 32.49 -36.98 -3.50
C VAL C 161 33.53 -36.72 -4.59
N ASN C 162 33.06 -36.36 -5.79
CA ASN C 162 33.93 -35.95 -6.87
C ASN C 162 33.90 -34.44 -6.99
N PRO C 163 35.00 -33.83 -7.45
CA PRO C 163 35.04 -32.38 -7.64
C PRO C 163 33.81 -31.83 -8.39
N GLY C 164 33.07 -30.95 -7.73
CA GLY C 164 31.93 -30.31 -8.34
C GLY C 164 30.59 -30.82 -7.83
N ASP C 165 30.62 -31.94 -7.10
CA ASP C 165 29.42 -32.50 -6.48
C ASP C 165 28.78 -31.46 -5.59
N CYS C 166 27.46 -31.38 -5.67
CA CYS C 166 26.72 -30.46 -4.83
C CYS C 166 27.01 -30.83 -3.40
N PRO C 167 27.47 -29.85 -2.62
CA PRO C 167 27.87 -30.15 -1.24
C PRO C 167 26.62 -30.32 -0.36
N PRO C 168 26.73 -31.15 0.68
CA PRO C 168 25.60 -31.41 1.58
C PRO C 168 25.26 -30.23 2.50
N LEU C 169 23.98 -30.08 2.81
CA LEU C 169 23.54 -29.01 3.67
C LEU C 169 23.35 -29.50 5.12
N GLU C 170 23.47 -28.57 6.06
CA GLU C 170 23.21 -28.84 7.47
C GLU C 170 22.81 -27.53 8.12
N LEU C 171 21.79 -27.55 8.95
CA LEU C 171 21.44 -26.33 9.67
C LEU C 171 22.39 -26.19 10.84
N ILE C 172 23.18 -25.13 10.82
CA ILE C 172 24.17 -24.90 11.86
C ILE C 172 23.73 -23.82 12.84
N ASN C 173 23.71 -24.16 14.13
CA ASN C 173 23.42 -23.17 15.13
C ASN C 173 24.70 -22.51 15.57
N THR C 174 24.60 -21.24 15.90
CA THR C 174 25.79 -20.41 16.08
C THR C 174 25.42 -19.27 17.00
N VAL C 175 26.40 -18.72 17.70
CA VAL C 175 26.18 -17.47 18.41
C VAL C 175 26.28 -16.31 17.44
N ILE C 176 25.29 -15.43 17.45
CA ILE C 176 25.35 -14.24 16.61
C ILE C 176 26.31 -13.23 17.20
N GLN C 177 27.35 -12.90 16.43
CA GLN C 177 28.37 -11.98 16.93
C GLN C 177 28.15 -10.60 16.35
N ASP C 178 28.60 -9.59 17.08
CA ASP C 178 28.55 -8.24 16.58
C ASP C 178 29.29 -8.12 15.25
N GLY C 179 28.59 -7.69 14.21
CA GLY C 179 29.24 -7.46 12.92
C GLY C 179 28.96 -8.57 11.92
N ASP C 180 28.29 -9.62 12.41
CA ASP C 180 27.73 -10.66 11.56
C ASP C 180 26.62 -10.07 10.68
N MET C 181 26.31 -10.74 9.57
CA MET C 181 25.39 -10.18 8.61
C MET C 181 24.00 -10.78 8.71
N VAL C 182 22.99 -9.93 8.50
CA VAL C 182 21.61 -10.35 8.38
C VAL C 182 21.42 -11.05 7.07
N ASP C 183 20.39 -11.89 7.00
CA ASP C 183 19.96 -12.38 5.70
C ASP C 183 19.53 -11.13 4.92
N THR C 184 19.82 -11.09 3.63
CA THR C 184 19.61 -9.87 2.86
C THR C 184 18.70 -10.11 1.69
N GLY C 185 18.22 -11.34 1.57
CA GLY C 185 17.38 -11.70 0.45
C GLY C 185 17.83 -12.97 -0.24
N PHE C 186 18.94 -13.53 0.22
CA PHE C 186 19.40 -14.82 -0.32
C PHE C 186 19.41 -15.88 0.77
N GLY C 187 18.52 -15.73 1.75
CA GLY C 187 18.45 -16.65 2.89
C GLY C 187 19.65 -16.62 3.82
N ALA C 188 19.62 -17.44 4.86
CA ALA C 188 20.75 -17.52 5.79
C ALA C 188 21.61 -18.74 5.52
N MET C 189 22.75 -18.51 4.84
CA MET C 189 23.69 -19.56 4.49
C MET C 189 25.12 -19.06 4.53
N ASP C 190 26.05 -20.01 4.53
CA ASP C 190 27.49 -19.76 4.58
C ASP C 190 28.06 -19.65 3.16
N PHE C 191 28.11 -18.44 2.62
CA PHE C 191 28.44 -18.26 1.22
C PHE C 191 29.88 -18.65 0.89
N THR C 192 30.78 -18.58 1.86
CA THR C 192 32.16 -18.97 1.61
C THR C 192 32.21 -20.45 1.27
N THR C 193 31.64 -21.28 2.14
CA THR C 193 31.77 -22.73 2.05
C THR C 193 30.75 -23.40 1.11
N LEU C 194 29.75 -22.65 0.69
CA LEU C 194 28.71 -23.19 -0.19
C LEU C 194 28.78 -22.65 -1.62
N GLN C 195 29.54 -21.57 -1.83
CA GLN C 195 29.68 -20.99 -3.18
C GLN C 195 31.13 -20.70 -3.60
N ALA C 196 31.74 -21.64 -4.33
CA ALA C 196 33.15 -21.53 -4.69
C ALA C 196 33.37 -20.42 -5.72
N ASN C 197 32.33 -20.19 -6.50
CA ASN C 197 32.19 -19.08 -7.44
C ASN C 197 32.78 -17.75 -6.98
N LYS C 198 32.56 -17.45 -5.70
CA LYS C 198 32.79 -16.15 -5.09
C LYS C 198 32.03 -15.00 -5.75
N SER C 199 31.00 -15.30 -6.55
CA SER C 199 30.30 -14.26 -7.30
C SER C 199 28.78 -14.34 -7.33
N GLU C 200 28.17 -15.20 -6.51
CA GLU C 200 26.72 -15.39 -6.60
C GLU C 200 25.98 -14.22 -5.95
N VAL C 201 26.60 -13.63 -4.94
CA VAL C 201 25.96 -12.57 -4.16
C VAL C 201 26.94 -11.40 -4.07
N PRO C 202 26.45 -10.22 -3.62
CA PRO C 202 27.32 -9.05 -3.64
C PRO C 202 28.51 -9.14 -2.69
N LEU C 203 29.48 -8.23 -2.86
CA LEU C 203 30.71 -8.18 -2.05
C LEU C 203 30.53 -8.30 -0.55
N ASP C 204 29.54 -7.61 0.01
CA ASP C 204 29.42 -7.52 1.47
C ASP C 204 28.97 -8.81 2.13
N ILE C 205 28.56 -9.82 1.35
CA ILE C 205 28.18 -11.12 1.95
C ILE C 205 28.85 -12.31 1.26
N CYS C 206 29.48 -12.04 0.13
CA CYS C 206 29.99 -13.13 -0.71
C CYS C 206 31.07 -13.99 -0.06
N THR C 207 31.69 -13.55 1.04
CA THR C 207 32.54 -14.45 1.81
C THR C 207 32.16 -14.36 3.27
N SER C 208 30.90 -14.02 3.52
CA SER C 208 30.40 -13.98 4.88
C SER C 208 29.28 -14.99 5.12
N ILE C 209 28.97 -15.21 6.40
CA ILE C 209 27.82 -16.01 6.80
C ILE C 209 26.69 -15.05 7.11
N CYS C 210 25.60 -15.14 6.36
CA CYS C 210 24.34 -14.51 6.75
C CYS C 210 23.57 -15.42 7.73
N LYS C 211 23.25 -14.88 8.91
CA LYS C 211 22.57 -15.64 9.96
C LYS C 211 21.19 -15.07 10.27
N TYR C 212 20.29 -15.98 10.62
CA TYR C 212 18.94 -15.63 11.02
C TYR C 212 18.81 -15.98 12.47
N PRO C 213 18.02 -15.22 13.23
CA PRO C 213 17.86 -15.62 14.63
C PRO C 213 17.04 -16.89 14.77
N ASP C 214 17.54 -17.86 15.51
CA ASP C 214 16.75 -19.04 15.79
C ASP C 214 15.75 -18.75 16.90
N TYR C 215 14.70 -18.00 16.55
CA TYR C 215 13.62 -17.65 17.46
C TYR C 215 12.92 -18.89 18.03
N ILE C 216 12.76 -19.92 17.20
CA ILE C 216 12.11 -21.16 17.66
C ILE C 216 12.91 -21.84 18.79
N LYS C 217 14.23 -21.92 18.62
CA LYS C 217 15.11 -22.54 19.61
C LYS C 217 15.22 -21.71 20.90
N MET C 218 15.42 -20.40 20.74
CA MET C 218 15.66 -19.51 21.87
C MET C 218 14.45 -19.44 22.79
N VAL C 219 13.27 -19.62 22.23
CA VAL C 219 12.05 -19.55 23.02
C VAL C 219 11.75 -20.91 23.67
N SER C 220 12.05 -22.01 22.95
CA SER C 220 11.98 -23.37 23.52
C SER C 220 12.91 -23.54 24.71
N GLU C 221 14.06 -22.88 24.66
CA GLU C 221 15.04 -22.87 25.74
C GLU C 221 14.35 -22.83 27.12
N PRO C 222 14.65 -23.81 27.97
CA PRO C 222 13.96 -24.02 29.25
C PRO C 222 13.87 -22.80 30.14
N TYR C 223 15.01 -22.17 30.46
CA TYR C 223 15.03 -21.04 31.37
C TYR C 223 14.67 -19.69 30.69
N GLY C 224 14.78 -19.65 29.37
CA GLY C 224 14.45 -18.46 28.62
C GLY C 224 15.37 -17.27 28.89
N ASP C 225 16.67 -17.54 28.99
CA ASP C 225 17.63 -16.51 29.32
C ASP C 225 18.09 -15.77 28.08
N SER C 226 18.12 -16.46 26.95
CA SER C 226 18.77 -15.88 25.78
C SER C 226 17.95 -14.74 25.17
N LEU C 227 16.64 -14.79 25.34
CA LEU C 227 15.79 -13.70 24.91
C LEU C 227 14.48 -13.64 25.71
N PHE C 228 14.28 -12.56 26.46
CA PHE C 228 13.01 -12.40 27.16
C PHE C 228 12.21 -11.23 26.63
N PHE C 229 12.49 -10.89 25.39
CA PHE C 229 11.75 -9.89 24.65
C PHE C 229 12.31 -9.84 23.23
N TYR C 230 11.45 -9.65 22.22
CA TYR C 230 11.96 -9.29 20.90
C TYR C 230 10.95 -8.53 20.02
N LEU C 231 11.48 -7.77 19.07
CA LEU C 231 10.65 -7.29 17.98
C LEU C 231 11.29 -7.68 16.66
N ARG C 232 10.49 -7.99 15.65
CA ARG C 232 11.02 -8.32 14.32
C ARG C 232 10.11 -7.76 13.25
N ARG C 233 10.73 -7.16 12.24
CA ARG C 233 10.04 -6.60 11.10
C ARG C 233 10.89 -6.94 9.87
N GLU C 234 10.32 -7.64 8.90
CA GLU C 234 11.09 -7.98 7.71
C GLU C 234 10.19 -8.06 6.47
N GLN C 235 10.61 -7.44 5.38
CA GLN C 235 9.84 -7.42 4.14
C GLN C 235 10.75 -7.45 2.90
N MET C 236 10.29 -8.11 1.84
CA MET C 236 11.08 -8.27 0.64
C MET C 236 10.21 -8.59 -0.58
N PHE C 237 10.55 -8.05 -1.74
CA PHE C 237 9.91 -8.53 -2.95
C PHE C 237 10.94 -8.84 -4.04
N VAL C 238 10.49 -9.45 -5.13
CA VAL C 238 11.41 -9.82 -6.23
C VAL C 238 11.48 -8.67 -7.21
N ARG C 239 12.68 -8.13 -7.39
CA ARG C 239 12.87 -6.96 -8.24
C ARG C 239 13.28 -7.42 -9.64
N HIS C 240 14.20 -8.37 -9.75
CA HIS C 240 14.58 -8.93 -11.04
C HIS C 240 14.68 -10.44 -11.01
N LEU C 241 14.58 -11.06 -12.18
CA LEU C 241 14.62 -12.51 -12.27
C LEU C 241 15.67 -12.92 -13.29
N PHE C 242 16.78 -13.46 -12.77
CA PHE C 242 17.96 -13.74 -13.57
C PHE C 242 18.35 -15.22 -13.70
N ASN C 243 19.38 -15.43 -14.50
CA ASN C 243 20.03 -16.70 -14.84
C ASN C 243 21.40 -16.86 -14.15
N ARG C 244 21.83 -18.09 -13.89
CA ARG C 244 23.23 -18.30 -13.46
C ARG C 244 24.04 -19.01 -14.54
N ALA C 245 25.16 -18.38 -14.91
CA ALA C 245 26.12 -19.04 -15.75
C ALA C 245 26.86 -20.10 -14.94
N GLY C 246 27.65 -20.91 -15.61
CA GLY C 246 28.30 -22.02 -14.96
C GLY C 246 27.72 -23.24 -15.61
N THR C 247 28.22 -24.42 -15.25
CA THR C 247 27.70 -25.61 -15.88
C THR C 247 26.64 -26.26 -15.04
N VAL C 248 25.76 -26.97 -15.72
CA VAL C 248 24.66 -27.65 -15.09
C VAL C 248 25.17 -28.68 -14.10
N GLY C 249 24.79 -28.50 -12.84
CA GLY C 249 25.18 -29.42 -11.80
C GLY C 249 24.29 -30.63 -11.84
N GLU C 250 22.99 -30.40 -11.69
CA GLU C 250 22.01 -31.44 -11.95
C GLU C 250 21.15 -31.08 -13.14
N ASN C 251 21.08 -32.00 -14.09
CA ASN C 251 20.38 -31.76 -15.32
C ASN C 251 18.87 -31.84 -15.21
N VAL C 252 18.20 -31.14 -16.13
CA VAL C 252 16.74 -31.14 -16.15
C VAL C 252 16.18 -32.43 -16.71
N PRO C 253 15.38 -33.13 -15.91
CA PRO C 253 14.76 -34.40 -16.32
C PRO C 253 13.92 -34.25 -17.60
N ASP C 254 14.19 -35.07 -18.61
CA ASP C 254 13.57 -34.89 -19.93
C ASP C 254 12.08 -35.19 -19.94
N ASP C 255 11.57 -35.83 -18.89
CA ASP C 255 10.13 -36.01 -18.75
C ASP C 255 9.41 -34.70 -18.38
N LEU C 256 10.19 -33.63 -18.23
CA LEU C 256 9.67 -32.31 -17.91
C LEU C 256 9.63 -31.34 -19.10
N TYR C 257 10.02 -31.80 -20.27
CA TYR C 257 10.02 -30.94 -21.44
C TYR C 257 10.16 -31.70 -22.76
N ILE C 258 9.70 -31.06 -23.83
CA ILE C 258 9.85 -31.57 -25.18
C ILE C 258 11.13 -31.01 -25.80
N LYS C 259 12.04 -31.89 -26.17
CA LYS C 259 13.33 -31.52 -26.74
C LYS C 259 13.15 -30.44 -27.80
N GLY C 260 14.00 -29.43 -27.78
CA GLY C 260 13.94 -28.37 -28.78
C GLY C 260 14.71 -28.67 -30.06
N SER C 261 15.14 -27.62 -30.75
CA SER C 261 15.75 -27.75 -32.08
C SER C 261 16.29 -26.43 -32.62
N GLY C 262 17.52 -26.45 -33.14
CA GLY C 262 18.14 -25.23 -33.63
C GLY C 262 18.70 -24.39 -32.50
N SER C 263 18.08 -23.24 -32.20
CA SER C 263 18.58 -22.38 -31.11
C SER C 263 18.16 -22.93 -29.76
N THR C 264 17.03 -23.64 -29.76
CA THR C 264 16.43 -24.20 -28.56
C THR C 264 16.86 -25.65 -28.35
N ALA C 265 17.81 -26.09 -29.16
CA ALA C 265 18.35 -27.43 -29.01
C ALA C 265 19.06 -27.56 -27.68
N ASN C 266 19.76 -26.50 -27.32
CA ASN C 266 20.53 -26.47 -26.08
C ASN C 266 19.77 -25.73 -24.98
N LEU C 267 19.42 -26.44 -23.91
CA LEU C 267 18.73 -25.80 -22.79
C LEU C 267 19.57 -24.70 -22.16
N ALA C 268 18.94 -23.56 -21.93
CA ALA C 268 19.54 -22.51 -21.12
C ALA C 268 19.48 -22.86 -19.63
N SER C 269 20.45 -22.36 -18.87
CA SER C 269 20.45 -22.46 -17.42
C SER C 269 19.07 -22.22 -16.83
N SER C 270 18.54 -23.20 -16.09
CA SER C 270 17.29 -23.03 -15.36
C SER C 270 17.61 -22.98 -13.88
N ASN C 271 18.80 -22.49 -13.55
CA ASN C 271 19.20 -22.28 -12.16
C ASN C 271 18.80 -20.92 -11.69
N TYR C 272 17.56 -20.50 -11.87
CA TYR C 272 17.19 -19.10 -11.65
C TYR C 272 17.48 -18.60 -10.24
N PHE C 273 17.77 -17.31 -10.16
CA PHE C 273 17.85 -16.60 -8.90
C PHE C 273 17.25 -15.23 -9.04
N PRO C 274 16.53 -14.78 -8.00
CA PRO C 274 15.93 -13.45 -7.96
C PRO C 274 16.81 -12.39 -7.30
N THR C 275 16.41 -11.15 -7.56
CA THR C 275 17.04 -9.96 -7.01
C THR C 275 16.10 -9.43 -5.97
N PRO C 276 16.52 -9.44 -4.68
CA PRO C 276 15.65 -8.93 -3.63
C PRO C 276 15.44 -7.42 -3.76
N SER C 277 14.38 -6.95 -3.13
CA SER C 277 14.21 -5.55 -2.86
C SER C 277 13.33 -5.48 -1.64
N GLY C 278 13.85 -4.85 -0.59
CA GLY C 278 13.06 -4.48 0.59
C GLY C 278 12.60 -3.10 0.23
N SER C 279 11.33 -2.81 0.36
CA SER C 279 10.79 -1.68 -0.38
C SER C 279 11.05 -0.30 0.25
N MET C 280 10.00 0.48 0.39
CA MET C 280 10.10 1.81 0.98
C MET C 280 10.41 1.69 2.48
N VAL C 281 11.14 2.66 3.01
CA VAL C 281 11.40 2.78 4.45
C VAL C 281 10.59 3.95 4.95
N THR C 282 10.08 3.83 6.17
CA THR C 282 9.03 4.71 6.60
C THR C 282 9.11 4.95 8.09
N SER C 283 8.81 6.17 8.48
CA SER C 283 8.77 6.57 9.88
C SER C 283 7.76 5.75 10.65
N ASP C 284 6.57 5.57 10.08
CA ASP C 284 5.48 4.96 10.81
C ASP C 284 5.73 3.49 11.10
N ALA C 285 6.62 2.88 10.33
CA ALA C 285 6.90 1.46 10.56
C ALA C 285 8.13 1.28 11.45
N GLN C 286 8.45 2.29 12.25
CA GLN C 286 9.70 2.25 13.00
C GLN C 286 9.50 1.58 14.32
N ILE C 287 10.49 0.78 14.67
CA ILE C 287 10.43 -0.05 15.84
C ILE C 287 11.24 0.61 16.94
N PHE C 288 12.16 1.49 16.54
CA PHE C 288 13.10 2.14 17.46
C PHE C 288 12.68 3.52 17.94
N ASN C 289 13.50 4.10 18.83
CA ASN C 289 13.22 5.37 19.47
C ASN C 289 11.84 5.38 20.13
N LYS C 290 11.41 4.18 20.51
CA LYS C 290 10.20 3.95 21.29
C LYS C 290 10.69 3.16 22.49
N PRO C 291 10.02 3.29 23.62
CA PRO C 291 10.40 2.49 24.78
C PRO C 291 9.67 1.15 24.80
N TYR C 292 10.35 0.09 25.21
CA TYR C 292 9.72 -1.19 25.38
C TYR C 292 9.64 -1.49 26.87
N TRP C 293 8.46 -1.82 27.36
CA TRP C 293 8.28 -2.12 28.78
C TRP C 293 8.27 -3.62 29.08
N LEU C 294 9.42 -4.15 29.47
CA LEU C 294 9.57 -5.58 29.66
C LEU C 294 8.92 -6.06 30.94
N GLN C 295 7.61 -5.96 31.03
CA GLN C 295 6.98 -6.20 32.32
C GLN C 295 6.62 -7.66 32.58
N ARG C 296 6.09 -8.33 31.55
CA ARG C 296 5.65 -9.72 31.66
C ARG C 296 6.27 -10.53 30.52
N ALA C 297 7.26 -11.34 30.85
CA ALA C 297 7.95 -12.10 29.80
C ALA C 297 7.19 -13.41 29.52
N GLN C 298 7.36 -13.92 28.31
CA GLN C 298 6.72 -15.16 27.90
C GLN C 298 7.49 -16.37 28.43
N GLY C 299 8.71 -16.12 28.91
CA GLY C 299 9.60 -17.15 29.42
C GLY C 299 9.62 -17.13 30.93
N HIS C 300 10.34 -18.07 31.53
CA HIS C 300 10.43 -18.16 32.99
C HIS C 300 11.41 -17.15 33.59
N ASN C 301 12.35 -16.67 32.78
CA ASN C 301 13.20 -15.55 33.22
C ASN C 301 12.60 -14.21 32.80
N ASN C 302 12.01 -13.53 33.78
CA ASN C 302 11.28 -12.30 33.58
C ASN C 302 12.15 -11.04 33.62
N GLY C 303 13.13 -10.97 32.73
CA GLY C 303 13.98 -9.80 32.61
C GLY C 303 15.07 -9.69 33.68
N ILE C 304 15.41 -10.82 34.29
CA ILE C 304 16.42 -10.82 35.32
C ILE C 304 17.78 -10.89 34.65
N CYS C 305 18.70 -10.03 35.06
CA CYS C 305 20.01 -9.98 34.42
C CYS C 305 21.03 -10.75 35.23
N TRP C 306 20.91 -12.08 35.25
CA TRP C 306 21.87 -12.93 35.92
C TRP C 306 23.31 -12.61 35.47
N GLY C 307 24.22 -12.62 36.44
CA GLY C 307 25.61 -12.30 36.17
C GLY C 307 25.81 -10.83 35.83
N ASN C 308 24.86 -9.99 36.21
CA ASN C 308 24.92 -8.55 35.94
C ASN C 308 25.25 -8.24 34.48
N GLN C 309 24.74 -9.10 33.60
CA GLN C 309 24.87 -8.96 32.14
C GLN C 309 23.53 -8.68 31.48
N LEU C 310 23.60 -8.12 30.29
CA LEU C 310 22.42 -7.87 29.48
C LEU C 310 22.88 -7.95 28.03
N PHE C 311 22.08 -8.56 27.17
CA PHE C 311 22.42 -8.60 25.75
C PHE C 311 21.33 -7.90 24.93
N VAL C 312 21.75 -6.95 24.08
CA VAL C 312 20.81 -6.27 23.21
C VAL C 312 21.22 -6.45 21.74
N THR C 313 20.41 -7.18 20.99
CA THR C 313 20.77 -7.45 19.60
C THR C 313 19.91 -6.57 18.70
N VAL C 314 20.55 -5.87 17.76
CA VAL C 314 19.84 -4.94 16.88
C VAL C 314 20.32 -5.07 15.42
N VAL C 315 19.36 -5.14 14.50
CA VAL C 315 19.62 -5.01 13.08
C VAL C 315 18.75 -3.85 12.56
N ASP C 316 19.33 -2.83 11.95
CA ASP C 316 18.46 -1.80 11.37
C ASP C 316 18.91 -1.44 9.97
N THR C 317 18.10 -1.80 8.97
CA THR C 317 18.44 -1.47 7.60
C THR C 317 17.68 -0.26 7.09
N THR C 318 16.95 0.41 7.97
CA THR C 318 16.12 1.52 7.57
C THR C 318 16.91 2.80 7.59
N ARG C 319 18.20 2.68 7.91
CA ARG C 319 19.13 3.80 7.87
C ARG C 319 20.41 3.32 7.25
N SER C 320 20.34 2.70 6.07
CA SER C 320 21.53 2.03 5.52
C SER C 320 22.23 2.84 4.44
N THR C 321 21.79 4.09 4.26
CA THR C 321 22.38 5.03 3.33
C THR C 321 23.89 5.09 3.39
N ASN C 322 24.55 4.77 2.28
CA ASN C 322 25.98 5.01 2.18
C ASN C 322 26.27 6.36 1.54
N MET C 323 27.37 6.97 1.92
CA MET C 323 27.77 8.23 1.30
C MET C 323 29.03 8.01 0.50
N SER C 324 29.03 8.53 -0.71
CA SER C 324 30.23 8.53 -1.50
C SER C 324 30.99 9.82 -1.22
N LEU C 325 32.26 9.70 -0.88
CA LEU C 325 33.10 10.88 -0.76
C LEU C 325 34.26 10.75 -1.72
N CYS C 326 34.54 11.82 -2.44
CA CYS C 326 35.73 11.81 -3.28
C CYS C 326 36.54 13.08 -3.13
N ALA C 327 37.86 12.88 -3.12
CA ALA C 327 38.84 13.95 -3.00
C ALA C 327 39.57 14.12 -4.31
N ALA C 328 39.83 15.36 -4.70
CA ALA C 328 40.59 15.62 -5.92
C ALA C 328 42.08 15.42 -5.70
N ILE C 329 42.75 14.89 -6.71
CA ILE C 329 44.18 14.66 -6.67
C ILE C 329 44.93 15.97 -7.02
N SER C 330 44.18 16.89 -7.62
CA SER C 330 44.69 18.18 -8.06
C SER C 330 43.52 19.14 -8.19
N THR C 331 43.63 20.30 -7.56
CA THR C 331 42.58 21.30 -7.63
C THR C 331 42.99 22.39 -8.62
N SER C 332 43.45 21.97 -9.79
CA SER C 332 43.88 22.91 -10.81
C SER C 332 42.92 22.93 -11.98
N GLU C 333 43.07 21.95 -12.87
CA GLU C 333 42.42 21.99 -14.17
C GLU C 333 40.95 22.30 -14.06
N THR C 334 40.48 23.15 -14.95
CA THR C 334 39.11 23.58 -14.95
C THR C 334 38.30 22.67 -15.86
N THR C 335 38.83 21.48 -16.08
CA THR C 335 38.13 20.47 -16.87
C THR C 335 38.01 19.17 -16.09
N TYR C 336 36.81 18.59 -16.10
CA TYR C 336 36.59 17.35 -15.37
C TYR C 336 37.38 16.24 -16.03
N LYS C 337 38.08 15.47 -15.21
CA LYS C 337 38.74 14.24 -15.62
C LYS C 337 38.48 13.16 -14.58
N ASN C 338 38.01 12.00 -15.00
CA ASN C 338 37.78 10.93 -14.03
C ASN C 338 39.02 10.51 -13.24
N THR C 339 40.20 10.78 -13.80
CA THR C 339 41.43 10.28 -13.20
C THR C 339 41.95 11.27 -12.18
N ASN C 340 41.32 12.43 -12.11
CA ASN C 340 41.66 13.47 -11.14
C ASN C 340 41.07 13.25 -9.75
N PHE C 341 40.02 12.44 -9.67
CA PHE C 341 39.24 12.22 -8.45
C PHE C 341 39.23 10.79 -7.97
N LYS C 342 39.68 10.56 -6.75
CA LYS C 342 39.58 9.23 -6.19
C LYS C 342 38.23 9.08 -5.46
N GLU C 343 37.41 8.10 -5.86
CA GLU C 343 36.09 7.88 -5.26
C GLU C 343 36.11 6.87 -4.12
N TYR C 344 35.45 7.18 -3.00
CA TYR C 344 35.35 6.25 -1.88
C TYR C 344 33.90 6.07 -1.42
N LEU C 345 33.66 5.04 -0.61
CA LEU C 345 32.37 4.85 0.04
C LEU C 345 32.53 4.81 1.56
N ARG C 346 31.60 5.47 2.27
CA ARG C 346 31.60 5.45 3.74
C ARG C 346 30.19 5.28 4.30
N HIS C 347 30.10 4.59 5.43
CA HIS C 347 28.86 4.47 6.17
C HIS C 347 29.01 4.74 7.69
N GLY C 348 28.11 5.55 8.22
CA GLY C 348 28.03 5.77 9.65
C GLY C 348 26.76 5.19 10.30
N GLU C 349 26.91 4.66 11.50
CA GLU C 349 25.78 4.15 12.25
C GLU C 349 25.73 4.84 13.63
N GLU C 350 24.53 5.16 14.10
CA GLU C 350 24.41 5.95 15.34
C GLU C 350 23.36 5.40 16.31
N TYR C 351 23.83 4.88 17.43
CA TYR C 351 22.96 4.30 18.45
C TYR C 351 23.01 5.12 19.74
N ASP C 352 21.99 4.94 20.58
CA ASP C 352 22.00 5.45 21.96
C ASP C 352 21.09 4.55 22.81
N LEU C 353 21.68 3.67 23.61
CA LEU C 353 20.90 2.68 24.35
C LEU C 353 20.57 3.15 25.75
N GLN C 354 19.30 3.07 26.13
CA GLN C 354 18.84 3.52 27.45
C GLN C 354 18.05 2.43 28.18
N PHE C 355 18.16 2.42 29.50
CA PHE C 355 17.53 1.36 30.28
C PHE C 355 17.00 1.85 31.62
N ILE C 356 15.95 1.18 32.08
CA ILE C 356 15.51 1.27 33.46
C ILE C 356 15.68 -0.09 34.12
N PHE C 357 16.35 -0.14 35.27
CA PHE C 357 16.46 -1.39 36.00
C PHE C 357 15.77 -1.36 37.36
N GLN C 358 15.03 -2.43 37.65
CA GLN C 358 14.43 -2.63 38.97
C GLN C 358 15.32 -3.49 39.86
N LEU C 359 15.55 -3.05 41.09
CA LEU C 359 16.38 -3.80 42.01
C LEU C 359 15.58 -4.97 42.57
N CYS C 360 16.26 -6.10 42.73
CA CYS C 360 15.62 -7.33 43.16
C CYS C 360 16.45 -8.05 44.18
N LYS C 361 15.79 -8.83 45.03
CA LYS C 361 16.47 -9.55 46.11
C LYS C 361 16.10 -11.02 46.09
N ILE C 362 17.05 -11.87 46.43
CA ILE C 362 16.83 -13.31 46.42
C ILE C 362 17.28 -13.96 47.70
N THR C 363 16.34 -14.40 48.52
CA THR C 363 16.71 -15.05 49.76
C THR C 363 17.35 -16.38 49.41
N LEU C 364 18.57 -16.61 49.88
CA LEU C 364 19.32 -17.82 49.55
C LEU C 364 18.99 -19.00 50.48
N THR C 365 17.78 -19.53 50.32
CA THR C 365 17.36 -20.75 51.01
C THR C 365 17.93 -21.98 50.32
N ALA C 366 17.87 -23.12 51.00
CA ALA C 366 18.42 -24.37 50.48
C ALA C 366 17.85 -24.70 49.10
N ASP C 367 16.53 -24.67 49.00
CA ASP C 367 15.85 -24.99 47.74
C ASP C 367 16.31 -24.08 46.60
N VAL C 368 16.39 -22.78 46.89
CA VAL C 368 16.73 -21.79 45.88
C VAL C 368 18.18 -21.97 45.45
N MET C 369 19.07 -22.16 46.42
CA MET C 369 20.48 -22.40 46.11
C MET C 369 20.69 -23.61 45.21
N THR C 370 19.89 -24.67 45.44
CA THR C 370 19.90 -25.83 44.56
C THR C 370 19.47 -25.45 43.13
N TYR C 371 18.34 -24.76 43.02
CA TYR C 371 17.76 -24.39 41.74
C TYR C 371 18.66 -23.46 40.96
N ILE C 372 19.08 -22.37 41.58
CA ILE C 372 20.03 -21.45 40.96
C ILE C 372 21.24 -22.24 40.48
N HIS C 373 21.79 -23.10 41.36
CA HIS C 373 22.94 -23.94 41.01
C HIS C 373 22.72 -24.77 39.74
N SER C 374 21.66 -25.59 39.75
CA SER C 374 21.30 -26.41 38.58
C SER C 374 21.20 -25.55 37.34
N MET C 375 20.60 -24.38 37.52
CA MET C 375 20.28 -23.50 36.42
C MET C 375 21.53 -22.89 35.81
N ASN C 376 22.42 -22.40 36.66
CA ASN C 376 23.69 -21.83 36.25
C ASN C 376 24.60 -21.74 37.46
N SER C 377 25.54 -22.68 37.56
CA SER C 377 26.42 -22.78 38.72
C SER C 377 27.10 -21.49 39.06
N THR C 378 27.42 -20.70 38.03
CA THR C 378 28.26 -19.52 38.20
C THR C 378 27.60 -18.41 39.00
N ILE C 379 26.27 -18.43 39.09
CA ILE C 379 25.55 -17.37 39.81
C ILE C 379 25.94 -17.30 41.28
N LEU C 380 25.91 -18.46 41.93
CA LEU C 380 26.25 -18.58 43.34
C LEU C 380 27.72 -18.34 43.57
N GLU C 381 28.53 -18.77 42.61
CA GLU C 381 29.98 -18.69 42.75
C GLU C 381 30.48 -17.27 42.60
N ASP C 382 29.71 -16.43 41.91
CA ASP C 382 30.13 -15.06 41.64
C ASP C 382 29.60 -14.09 42.68
N TRP C 383 28.67 -14.54 43.52
CA TRP C 383 28.13 -13.66 44.55
C TRP C 383 29.11 -13.57 45.71
N ASN C 384 28.63 -13.78 46.92
CA ASN C 384 29.46 -13.53 48.11
C ASN C 384 30.83 -14.21 48.02
N GLY C 385 30.82 -15.50 47.71
CA GLY C 385 32.06 -16.26 47.54
C GLY C 385 33.01 -15.58 46.59
N GLY C 386 32.58 -15.46 45.33
CA GLY C 386 33.29 -14.76 44.26
C GLY C 386 34.64 -14.14 44.52
N GLY C 387 35.53 -14.92 45.12
CA GLY C 387 36.91 -14.49 45.30
C GLY C 387 37.49 -14.27 43.92
N SER C 388 37.07 -15.12 42.99
CA SER C 388 37.39 -14.97 41.59
C SER C 388 36.60 -13.81 40.97
N GLY C 389 35.69 -14.15 40.07
CA GLY C 389 35.02 -13.17 39.24
C GLY C 389 35.07 -13.73 37.84
N ALA C 390 35.64 -14.93 37.75
CA ALA C 390 35.73 -15.78 36.55
C ALA C 390 35.91 -15.05 35.21
N GLU C 391 37.07 -15.25 34.60
CA GLU C 391 37.39 -14.69 33.28
C GLU C 391 36.24 -14.84 32.28
N ASP C 392 36.23 -13.99 31.26
CA ASP C 392 35.23 -14.01 30.19
C ASP C 392 35.01 -15.42 29.63
N PRO C 393 33.83 -16.01 29.89
CA PRO C 393 33.46 -17.33 29.38
C PRO C 393 32.93 -17.29 27.94
N LEU C 394 33.07 -16.14 27.29
CA LEU C 394 32.75 -16.01 25.86
C LEU C 394 33.83 -15.18 25.14
N LYS C 395 35.08 -15.36 25.53
CA LYS C 395 36.17 -14.57 24.97
C LYS C 395 36.39 -14.87 23.48
N LYS C 396 36.01 -16.06 23.05
CA LYS C 396 36.17 -16.47 21.66
C LYS C 396 35.24 -15.69 20.70
N TYR C 397 34.11 -15.24 21.21
CA TYR C 397 33.15 -14.47 20.43
C TYR C 397 33.43 -12.97 20.60
N THR C 398 33.01 -12.14 19.64
CA THR C 398 33.17 -10.69 19.83
C THR C 398 31.85 -9.89 19.83
N PHE C 399 31.69 -9.05 20.84
CA PHE C 399 30.55 -8.14 20.94
C PHE C 399 31.00 -6.71 21.14
N TRP C 400 30.20 -5.77 20.65
CA TRP C 400 30.32 -4.38 21.04
C TRP C 400 30.12 -4.27 22.54
N GLU C 401 31.21 -3.99 23.26
CA GLU C 401 31.19 -3.94 24.71
C GLU C 401 30.72 -2.60 25.25
N VAL C 402 29.64 -2.63 26.01
CA VAL C 402 29.08 -1.43 26.58
C VAL C 402 29.24 -1.47 28.08
N ASN C 403 30.00 -0.53 28.63
CA ASN C 403 30.16 -0.45 30.08
C ASN C 403 29.17 0.52 30.72
N LEU C 404 28.35 0.02 31.63
CA LEU C 404 27.36 0.88 32.28
C LEU C 404 27.58 0.98 33.79
N LYS C 405 28.76 0.56 34.26
CA LYS C 405 29.03 0.51 35.70
C LYS C 405 28.93 1.89 36.35
N GLU C 406 29.37 2.92 35.65
CA GLU C 406 29.40 4.26 36.20
C GLU C 406 28.29 5.15 35.68
N LYS C 407 27.18 4.55 35.27
CA LYS C 407 26.11 5.30 34.58
C LYS C 407 24.74 5.03 35.16
N PHE C 408 24.68 4.32 36.27
CA PHE C 408 23.43 4.14 37.00
C PHE C 408 23.09 5.38 37.82
N SER C 409 21.86 5.85 37.70
CA SER C 409 21.38 7.01 38.45
C SER C 409 20.02 6.74 39.07
N ALA C 410 19.82 7.17 40.31
CA ALA C 410 18.53 6.95 40.93
C ALA C 410 17.52 7.98 40.46
N ASP C 411 17.98 9.10 39.91
CA ASP C 411 17.08 10.18 39.45
C ASP C 411 16.47 9.95 38.07
N LEU C 412 15.46 9.08 37.97
CA LEU C 412 14.87 8.78 36.66
C LEU C 412 14.26 10.02 36.03
N ASP C 413 13.66 10.83 36.89
CA ASP C 413 13.33 12.22 36.61
C ASP C 413 14.17 12.88 35.50
N GLN C 414 15.48 12.68 35.51
CA GLN C 414 16.41 13.51 34.74
C GLN C 414 16.85 12.93 33.39
N PHE C 415 16.24 11.85 32.96
CA PHE C 415 16.59 11.25 31.68
C PHE C 415 15.30 11.02 30.86
N PRO C 416 15.40 11.08 29.52
CA PRO C 416 14.20 10.86 28.70
C PRO C 416 13.52 9.51 28.93
N LEU C 417 14.24 8.40 29.02
CA LEU C 417 13.57 7.13 29.30
C LEU C 417 12.96 7.22 30.69
N GLY C 418 13.70 7.84 31.61
CA GLY C 418 13.26 7.97 32.98
C GLY C 418 11.91 8.63 33.17
N ARG C 419 11.75 9.80 32.57
CA ARG C 419 10.48 10.49 32.59
C ARG C 419 9.40 9.56 32.07
N LYS C 420 9.65 8.95 30.91
CA LYS C 420 8.65 8.09 30.29
C LYS C 420 8.23 7.00 31.25
N PHE C 421 9.20 6.35 31.88
CA PHE C 421 8.92 5.28 32.84
C PHE C 421 8.00 5.75 33.96
N LEU C 422 8.35 6.85 34.59
CA LEU C 422 7.57 7.33 35.69
C LEU C 422 6.16 7.69 35.23
N LEU C 423 6.07 8.35 34.08
CA LEU C 423 4.78 8.71 33.48
C LEU C 423 3.89 7.49 33.23
N GLN C 424 4.50 6.40 32.77
CA GLN C 424 3.79 5.14 32.55
C GLN C 424 3.48 4.44 33.87
N ALA C 425 4.11 4.91 34.96
CA ALA C 425 3.82 4.43 36.31
C ALA C 425 2.61 5.12 36.89
N GLY C 426 2.11 6.14 36.19
CA GLY C 426 0.80 6.73 36.48
C GLY C 426 -0.29 5.72 36.21
N LEU C 427 -0.53 4.87 37.21
CA LEU C 427 -1.36 3.68 37.08
C LEU C 427 -1.94 3.27 38.44
N ALA D 1 20.22 19.46 39.62
CA ALA D 1 18.98 18.70 39.52
C ALA D 1 17.87 19.52 38.84
N VAL D 2 17.55 19.15 37.60
CA VAL D 2 16.58 19.89 36.80
C VAL D 2 15.12 19.55 37.16
N VAL D 3 14.23 20.52 37.03
CA VAL D 3 12.86 20.33 37.44
C VAL D 3 11.89 20.89 36.41
N SER D 4 10.72 20.27 36.36
CA SER D 4 9.62 20.70 35.49
C SER D 4 9.33 22.17 35.67
N THR D 5 8.92 22.86 34.61
CA THR D 5 8.51 24.23 34.77
C THR D 5 7.20 24.31 35.55
N ASP D 6 6.50 23.19 35.65
CA ASP D 6 5.26 23.14 36.42
C ASP D 6 5.50 23.55 37.87
N GLU D 7 6.70 23.28 38.37
CA GLU D 7 7.09 23.56 39.75
C GLU D 7 7.03 25.04 40.08
N TYR D 8 7.77 25.83 39.30
CA TYR D 8 7.95 27.25 39.59
C TYR D 8 7.20 28.21 38.68
N VAL D 9 6.50 27.70 37.67
CA VAL D 9 5.76 28.60 36.80
C VAL D 9 4.24 28.44 36.99
N ALA D 10 3.58 29.55 37.32
CA ALA D 10 2.17 29.52 37.61
C ALA D 10 1.31 29.92 36.40
N ARG D 11 0.34 29.06 36.11
CA ARG D 11 -0.55 29.25 34.99
C ARG D 11 -1.67 30.19 35.39
N THR D 12 -1.83 31.26 34.62
CA THR D 12 -3.01 32.11 34.75
C THR D 12 -4.11 31.56 33.88
N ASN D 13 -5.25 32.25 33.88
CA ASN D 13 -6.37 31.84 33.08
C ASN D 13 -6.46 32.64 31.78
N ILE D 14 -5.51 33.53 31.54
CA ILE D 14 -5.56 34.40 30.38
C ILE D 14 -4.92 33.77 29.15
N TYR D 15 -5.67 33.69 28.06
CA TYR D 15 -5.13 33.18 26.81
C TYR D 15 -5.18 34.21 25.68
N TYR D 16 -4.14 34.24 24.86
CA TYR D 16 -4.11 35.11 23.69
C TYR D 16 -3.92 34.30 22.42
N HIS D 17 -4.43 34.86 21.32
CA HIS D 17 -4.17 34.33 20.00
C HIS D 17 -3.22 35.25 19.26
N ALA D 18 -2.41 34.65 18.42
CA ALA D 18 -1.49 35.40 17.59
C ALA D 18 -1.28 34.63 16.29
N GLY D 19 -1.16 35.32 15.17
CA GLY D 19 -0.86 34.64 13.94
C GLY D 19 -0.13 35.53 12.94
N THR D 20 0.65 34.89 12.08
CA THR D 20 1.18 35.59 10.92
C THR D 20 0.01 35.80 9.97
N SER D 21 0.12 36.72 9.03
CA SER D 21 -0.99 36.87 8.10
C SER D 21 -0.99 35.67 7.17
N ARG D 22 0.03 35.63 6.33
CA ARG D 22 0.21 34.64 5.30
C ARG D 22 1.60 34.87 4.83
N LEU D 23 2.49 33.94 5.12
CA LEU D 23 3.86 34.17 4.78
C LEU D 23 4.09 33.57 3.42
N LEU D 24 4.88 34.24 2.60
CA LEU D 24 5.03 33.82 1.23
C LEU D 24 6.47 33.90 0.77
N ALA D 25 6.99 32.80 0.22
CA ALA D 25 8.32 32.79 -0.40
C ALA D 25 8.27 32.28 -1.84
N VAL D 26 8.90 33.03 -2.73
CA VAL D 26 9.00 32.66 -4.12
C VAL D 26 10.45 32.77 -4.53
N GLY D 27 10.94 31.78 -5.25
CA GLY D 27 12.27 31.86 -5.79
C GLY D 27 12.55 30.73 -6.74
N HIS D 28 13.83 30.46 -6.93
CA HIS D 28 14.30 29.42 -7.82
C HIS D 28 14.62 28.18 -6.99
N PRO D 29 14.14 27.00 -7.43
CA PRO D 29 14.28 25.74 -6.69
C PRO D 29 15.71 25.29 -6.36
N TYR D 30 16.67 25.63 -7.21
CA TYR D 30 17.99 25.00 -7.13
C TYR D 30 19.08 25.93 -6.68
N PHE D 31 18.99 27.20 -7.04
CA PHE D 31 20.10 28.12 -6.73
C PHE D 31 19.69 29.59 -6.76
N PRO D 32 20.41 30.44 -6.02
CA PRO D 32 20.01 31.85 -6.07
C PRO D 32 20.43 32.53 -7.39
N ILE D 33 19.52 33.34 -7.95
CA ILE D 33 19.83 34.08 -9.18
C ILE D 33 20.39 35.44 -8.82
N LYS D 34 21.59 35.73 -9.26
CA LYS D 34 22.21 37.01 -8.89
C LYS D 34 22.85 37.69 -10.10
N LYS D 35 23.45 38.84 -9.86
CA LYS D 35 24.15 39.59 -10.92
C LYS D 35 25.59 39.08 -11.03
N ASN D 37 28.63 40.29 -12.27
CA ASN D 37 29.64 41.16 -11.68
C ASN D 37 29.52 41.20 -10.15
N ASN D 38 28.34 40.83 -9.67
CA ASN D 38 27.92 41.14 -8.31
C ASN D 38 27.78 39.93 -7.40
N ASN D 39 27.21 40.20 -6.23
CA ASN D 39 26.87 39.16 -5.27
C ASN D 39 25.49 39.44 -4.67
N LYS D 40 24.85 40.46 -5.19
CA LYS D 40 23.49 40.83 -4.86
C LYS D 40 22.53 39.72 -5.24
N ILE D 41 21.85 39.12 -4.27
CA ILE D 41 20.89 38.07 -4.61
C ILE D 41 19.61 38.66 -5.22
N LEU D 42 19.44 38.47 -6.53
CA LEU D 42 18.31 39.04 -7.25
C LEU D 42 17.04 38.17 -7.11
N VAL D 43 17.21 36.85 -7.10
CA VAL D 43 16.12 35.91 -6.85
C VAL D 43 16.59 34.75 -5.98
N PRO D 44 15.98 34.58 -4.81
CA PRO D 44 16.52 33.62 -3.84
C PRO D 44 16.30 32.16 -4.18
N LYS D 45 17.09 31.30 -3.56
CA LYS D 45 16.83 29.89 -3.70
C LYS D 45 15.68 29.54 -2.78
N VAL D 46 14.53 29.21 -3.36
CA VAL D 46 13.38 28.77 -2.57
C VAL D 46 12.95 27.34 -2.93
N SER D 47 13.14 26.41 -2.00
CA SER D 47 12.89 25.01 -2.28
C SER D 47 12.00 24.39 -1.24
N GLY D 48 11.23 23.40 -1.66
CA GLY D 48 10.46 22.58 -0.74
C GLY D 48 11.39 21.65 0.01
N LEU D 49 12.66 21.62 -0.41
CA LEU D 49 13.64 20.79 0.29
C LEU D 49 14.46 21.57 1.32
N GLN D 50 13.96 22.73 1.70
CA GLN D 50 14.67 23.53 2.70
C GLN D 50 13.99 23.45 4.04
N TYR D 51 14.78 23.52 5.10
CA TYR D 51 14.23 23.84 6.40
C TYR D 51 13.68 25.25 6.37
N ARG D 52 12.50 25.43 6.93
CA ARG D 52 12.05 26.74 7.35
C ARG D 52 12.24 26.84 8.86
N VAL D 53 13.00 27.83 9.34
CA VAL D 53 13.18 27.99 10.78
C VAL D 53 12.68 29.36 11.17
N PHE D 54 11.58 29.38 11.91
CA PHE D 54 10.89 30.63 12.21
C PHE D 54 11.28 31.14 13.59
N ARG D 55 11.82 32.37 13.62
CA ARG D 55 12.12 33.04 14.87
C ARG D 55 10.98 33.98 15.23
N ILE D 56 10.10 33.50 16.11
CA ILE D 56 8.88 34.20 16.50
C ILE D 56 9.13 35.09 17.68
N HIS D 57 8.79 36.36 17.54
CA HIS D 57 9.03 37.35 18.58
C HIS D 57 7.76 37.69 19.29
N LEU D 58 7.80 37.68 20.62
CA LEU D 58 6.59 37.86 21.40
C LEU D 58 6.62 39.18 22.12
N PRO D 59 5.45 39.77 22.36
CA PRO D 59 5.46 41.00 23.17
C PRO D 59 5.86 40.68 24.59
N ASP D 60 6.76 41.47 25.17
CA ASP D 60 7.11 41.30 26.57
C ASP D 60 5.84 41.40 27.40
N PRO D 61 5.48 40.32 28.10
CA PRO D 61 4.25 40.32 28.90
C PRO D 61 4.40 41.26 30.08
N ASN D 62 5.64 41.56 30.44
CA ASN D 62 5.91 42.57 31.45
C ASN D 62 5.62 43.97 30.93
N LYS D 63 6.16 44.30 29.77
CA LYS D 63 5.88 45.58 29.12
C LYS D 63 4.45 45.63 28.54
N PHE D 64 3.86 44.46 28.25
CA PHE D 64 2.54 44.36 27.63
C PHE D 64 1.48 45.07 28.47
N GLY D 65 0.41 45.53 27.84
CA GLY D 65 -0.59 46.33 28.53
C GLY D 65 -1.96 45.70 28.69
N PHE D 66 -2.15 44.97 29.80
CA PHE D 66 -3.42 44.29 30.07
C PHE D 66 -4.50 45.27 30.58
N PRO D 67 -5.77 44.97 30.25
CA PRO D 67 -6.90 45.71 30.83
C PRO D 67 -6.92 45.56 32.36
N ASP D 68 -6.62 44.37 32.83
CA ASP D 68 -6.52 44.12 34.28
C ASP D 68 -5.13 43.62 34.67
N THR D 69 -4.58 44.20 35.75
CA THR D 69 -3.26 43.85 36.26
C THR D 69 -3.31 43.48 37.75
N SER D 70 -4.46 42.92 38.16
CA SER D 70 -4.70 42.50 39.54
C SER D 70 -4.41 41.01 39.77
N PHE D 71 -4.43 40.25 38.67
CA PHE D 71 -4.18 38.80 38.69
C PHE D 71 -2.77 38.43 39.15
N TYR D 72 -1.88 39.42 39.27
CA TYR D 72 -0.51 39.18 39.72
C TYR D 72 0.09 40.40 40.43
N ASN D 73 1.22 40.17 41.11
CA ASN D 73 1.91 41.20 41.88
C ASN D 73 3.21 41.58 41.18
N PRO D 74 3.23 42.73 40.48
CA PRO D 74 4.43 43.13 39.72
C PRO D 74 5.71 43.41 40.56
N ASP D 75 5.72 43.06 41.84
CA ASP D 75 6.90 43.28 42.69
C ASP D 75 7.57 41.97 43.09
N THR D 76 6.76 40.96 43.42
CA THR D 76 7.29 39.64 43.80
C THR D 76 7.52 38.74 42.59
N GLN D 77 6.73 38.92 41.53
CA GLN D 77 6.78 37.98 40.40
C GLN D 77 7.07 38.58 39.01
N ARG D 78 7.18 37.70 38.02
CA ARG D 78 7.44 38.12 36.64
C ARG D 78 6.58 37.34 35.66
N LEU D 79 6.42 37.86 34.45
CA LEU D 79 5.53 37.24 33.46
C LEU D 79 6.26 36.59 32.29
N VAL D 80 5.77 35.42 31.87
CA VAL D 80 6.28 34.68 30.71
C VAL D 80 5.14 34.11 29.88
N TRP D 81 5.28 34.13 28.56
CA TRP D 81 4.32 33.47 27.69
C TRP D 81 4.62 31.98 27.63
N ALA D 82 3.58 31.17 27.75
CA ALA D 82 3.70 29.74 27.47
C ALA D 82 2.90 29.41 26.22
N CYS D 83 3.45 28.54 25.40
CA CYS D 83 2.78 28.15 24.18
C CYS D 83 1.93 26.91 24.42
N VAL D 84 0.63 27.01 24.10
CA VAL D 84 -0.31 25.93 24.43
C VAL D 84 -0.93 25.32 23.17
N GLY D 85 -0.88 26.05 22.06
CA GLY D 85 -1.37 25.51 20.80
C GLY D 85 -0.65 26.09 19.59
N VAL D 86 -0.51 25.29 18.54
CA VAL D 86 0.13 25.72 17.30
C VAL D 86 -0.58 25.10 16.10
N GLU D 87 -0.81 25.90 15.07
CA GLU D 87 -1.26 25.36 13.78
C GLU D 87 -0.32 25.85 12.71
N VAL D 88 0.39 24.93 12.06
CA VAL D 88 1.24 25.33 10.96
C VAL D 88 0.46 25.25 9.65
N GLY D 89 -0.18 26.34 9.27
CA GLY D 89 -0.91 26.41 8.02
C GLY D 89 -0.05 26.27 6.78
N ARG D 90 -0.50 25.43 5.86
CA ARG D 90 0.19 25.20 4.61
C ARG D 90 -0.75 25.47 3.47
N GLY D 91 -0.24 26.06 2.40
CA GLY D 91 -1.06 26.74 1.44
C GLY D 91 -1.21 26.24 0.01
N GLN D 92 -0.19 25.66 -0.59
CA GLN D 92 -0.36 25.33 -2.01
C GLN D 92 -0.95 23.92 -2.19
N PRO D 93 -1.25 23.51 -3.45
CA PRO D 93 -1.64 22.10 -3.65
C PRO D 93 -0.51 21.11 -3.39
N LEU D 94 -0.89 19.87 -3.10
CA LEU D 94 0.09 18.84 -2.83
C LEU D 94 0.78 18.46 -4.13
N GLY D 95 2.07 18.19 -4.07
CA GLY D 95 2.75 17.77 -5.27
C GLY D 95 4.23 17.63 -5.06
N VAL D 96 4.88 17.03 -6.04
CA VAL D 96 6.29 16.73 -5.86
C VAL D 96 7.16 17.37 -6.93
N GLY D 97 8.13 18.16 -6.50
CA GLY D 97 9.13 18.70 -7.38
C GLY D 97 10.20 17.66 -7.66
N ILE D 98 11.23 18.09 -8.37
CA ILE D 98 12.24 17.19 -8.91
C ILE D 98 13.59 17.91 -9.01
N SER D 99 14.69 17.18 -8.90
CA SER D 99 16.02 17.82 -8.90
C SER D 99 17.02 16.98 -9.64
N GLY D 100 17.97 17.64 -10.28
CA GLY D 100 19.03 16.94 -10.96
C GLY D 100 20.24 17.81 -11.19
N HIS D 101 21.16 17.29 -12.00
CA HIS D 101 22.42 17.92 -12.30
C HIS D 101 22.73 17.58 -13.77
N PRO D 102 23.06 18.61 -14.59
CA PRO D 102 23.36 18.36 -16.02
C PRO D 102 24.55 17.44 -16.17
N LEU D 103 25.38 17.39 -15.13
CA LEU D 103 26.63 16.65 -15.14
C LEU D 103 26.77 15.77 -13.90
N LEU D 104 25.73 15.01 -13.60
CA LEU D 104 25.78 14.06 -12.50
C LEU D 104 26.81 12.96 -12.73
N ASN D 105 27.52 12.54 -11.68
CA ASN D 105 28.50 11.46 -11.80
C ASN D 105 27.84 10.08 -11.83
N LYS D 106 27.23 9.76 -12.97
CA LYS D 106 26.67 8.44 -13.21
C LYS D 106 27.44 7.76 -14.32
N LEU D 107 28.09 6.66 -13.99
CA LEU D 107 28.77 5.85 -15.00
C LEU D 107 27.73 5.00 -15.73
N ASP D 108 27.44 3.81 -15.24
CA ASP D 108 26.45 3.02 -15.93
C ASP D 108 25.31 2.57 -15.04
N ASP D 109 24.31 1.98 -15.69
CA ASP D 109 23.16 1.40 -15.02
C ASP D 109 23.57 0.01 -14.57
N THR D 110 23.54 -0.23 -13.26
CA THR D 110 23.98 -1.52 -12.73
C THR D 110 22.81 -2.31 -12.12
N GLU D 111 21.60 -1.80 -12.29
CA GLU D 111 20.41 -2.50 -11.82
C GLU D 111 20.24 -3.79 -12.60
N ASN D 112 20.63 -3.73 -13.86
CA ASN D 112 20.51 -4.83 -14.77
C ASN D 112 21.45 -4.51 -15.92
N ALA D 113 22.09 -5.54 -16.49
CA ALA D 113 23.03 -5.30 -17.60
C ALA D 113 23.31 -6.60 -18.35
N SER D 114 23.38 -6.49 -19.66
CA SER D 114 23.45 -7.66 -20.55
C SER D 114 24.86 -7.91 -21.08
N ALA D 115 25.65 -6.84 -21.14
CA ALA D 115 27.06 -6.98 -21.50
C ALA D 115 27.89 -6.19 -20.50
N TYR D 116 29.14 -6.59 -20.31
CA TYR D 116 30.02 -5.85 -19.44
C TYR D 116 30.20 -4.46 -20.04
N ALA D 117 29.95 -3.42 -19.23
CA ALA D 117 30.05 -2.03 -19.67
C ALA D 117 31.44 -1.71 -20.29
N ALA D 118 31.49 -0.66 -21.10
CA ALA D 118 32.67 -0.29 -21.87
C ALA D 118 33.92 -0.04 -21.01
N ASN D 119 34.36 1.21 -20.99
CA ASN D 119 35.46 1.63 -20.13
C ASN D 119 35.35 3.11 -19.87
N ALA D 120 35.62 3.52 -18.63
CA ALA D 120 35.47 4.92 -18.25
C ALA D 120 36.45 5.80 -19.04
N GLY D 121 35.93 6.68 -19.88
CA GLY D 121 36.77 7.61 -20.61
C GLY D 121 36.96 8.89 -19.80
N VAL D 122 37.14 10.01 -20.50
CA VAL D 122 37.22 11.32 -19.84
C VAL D 122 35.78 11.81 -19.70
N ASP D 123 35.37 12.19 -18.51
CA ASP D 123 34.01 12.72 -18.36
C ASP D 123 32.88 11.81 -18.93
N ASN D 124 32.30 10.97 -18.08
CA ASN D 124 31.16 10.16 -18.46
C ASN D 124 29.86 10.67 -17.86
N ARG D 125 29.86 11.88 -17.34
CA ARG D 125 28.72 12.38 -16.56
C ARG D 125 27.45 12.54 -17.41
N GLU D 126 26.29 12.38 -16.75
CA GLU D 126 24.98 12.37 -17.43
C GLU D 126 24.01 13.39 -16.86
N CYS D 127 23.11 13.89 -17.69
CA CYS D 127 22.06 14.79 -17.21
C CYS D 127 20.92 13.98 -16.56
N ILE D 128 20.98 13.86 -15.25
CA ILE D 128 20.09 12.98 -14.50
C ILE D 128 19.31 13.74 -13.46
N SER D 129 18.01 13.48 -13.37
CA SER D 129 17.26 14.09 -12.31
C SER D 129 16.61 13.02 -11.47
N MET D 130 15.96 13.43 -10.40
CA MET D 130 15.39 12.50 -9.47
C MET D 130 14.38 13.21 -8.55
N ASP D 131 13.42 12.43 -8.05
CA ASP D 131 12.46 12.96 -7.08
C ASP D 131 12.98 12.59 -5.70
N TYR D 132 13.09 13.58 -4.84
CA TYR D 132 13.79 13.39 -3.57
C TYR D 132 12.94 12.65 -2.55
N LYS D 133 13.60 12.14 -1.52
CA LYS D 133 12.94 11.46 -0.42
C LYS D 133 11.92 12.44 0.17
N GLN D 134 10.85 11.91 0.75
CA GLN D 134 9.80 12.74 1.32
C GLN D 134 9.99 13.00 2.82
N THR D 135 9.85 14.25 3.22
CA THR D 135 9.97 14.58 4.63
C THR D 135 8.90 15.55 5.09
N GLN D 136 8.23 15.20 6.19
CA GLN D 136 7.47 16.21 6.93
C GLN D 136 7.96 16.24 8.35
N LEU D 137 8.36 17.41 8.82
CA LEU D 137 8.68 17.55 10.22
C LEU D 137 8.32 18.94 10.72
N CYS D 138 7.85 18.99 11.96
CA CYS D 138 7.71 20.26 12.63
C CYS D 138 8.35 20.16 13.99
N LEU D 139 9.20 21.15 14.32
CA LEU D 139 9.94 21.21 15.58
C LEU D 139 9.60 22.46 16.32
N ILE D 140 9.24 22.36 17.60
CA ILE D 140 8.97 23.54 18.40
C ILE D 140 9.72 23.57 19.73
N GLY D 141 10.40 24.70 20.01
CA GLY D 141 11.12 24.89 21.25
C GLY D 141 11.33 26.37 21.50
N CYS D 142 12.00 26.74 22.60
CA CYS D 142 12.32 28.15 22.77
C CYS D 142 13.77 28.43 22.36
N LYS D 143 14.53 27.36 22.12
CA LYS D 143 15.87 27.53 21.55
C LYS D 143 15.81 27.06 20.09
N PRO D 144 16.75 27.52 19.28
CA PRO D 144 16.78 27.08 17.89
C PRO D 144 17.11 25.58 17.79
N PRO D 145 16.67 24.92 16.70
CA PRO D 145 16.91 23.47 16.54
C PRO D 145 18.39 23.15 16.36
N ILE D 146 18.78 21.92 16.69
CA ILE D 146 20.17 21.48 16.52
C ILE D 146 20.21 20.30 15.56
N GLY D 147 21.02 20.42 14.52
CA GLY D 147 21.15 19.35 13.53
C GLY D 147 22.49 18.63 13.53
N GLU D 148 22.53 17.48 12.86
CA GLU D 148 23.77 16.74 12.69
C GLU D 148 24.05 16.47 11.21
N HIS D 149 25.33 16.38 10.86
CA HIS D 149 25.73 16.03 9.51
C HIS D 149 27.16 15.54 9.52
N TRP D 150 27.56 14.74 8.52
CA TRP D 150 28.95 14.29 8.49
C TRP D 150 29.76 15.37 7.78
N GLY D 151 30.87 15.77 8.39
CA GLY D 151 31.77 16.71 7.77
C GLY D 151 33.18 16.16 7.71
N LYS D 152 34.10 16.93 7.14
CA LYS D 152 35.50 16.51 7.08
C LYS D 152 36.14 16.77 8.43
N GLY D 153 36.53 15.70 9.10
CA GLY D 153 37.14 15.81 10.41
C GLY D 153 38.50 16.40 10.30
N SER D 154 39.19 16.54 11.42
CA SER D 154 40.60 16.91 11.40
C SER D 154 41.44 15.63 11.31
N PRO D 155 42.57 15.71 10.61
CA PRO D 155 43.52 14.59 10.52
C PRO D 155 44.55 14.67 11.64
N CYS D 156 44.92 13.52 12.21
CA CYS D 156 45.88 13.46 13.33
C CYS D 156 47.35 13.53 12.88
N THR D 157 48.11 14.46 13.46
CA THR D 157 49.50 14.75 13.05
C THR D 157 50.39 13.50 12.95
N ASN D 158 50.05 12.64 11.99
CA ASN D 158 50.77 11.40 11.74
C ASN D 158 51.02 11.20 10.25
N VAL D 159 50.45 10.12 9.72
CA VAL D 159 50.52 9.81 8.30
C VAL D 159 50.18 11.05 7.49
N ALA D 160 51.14 11.52 6.69
CA ALA D 160 50.92 12.65 5.80
C ALA D 160 49.80 12.32 4.81
N VAL D 161 49.04 13.35 4.44
CA VAL D 161 47.92 13.16 3.54
C VAL D 161 48.36 13.38 2.11
N ASN D 162 48.43 12.30 1.36
CA ASN D 162 48.64 12.35 -0.08
C ASN D 162 47.40 12.92 -0.74
N PRO D 163 47.56 13.73 -1.79
CA PRO D 163 46.37 14.29 -2.44
C PRO D 163 45.43 13.17 -2.88
N GLY D 164 44.14 13.36 -2.68
CA GLY D 164 43.18 12.35 -3.09
C GLY D 164 42.93 11.25 -2.07
N ASP D 165 43.58 11.31 -0.91
CA ASP D 165 43.25 10.38 0.17
C ASP D 165 41.82 10.61 0.61
N CYS D 166 41.22 9.59 1.21
CA CYS D 166 39.84 9.72 1.65
C CYS D 166 39.77 10.61 2.89
N PRO D 167 38.94 11.65 2.84
CA PRO D 167 38.87 12.57 3.97
C PRO D 167 38.29 11.88 5.19
N PRO D 168 38.74 12.29 6.39
CA PRO D 168 38.24 11.75 7.65
C PRO D 168 36.83 12.27 8.02
N LEU D 169 35.92 11.36 8.34
CA LEU D 169 34.58 11.78 8.76
C LEU D 169 34.56 12.19 10.24
N GLU D 170 33.67 13.12 10.54
CA GLU D 170 33.38 13.53 11.90
C GLU D 170 31.92 13.93 11.97
N LEU D 171 31.21 13.51 13.02
CA LEU D 171 29.82 13.93 13.17
C LEU D 171 29.79 15.33 13.74
N ILE D 172 29.07 16.24 13.09
CA ILE D 172 29.14 17.65 13.45
C ILE D 172 27.78 18.22 13.84
N ASN D 173 27.70 18.83 15.02
CA ASN D 173 26.48 19.48 15.48
C ASN D 173 26.46 20.95 15.07
N THR D 174 25.29 21.43 14.70
CA THR D 174 25.15 22.71 14.04
C THR D 174 23.79 23.29 14.42
N VAL D 175 23.61 24.60 14.29
CA VAL D 175 22.28 25.18 14.41
C VAL D 175 21.58 25.18 13.05
N ILE D 176 20.47 24.44 12.93
CA ILE D 176 19.68 24.47 11.70
C ILE D 176 19.21 25.89 11.43
N GLN D 177 19.70 26.48 10.35
CA GLN D 177 19.28 27.82 9.98
C GLN D 177 18.21 27.80 8.91
N ASP D 178 17.38 28.81 8.90
CA ASP D 178 16.39 28.94 7.84
C ASP D 178 17.06 28.99 6.48
N GLY D 179 16.71 28.07 5.60
CA GLY D 179 17.37 27.97 4.30
C GLY D 179 18.30 26.78 4.21
N ASP D 180 18.61 26.13 5.33
CA ASP D 180 19.43 24.92 5.28
C ASP D 180 18.67 23.83 4.55
N MET D 181 19.39 22.85 4.00
CA MET D 181 18.77 21.78 3.23
C MET D 181 18.60 20.49 4.04
N VAL D 182 17.43 19.86 3.92
CA VAL D 182 17.15 18.53 4.49
C VAL D 182 17.92 17.45 3.79
N ASP D 183 18.12 16.32 4.47
CA ASP D 183 18.62 15.15 3.79
C ASP D 183 17.61 14.74 2.71
N THR D 184 18.12 14.35 1.55
CA THR D 184 17.25 14.14 0.40
C THR D 184 17.24 12.70 -0.12
N GLY D 185 18.04 11.85 0.51
CA GLY D 185 18.21 10.51 0.01
C GLY D 185 19.67 10.19 -0.10
N PHE D 186 20.51 11.18 0.17
CA PHE D 186 21.95 10.95 0.16
C PHE D 186 22.57 11.19 1.54
N GLY D 187 21.76 11.06 2.59
CA GLY D 187 22.24 11.18 3.96
C GLY D 187 22.47 12.62 4.36
N ALA D 188 22.87 12.84 5.62
CA ALA D 188 23.14 14.20 6.12
C ALA D 188 24.63 14.49 6.16
N MET D 189 25.11 15.24 5.17
CA MET D 189 26.54 15.47 5.06
C MET D 189 26.87 16.78 4.37
N ASP D 190 28.13 17.22 4.54
CA ASP D 190 28.67 18.37 3.84
C ASP D 190 29.28 17.94 2.51
N PHE D 191 28.53 18.12 1.43
CA PHE D 191 28.98 17.69 0.12
C PHE D 191 30.09 18.58 -0.44
N THR D 192 30.05 19.85 -0.07
CA THR D 192 31.04 20.83 -0.46
C THR D 192 32.45 20.36 -0.10
N THR D 193 32.61 19.82 1.11
CA THR D 193 33.94 19.45 1.60
C THR D 193 34.23 17.96 1.51
N LEU D 194 33.19 17.15 1.33
CA LEU D 194 33.37 15.71 1.19
C LEU D 194 33.31 15.23 -0.27
N GLN D 195 33.02 16.14 -1.20
CA GLN D 195 32.87 15.77 -2.60
C GLN D 195 33.47 16.83 -3.54
N ALA D 196 34.78 16.73 -3.80
CA ALA D 196 35.50 17.73 -4.60
C ALA D 196 34.93 17.79 -6.01
N ASN D 197 34.54 16.61 -6.50
CA ASN D 197 33.72 16.38 -7.69
C ASN D 197 32.80 17.50 -8.14
N LYS D 198 31.96 17.96 -7.20
CA LYS D 198 30.84 18.89 -7.43
C LYS D 198 29.72 18.27 -8.31
N SER D 199 29.76 16.95 -8.46
CA SER D 199 28.84 16.33 -9.39
C SER D 199 28.35 14.97 -8.90
N GLU D 200 28.24 14.80 -7.59
CA GLU D 200 27.76 13.52 -7.07
C GLU D 200 26.26 13.57 -6.81
N VAL D 201 25.73 14.78 -6.63
CA VAL D 201 24.33 14.96 -6.28
C VAL D 201 23.76 16.16 -7.06
N PRO D 202 22.41 16.34 -7.08
CA PRO D 202 21.83 17.43 -7.89
C PRO D 202 22.30 18.81 -7.51
N LEU D 203 22.10 19.77 -8.42
CA LEU D 203 22.46 21.17 -8.22
C LEU D 203 22.04 21.82 -6.89
N ASP D 204 20.95 21.38 -6.28
CA ASP D 204 20.38 22.10 -5.15
C ASP D 204 20.98 21.73 -3.77
N ILE D 205 21.75 20.66 -3.71
CA ILE D 205 22.42 20.25 -2.47
C ILE D 205 23.90 20.02 -2.76
N CYS D 206 24.24 20.31 -4.00
CA CYS D 206 25.55 20.03 -4.56
C CYS D 206 26.69 20.83 -3.87
N THR D 207 26.39 22.04 -3.43
CA THR D 207 27.37 22.78 -2.66
C THR D 207 26.70 23.28 -1.37
N SER D 208 26.01 22.36 -0.70
CA SER D 208 25.26 22.62 0.54
C SER D 208 25.59 21.63 1.67
N ILE D 209 25.09 21.92 2.86
CA ILE D 209 25.10 20.93 3.93
C ILE D 209 23.68 20.36 4.08
N CYS D 210 23.55 19.06 3.95
CA CYS D 210 22.27 18.44 4.22
C CYS D 210 22.26 18.03 5.68
N LYS D 211 21.36 18.60 6.46
CA LYS D 211 21.36 18.32 7.89
C LYS D 211 20.10 17.58 8.32
N TYR D 212 20.24 16.80 9.38
CA TYR D 212 19.13 16.03 9.93
C TYR D 212 19.02 16.37 11.42
N PRO D 213 17.80 16.62 11.88
CA PRO D 213 17.67 17.05 13.28
C PRO D 213 18.35 16.05 14.21
N ASP D 214 19.09 16.53 15.19
CA ASP D 214 19.65 15.63 16.19
C ASP D 214 18.63 15.46 17.31
N TYR D 215 17.63 14.63 17.05
CA TYR D 215 16.56 14.35 17.98
C TYR D 215 17.12 13.83 19.30
N ILE D 216 18.12 12.97 19.21
CA ILE D 216 18.61 12.29 20.41
C ILE D 216 19.32 13.30 21.32
N LYS D 217 20.07 14.23 20.72
CA LYS D 217 20.77 15.23 21.51
C LYS D 217 19.78 16.25 22.11
N MET D 218 18.84 16.69 21.29
CA MET D 218 17.88 17.71 21.69
C MET D 218 16.99 17.21 22.81
N VAL D 219 16.58 15.96 22.74
CA VAL D 219 15.72 15.41 23.78
C VAL D 219 16.50 15.19 25.08
N SER D 220 17.75 14.77 24.92
CA SER D 220 18.69 14.57 26.02
C SER D 220 19.00 15.83 26.81
N GLU D 221 19.02 16.96 26.11
CA GLU D 221 19.22 18.26 26.74
C GLU D 221 18.45 18.37 28.05
N PRO D 222 19.16 18.66 29.16
CA PRO D 222 18.59 18.63 30.51
C PRO D 222 17.35 19.49 30.69
N TYR D 223 17.32 20.72 30.18
CA TYR D 223 16.16 21.59 30.43
C TYR D 223 15.08 21.37 29.37
N GLY D 224 15.51 20.98 28.16
CA GLY D 224 14.59 20.67 27.07
C GLY D 224 13.98 21.89 26.42
N ASP D 225 14.80 22.93 26.28
CA ASP D 225 14.35 24.20 25.76
C ASP D 225 14.29 24.21 24.24
N SER D 226 15.10 23.38 23.62
CA SER D 226 15.32 23.47 22.17
C SER D 226 14.16 22.89 21.39
N LEU D 227 13.54 21.83 21.92
CA LEU D 227 12.29 21.36 21.37
C LEU D 227 11.39 20.72 22.44
N PHE D 228 10.19 21.27 22.62
CA PHE D 228 9.27 20.63 23.54
C PHE D 228 8.11 19.93 22.84
N PHE D 229 8.25 19.74 21.54
CA PHE D 229 7.26 19.04 20.73
C PHE D 229 7.86 18.79 19.35
N TYR D 230 7.67 17.60 18.78
CA TYR D 230 7.98 17.45 17.34
C TYR D 230 7.10 16.42 16.63
N LEU D 231 7.01 16.56 15.32
CA LEU D 231 6.42 15.52 14.50
C LEU D 231 7.33 15.27 13.33
N ARG D 232 7.59 14.01 13.03
CA ARG D 232 8.38 13.65 11.86
C ARG D 232 7.70 12.54 11.07
N ARG D 233 7.82 12.66 9.76
CA ARG D 233 7.32 11.71 8.79
C ARG D 233 8.31 11.77 7.62
N GLU D 234 9.03 10.67 7.42
CA GLU D 234 9.99 10.55 6.32
C GLU D 234 9.91 9.15 5.70
N GLN D 235 10.00 9.08 4.37
CA GLN D 235 9.91 7.84 3.65
C GLN D 235 10.70 7.91 2.36
N MET D 236 11.24 6.75 1.96
CA MET D 236 12.14 6.63 0.83
C MET D 236 12.31 5.21 0.30
N PHE D 237 12.44 5.08 -1.02
CA PHE D 237 12.90 3.81 -1.59
C PHE D 237 13.91 4.03 -2.74
N VAL D 238 14.48 2.93 -3.23
CA VAL D 238 15.50 2.97 -4.28
C VAL D 238 14.90 2.90 -5.69
N ARG D 239 14.90 4.01 -6.41
CA ARG D 239 14.31 4.05 -7.74
C ARG D 239 15.30 3.51 -8.80
N HIS D 240 16.55 3.95 -8.78
CA HIS D 240 17.53 3.42 -9.70
C HIS D 240 18.81 3.05 -8.99
N LEU D 241 19.63 2.22 -9.63
CA LEU D 241 20.85 1.73 -9.00
C LEU D 241 22.05 1.96 -9.90
N PHE D 242 22.86 2.94 -9.53
CA PHE D 242 23.92 3.42 -10.41
C PHE D 242 25.34 3.20 -9.92
N ASN D 243 26.24 3.74 -10.72
CA ASN D 243 27.66 3.51 -10.63
C ASN D 243 28.39 4.84 -10.63
N ARG D 244 29.54 4.92 -9.98
CA ARG D 244 30.32 6.14 -10.01
C ARG D 244 31.57 6.02 -10.88
N ALA D 245 31.70 6.94 -11.84
CA ALA D 245 32.99 7.15 -12.48
C ALA D 245 33.89 7.81 -11.46
N GLY D 246 35.17 7.88 -11.79
CA GLY D 246 36.19 8.33 -10.87
C GLY D 246 37.23 7.23 -10.89
N THR D 247 38.29 7.39 -10.12
CA THR D 247 39.22 6.28 -9.98
C THR D 247 39.07 5.64 -8.61
N VAL D 248 39.50 4.39 -8.52
CA VAL D 248 39.30 3.62 -7.31
C VAL D 248 40.15 4.19 -6.19
N GLY D 249 39.49 4.53 -5.10
CA GLY D 249 40.15 5.04 -3.91
C GLY D 249 40.53 3.92 -2.97
N GLU D 250 39.70 2.88 -2.95
CA GLU D 250 40.02 1.71 -2.16
C GLU D 250 39.75 0.47 -3.00
N ASN D 251 40.81 -0.19 -3.42
CA ASN D 251 40.67 -1.33 -4.30
C ASN D 251 39.90 -2.43 -3.63
N VAL D 252 39.23 -3.23 -4.45
CA VAL D 252 38.49 -4.34 -3.90
C VAL D 252 39.52 -5.40 -3.54
N PRO D 253 39.50 -5.85 -2.28
CA PRO D 253 40.36 -6.94 -1.82
C PRO D 253 40.20 -8.17 -2.71
N ASP D 254 41.30 -8.74 -3.20
CA ASP D 254 41.16 -9.81 -4.19
C ASP D 254 40.76 -11.15 -3.56
N ASP D 255 40.59 -11.17 -2.23
CA ASP D 255 40.02 -12.35 -1.57
C ASP D 255 38.49 -12.42 -1.73
N LEU D 256 37.92 -11.39 -2.34
CA LEU D 256 36.47 -11.28 -2.47
C LEU D 256 35.95 -11.64 -3.85
N TYR D 257 36.84 -12.08 -4.73
CA TYR D 257 36.45 -12.45 -6.09
C TYR D 257 37.51 -13.28 -6.78
N ILE D 258 37.16 -13.80 -7.95
CA ILE D 258 38.08 -14.57 -8.75
C ILE D 258 38.37 -13.74 -10.01
N LYS D 259 39.65 -13.54 -10.33
CA LYS D 259 40.06 -12.64 -11.41
C LYS D 259 39.36 -12.98 -12.71
N GLY D 260 39.01 -11.95 -13.48
CA GLY D 260 38.40 -12.17 -14.77
C GLY D 260 39.41 -12.26 -15.89
N SER D 261 38.95 -11.97 -17.11
CA SER D 261 39.80 -11.96 -18.30
C SER D 261 39.04 -11.30 -19.45
N GLY D 262 39.75 -10.97 -20.52
CA GLY D 262 39.13 -10.34 -21.67
C GLY D 262 38.41 -9.08 -21.25
N SER D 263 37.08 -9.09 -21.35
CA SER D 263 36.27 -7.94 -21.00
C SER D 263 36.11 -7.78 -19.48
N THR D 264 36.24 -8.90 -18.75
CA THR D 264 36.13 -8.88 -17.29
C THR D 264 37.49 -8.83 -16.58
N ALA D 265 38.51 -8.34 -17.27
CA ALA D 265 39.88 -8.39 -16.76
C ALA D 265 40.16 -7.18 -15.88
N ASN D 266 39.44 -6.09 -16.18
CA ASN D 266 39.54 -4.86 -15.41
C ASN D 266 38.22 -4.63 -14.73
N LEU D 267 38.24 -4.60 -13.41
CA LEU D 267 37.02 -4.47 -12.62
C LEU D 267 36.23 -3.22 -12.99
N ALA D 268 34.92 -3.33 -12.99
CA ALA D 268 34.09 -2.15 -13.10
C ALA D 268 33.99 -1.53 -11.71
N SER D 269 33.58 -0.27 -11.69
CA SER D 269 33.37 0.46 -10.44
C SER D 269 32.34 -0.25 -9.56
N SER D 270 32.74 -0.56 -8.32
CA SER D 270 31.79 -1.11 -7.36
C SER D 270 31.53 -0.05 -6.29
N ASN D 271 31.55 1.19 -6.76
CA ASN D 271 31.14 2.36 -6.01
C ASN D 271 29.71 2.68 -6.40
N TYR D 272 28.78 1.83 -5.98
CA TYR D 272 27.37 2.01 -6.30
C TYR D 272 26.73 3.11 -5.48
N PHE D 273 25.86 3.87 -6.11
CA PHE D 273 24.96 4.75 -5.37
C PHE D 273 23.57 4.60 -5.93
N PRO D 274 22.56 4.65 -5.06
CA PRO D 274 21.16 4.56 -5.42
C PRO D 274 20.54 5.92 -5.67
N THR D 275 19.45 5.91 -6.42
CA THR D 275 18.66 7.10 -6.65
C THR D 275 17.45 7.07 -5.72
N PRO D 276 17.13 8.19 -5.09
CA PRO D 276 16.04 8.06 -4.14
C PRO D 276 14.71 8.28 -4.81
N SER D 277 13.65 7.93 -4.12
CA SER D 277 12.30 8.34 -4.47
C SER D 277 11.46 8.52 -3.22
N GLY D 278 11.11 9.76 -2.92
CA GLY D 278 10.01 10.02 -2.00
C GLY D 278 8.81 9.66 -2.84
N SER D 279 8.06 8.65 -2.41
CA SER D 279 7.05 8.01 -3.26
C SER D 279 5.84 8.91 -3.52
N MET D 280 4.64 8.41 -3.18
CA MET D 280 3.44 9.20 -3.43
C MET D 280 3.22 10.14 -2.25
N VAL D 281 2.63 11.30 -2.52
CA VAL D 281 2.17 12.22 -1.48
C VAL D 281 0.68 12.13 -1.33
N THR D 282 0.18 12.50 -0.15
CA THR D 282 -1.22 12.26 0.18
C THR D 282 -1.75 13.15 1.31
N SER D 283 -2.99 13.61 1.15
CA SER D 283 -3.69 14.34 2.20
C SER D 283 -3.73 13.59 3.52
N ASP D 284 -4.12 12.33 3.48
CA ASP D 284 -4.31 11.54 4.69
C ASP D 284 -3.07 11.57 5.58
N ALA D 285 -1.90 11.70 4.96
CA ALA D 285 -0.64 11.61 5.68
C ALA D 285 -0.15 12.98 6.17
N GLN D 286 -0.95 14.01 5.92
CA GLN D 286 -0.52 15.37 6.24
C GLN D 286 -0.34 15.59 7.72
N ILE D 287 0.62 16.44 8.04
CA ILE D 287 1.06 16.71 9.39
C ILE D 287 0.57 18.09 9.75
N PHE D 288 0.44 18.92 8.73
CA PHE D 288 0.10 20.32 8.86
C PHE D 288 -1.37 20.56 8.64
N ASN D 289 -1.77 21.81 8.81
CA ASN D 289 -3.15 22.23 8.80
C ASN D 289 -3.98 21.47 9.83
N LYS D 290 -3.35 21.21 10.98
CA LYS D 290 -3.97 20.53 12.11
C LYS D 290 -3.40 21.21 13.38
N PRO D 291 -4.23 21.37 14.41
CA PRO D 291 -3.73 21.97 15.65
C PRO D 291 -2.88 21.01 16.45
N TYR D 292 -1.81 21.49 17.08
CA TYR D 292 -1.04 20.69 18.03
C TYR D 292 -1.21 21.27 19.42
N TRP D 293 -1.75 20.51 20.35
CA TRP D 293 -1.90 21.03 21.72
C TRP D 293 -0.71 20.66 22.62
N LEU D 294 0.11 21.63 22.98
CA LEU D 294 1.32 21.39 23.78
C LEU D 294 1.08 21.38 25.30
N GLN D 295 0.23 20.47 25.77
CA GLN D 295 -0.17 20.50 27.18
C GLN D 295 0.84 19.82 28.11
N ARG D 296 1.28 18.63 27.72
CA ARG D 296 2.24 17.85 28.49
C ARG D 296 3.48 17.58 27.65
N ALA D 297 4.55 18.31 27.91
CA ALA D 297 5.82 18.14 27.20
C ALA D 297 6.63 16.98 27.78
N GLN D 298 7.43 16.34 26.96
CA GLN D 298 8.29 15.26 27.43
C GLN D 298 9.48 15.81 28.18
N GLY D 299 9.83 17.06 27.89
CA GLY D 299 10.96 17.70 28.54
C GLY D 299 10.55 18.44 29.79
N HIS D 300 11.51 18.97 30.52
CA HIS D 300 11.17 19.69 31.73
C HIS D 300 10.58 21.05 31.40
N ASN D 301 11.07 21.68 30.34
CA ASN D 301 10.42 22.90 29.87
C ASN D 301 9.09 22.55 29.20
N ASN D 302 8.00 22.83 29.90
CA ASN D 302 6.70 22.49 29.39
C ASN D 302 6.18 23.67 28.61
N GLY D 303 6.87 23.96 27.51
CA GLY D 303 6.40 24.94 26.54
C GLY D 303 6.42 26.37 27.01
N ILE D 304 7.42 26.71 27.82
CA ILE D 304 7.55 28.06 28.30
C ILE D 304 8.47 28.82 27.32
N CYS D 305 8.10 30.05 26.97
CA CYS D 305 8.81 30.79 25.93
C CYS D 305 9.79 31.84 26.48
N TRP D 306 10.73 31.35 27.29
CA TRP D 306 11.84 32.12 27.81
C TRP D 306 12.38 33.14 26.82
N GLY D 307 12.56 34.38 27.27
CA GLY D 307 13.09 35.43 26.40
C GLY D 307 12.06 35.96 25.42
N ASN D 308 10.81 35.54 25.59
CA ASN D 308 9.70 35.94 24.74
C ASN D 308 9.94 35.58 23.29
N GLN D 309 10.69 34.50 23.09
CA GLN D 309 10.97 33.95 21.78
C GLN D 309 10.30 32.61 21.67
N LEU D 310 10.39 32.03 20.48
CA LEU D 310 9.71 30.80 20.11
C LEU D 310 10.29 30.38 18.75
N PHE D 311 10.69 29.11 18.63
CA PHE D 311 11.22 28.61 17.37
C PHE D 311 10.30 27.55 16.80
N VAL D 312 9.84 27.80 15.57
CA VAL D 312 9.02 26.83 14.86
C VAL D 312 9.80 26.39 13.64
N THR D 313 10.25 25.15 13.64
CA THR D 313 11.05 24.66 12.53
C THR D 313 10.23 23.70 11.70
N VAL D 314 10.30 23.84 10.37
CA VAL D 314 9.46 23.05 9.48
C VAL D 314 10.18 22.50 8.25
N VAL D 315 9.93 21.24 7.90
CA VAL D 315 10.19 20.77 6.53
C VAL D 315 8.95 20.12 5.95
N ASP D 316 8.52 20.58 4.78
CA ASP D 316 7.41 19.98 4.07
C ASP D 316 7.69 19.77 2.59
N THR D 317 8.11 18.58 2.22
CA THR D 317 8.36 18.30 0.81
C THR D 317 7.13 17.80 0.06
N THR D 318 5.96 17.85 0.68
CA THR D 318 4.73 17.38 0.05
C THR D 318 4.08 18.46 -0.84
N ARG D 319 4.77 19.59 -0.97
CA ARG D 319 4.34 20.70 -1.83
C ARG D 319 5.53 21.31 -2.54
N SER D 320 6.29 20.49 -3.25
CA SER D 320 7.59 20.92 -3.74
C SER D 320 7.59 21.17 -5.24
N THR D 321 6.38 21.02 -5.82
CA THR D 321 6.09 21.35 -7.21
C THR D 321 6.86 22.56 -7.67
N ASN D 322 7.70 22.38 -8.67
CA ASN D 322 8.40 23.49 -9.30
C ASN D 322 7.70 23.82 -10.60
N MET D 323 7.58 25.10 -10.92
CA MET D 323 6.82 25.43 -12.11
C MET D 323 7.64 26.20 -13.12
N SER D 324 7.63 25.71 -14.35
CA SER D 324 8.40 26.31 -15.43
C SER D 324 7.53 27.33 -16.14
N LEU D 325 7.99 28.58 -16.10
CA LEU D 325 7.37 29.63 -16.88
C LEU D 325 8.37 30.07 -17.95
N CYS D 326 7.96 30.09 -19.21
CA CYS D 326 8.90 30.56 -20.21
C CYS D 326 8.33 31.77 -20.97
N ALA D 327 9.20 32.50 -21.66
CA ALA D 327 8.82 33.75 -22.30
C ALA D 327 9.29 33.78 -23.75
N ALA D 328 8.42 34.21 -24.65
CA ALA D 328 8.81 34.32 -26.05
C ALA D 328 9.74 35.50 -26.22
N ILE D 329 10.77 35.35 -27.06
CA ILE D 329 11.63 36.49 -27.32
C ILE D 329 11.00 37.30 -28.45
N SER D 330 10.26 36.60 -29.31
CA SER D 330 9.53 37.22 -30.41
C SER D 330 8.11 36.68 -30.44
N THR D 331 7.15 37.51 -30.85
CA THR D 331 5.75 37.10 -30.86
C THR D 331 5.18 36.96 -32.29
N SER D 332 6.05 37.13 -33.28
CA SER D 332 5.62 37.03 -34.67
C SER D 332 5.42 35.59 -35.12
N GLU D 333 6.54 34.86 -35.26
CA GLU D 333 6.56 33.56 -35.95
C GLU D 333 5.55 32.57 -35.39
N THR D 334 4.85 31.95 -36.31
CA THR D 334 3.82 30.98 -36.00
C THR D 334 4.43 29.60 -36.03
N THR D 335 5.75 29.53 -36.10
CA THR D 335 6.44 28.26 -36.08
C THR D 335 7.34 28.19 -34.85
N TYR D 336 7.22 27.09 -34.10
CA TYR D 336 8.00 26.94 -32.88
C TYR D 336 9.49 26.90 -33.17
N LYS D 337 10.25 27.74 -32.48
CA LYS D 337 11.71 27.63 -32.44
C LYS D 337 12.18 27.60 -30.99
N ASN D 338 13.03 26.64 -30.63
CA ASN D 338 13.56 26.59 -29.25
C ASN D 338 14.27 27.87 -28.89
N THR D 339 14.91 28.50 -29.86
CA THR D 339 15.67 29.71 -29.61
C THR D 339 14.74 30.89 -29.32
N ASN D 340 13.47 30.73 -29.68
CA ASN D 340 12.52 31.82 -29.53
C ASN D 340 11.99 31.95 -28.10
N PHE D 341 12.13 30.88 -27.29
CA PHE D 341 11.60 30.91 -25.93
C PHE D 341 12.66 30.68 -24.87
N LYS D 342 12.69 31.58 -23.88
CA LYS D 342 13.61 31.49 -22.75
C LYS D 342 12.93 30.77 -21.58
N GLU D 343 13.52 29.66 -21.14
CA GLU D 343 12.94 28.75 -20.16
C GLU D 343 13.44 28.98 -18.72
N TYR D 344 12.52 29.14 -17.78
CA TYR D 344 12.88 29.35 -16.38
C TYR D 344 12.25 28.34 -15.41
N LEU D 345 12.66 28.42 -14.15
CA LEU D 345 12.08 27.65 -13.05
C LEU D 345 11.79 28.57 -11.86
N ARG D 346 10.64 28.39 -11.22
CA ARG D 346 10.35 29.08 -9.98
C ARG D 346 9.67 28.15 -8.98
N HIS D 347 9.81 28.49 -7.70
CA HIS D 347 9.07 27.76 -6.70
C HIS D 347 8.41 28.67 -5.69
N GLY D 348 7.21 28.29 -5.28
CA GLY D 348 6.45 29.06 -4.33
C GLY D 348 6.14 28.28 -3.07
N GLU D 349 6.32 28.92 -1.92
CA GLU D 349 6.01 28.32 -0.64
C GLU D 349 5.01 29.22 0.10
N GLU D 350 3.96 28.62 0.68
CA GLU D 350 2.93 29.41 1.38
C GLU D 350 2.67 28.92 2.80
N TYR D 351 2.84 29.82 3.76
CA TYR D 351 2.71 29.51 5.18
C TYR D 351 1.74 30.43 5.88
N ASP D 352 1.19 29.96 6.99
CA ASP D 352 0.31 30.75 7.84
C ASP D 352 0.33 30.19 9.26
N LEU D 353 1.07 30.85 10.14
CA LEU D 353 1.36 30.32 11.47
C LEU D 353 0.40 30.89 12.50
N GLN D 354 -0.26 30.01 13.23
CA GLN D 354 -1.21 30.43 14.24
C GLN D 354 -0.86 29.85 15.62
N PHE D 355 -1.09 30.62 16.68
CA PHE D 355 -0.71 30.22 18.04
C PHE D 355 -1.75 30.60 19.07
N ILE D 356 -1.86 29.76 20.09
CA ILE D 356 -2.53 30.14 21.33
C ILE D 356 -1.50 30.20 22.45
N PHE D 357 -1.39 31.35 23.11
CA PHE D 357 -0.46 31.51 24.25
C PHE D 357 -1.17 31.70 25.60
N GLN D 358 -0.63 31.05 26.63
CA GLN D 358 -1.17 31.17 27.99
C GLN D 358 -0.24 31.99 28.89
N LEU D 359 -0.80 33.01 29.52
CA LEU D 359 -0.04 33.89 30.40
C LEU D 359 0.44 33.13 31.64
N CYS D 360 1.69 33.35 32.03
CA CYS D 360 2.31 32.63 33.13
C CYS D 360 3.06 33.57 34.07
N LYS D 361 3.19 33.19 35.34
CA LYS D 361 3.83 34.06 36.31
C LYS D 361 4.84 33.33 37.19
N ILE D 362 5.95 34.00 37.50
CA ILE D 362 6.99 33.39 38.32
C ILE D 362 7.36 34.26 39.54
N THR D 363 6.99 33.80 40.73
CA THR D 363 7.35 34.50 41.96
C THR D 363 8.86 34.41 42.14
N LEU D 364 9.53 35.54 42.24
CA LEU D 364 10.97 35.53 42.26
C LEU D 364 11.56 35.27 43.65
N THR D 365 11.45 34.02 44.11
CA THR D 365 12.05 33.61 45.38
C THR D 365 13.55 33.45 45.22
N ALA D 366 14.25 33.10 46.29
CA ALA D 366 15.68 32.86 46.20
C ALA D 366 15.95 31.64 45.32
N ASP D 367 15.39 30.52 45.76
CA ASP D 367 15.58 29.24 45.10
C ASP D 367 15.30 29.34 43.60
N VAL D 368 14.22 30.04 43.27
CA VAL D 368 13.78 30.19 41.89
C VAL D 368 14.73 31.06 41.06
N MET D 369 15.19 32.15 41.67
CA MET D 369 16.12 33.03 40.97
C MET D 369 17.47 32.36 40.82
N THR D 370 17.83 31.52 41.77
CA THR D 370 19.09 30.82 41.70
C THR D 370 19.01 29.81 40.56
N TYR D 371 17.91 29.04 40.56
CA TYR D 371 17.67 28.02 39.55
C TYR D 371 17.64 28.61 38.15
N ILE D 372 16.78 29.61 37.96
CA ILE D 372 16.62 30.25 36.66
C ILE D 372 17.92 30.90 36.16
N HIS D 373 18.71 31.40 37.11
CA HIS D 373 20.02 31.98 36.79
C HIS D 373 20.93 30.94 36.17
N SER D 374 21.09 29.81 36.86
CA SER D 374 21.91 28.70 36.34
C SER D 374 21.39 28.21 34.99
N MET D 375 20.07 28.19 34.84
CA MET D 375 19.46 27.73 33.61
C MET D 375 19.81 28.61 32.43
N ASN D 376 19.56 29.91 32.59
CA ASN D 376 19.87 30.92 31.57
C ASN D 376 19.90 32.31 32.20
N SER D 377 21.10 32.77 32.57
CA SER D 377 21.24 34.02 33.32
C SER D 377 20.56 35.21 32.65
N THR D 378 20.49 35.15 31.32
CA THR D 378 19.90 36.22 30.53
C THR D 378 18.43 36.45 30.84
N ILE D 379 17.75 35.42 31.34
CA ILE D 379 16.33 35.53 31.67
C ILE D 379 16.10 36.54 32.79
N LEU D 380 16.88 36.45 33.87
CA LEU D 380 16.80 37.40 34.97
C LEU D 380 17.25 38.81 34.54
N GLU D 381 18.27 38.86 33.69
CA GLU D 381 18.82 40.11 33.19
C GLU D 381 17.85 40.89 32.30
N ASP D 382 17.10 40.15 31.48
CA ASP D 382 16.12 40.78 30.59
C ASP D 382 14.90 41.33 31.34
N TRP D 383 14.57 40.73 32.48
CA TRP D 383 13.45 41.22 33.30
C TRP D 383 13.80 42.52 34.03
N ASN D 384 12.95 42.94 34.98
CA ASN D 384 12.93 44.28 35.59
C ASN D 384 14.05 45.27 35.18
N GLY D 385 15.30 44.83 35.24
CA GLY D 385 16.43 45.69 34.91
C GLY D 385 16.37 46.27 33.51
N GLY D 386 15.67 45.56 32.62
CA GLY D 386 15.56 45.98 31.23
C GLY D 386 16.92 45.89 30.58
N GLY D 387 17.44 44.66 30.53
CA GLY D 387 18.79 44.35 30.06
C GLY D 387 19.30 45.20 28.91
N SER D 388 20.05 46.24 29.26
CA SER D 388 20.48 47.27 28.32
C SER D 388 21.31 46.73 27.15
N GLY D 389 21.12 47.33 25.98
CA GLY D 389 21.77 46.87 24.78
C GLY D 389 21.41 45.42 24.55
N ALA D 390 20.13 45.09 24.70
CA ALA D 390 19.62 43.74 24.47
C ALA D 390 20.02 43.22 23.10
N GLU D 391 21.28 42.82 22.97
CA GLU D 391 21.83 42.38 21.70
C GLU D 391 21.56 40.90 21.43
N ASP D 392 21.08 40.63 20.22
CA ASP D 392 20.81 39.29 19.72
C ASP D 392 22.00 38.35 19.87
N PRO D 393 21.88 37.36 20.79
CA PRO D 393 22.95 36.39 21.05
C PRO D 393 23.12 35.40 19.90
N LEU D 394 22.18 35.42 18.95
CA LEU D 394 22.22 34.54 17.77
C LEU D 394 22.31 35.36 16.49
N LYS D 395 23.07 36.45 16.51
CA LYS D 395 23.17 37.32 15.35
C LYS D 395 23.94 36.62 14.24
N LYS D 396 24.79 35.67 14.62
CA LYS D 396 25.53 34.85 13.68
C LYS D 396 24.60 34.07 12.76
N TYR D 397 23.49 33.60 13.31
CA TYR D 397 22.60 32.72 12.58
C TYR D 397 21.48 33.49 11.87
N THR D 398 20.94 32.93 10.80
CA THR D 398 19.83 33.56 10.11
C THR D 398 18.53 32.73 10.17
N PHE D 399 17.46 33.35 10.65
CA PHE D 399 16.12 32.73 10.61
C PHE D 399 15.13 33.64 9.91
N TRP D 400 13.93 33.09 9.66
CA TRP D 400 12.79 33.89 9.20
C TRP D 400 12.26 34.62 10.42
N GLU D 401 12.43 35.94 10.43
CA GLU D 401 12.04 36.75 11.58
C GLU D 401 10.57 37.04 11.53
N VAL D 402 9.85 36.61 12.56
CA VAL D 402 8.41 36.77 12.64
C VAL D 402 8.02 37.62 13.83
N ASN D 403 7.43 38.80 13.57
CA ASN D 403 7.15 39.74 14.65
C ASN D 403 5.67 39.77 15.04
N LEU D 404 5.30 39.01 16.06
CA LEU D 404 3.91 38.96 16.48
C LEU D 404 3.63 39.90 17.67
N LYS D 405 4.50 40.87 17.93
CA LYS D 405 4.32 41.78 19.06
C LYS D 405 3.04 42.63 18.97
N GLU D 406 2.52 42.77 17.75
CA GLU D 406 1.33 43.57 17.54
C GLU D 406 0.20 42.71 17.01
N LYS D 407 0.31 41.41 17.21
CA LYS D 407 -0.67 40.48 16.66
C LYS D 407 -1.40 39.68 17.74
N PHE D 408 -1.21 40.05 19.00
CA PHE D 408 -1.88 39.35 20.09
C PHE D 408 -3.31 39.87 20.27
N SER D 409 -4.26 38.94 20.28
CA SER D 409 -5.67 39.25 20.53
C SER D 409 -6.26 38.33 21.58
N ALA D 410 -7.03 38.90 22.48
CA ALA D 410 -7.58 38.13 23.56
C ALA D 410 -8.88 37.44 23.14
N ASP D 411 -9.43 37.83 21.99
CA ASP D 411 -10.70 37.27 21.54
C ASP D 411 -10.52 35.99 20.73
N LEU D 412 -10.26 34.88 21.40
CA LEU D 412 -9.95 33.63 20.69
C LEU D 412 -11.11 33.22 19.79
N ASP D 413 -12.31 33.60 20.22
CA ASP D 413 -13.54 33.55 19.45
C ASP D 413 -13.39 33.86 17.95
N GLN D 414 -12.54 34.82 17.59
CA GLN D 414 -12.52 35.37 16.23
C GLN D 414 -11.51 34.74 15.29
N PHE D 415 -10.78 33.74 15.76
CA PHE D 415 -9.78 33.11 14.92
C PHE D 415 -10.02 31.60 14.89
N PRO D 416 -9.71 30.97 13.74
CA PRO D 416 -9.84 29.52 13.56
C PRO D 416 -9.15 28.71 14.64
N LEU D 417 -7.90 28.99 14.98
CA LEU D 417 -7.25 28.21 16.01
C LEU D 417 -7.85 28.55 17.37
N GLY D 418 -8.18 29.81 17.57
CA GLY D 418 -8.78 30.23 18.84
C GLY D 418 -10.12 29.55 19.03
N ARG D 419 -10.86 29.41 17.94
CA ARG D 419 -12.15 28.74 17.98
C ARG D 419 -11.91 27.27 18.28
N LYS D 420 -10.89 26.68 17.67
CA LYS D 420 -10.60 25.27 17.91
C LYS D 420 -10.22 25.03 19.36
N PHE D 421 -9.34 25.88 19.89
CA PHE D 421 -8.87 25.78 21.28
C PHE D 421 -10.00 25.79 22.29
N LEU D 422 -10.96 26.68 22.10
CA LEU D 422 -12.10 26.74 23.01
C LEU D 422 -12.85 25.41 22.98
N LEU D 423 -13.36 25.02 21.82
CA LEU D 423 -14.09 23.77 21.65
C LEU D 423 -13.40 22.58 22.33
N GLN D 424 -12.09 22.47 22.13
CA GLN D 424 -11.29 21.42 22.76
C GLN D 424 -10.98 21.75 24.23
N ALA D 425 -11.90 22.43 24.90
CA ALA D 425 -11.64 22.80 26.28
C ALA D 425 -12.91 23.14 27.03
N GLY D 426 -14.01 23.26 26.30
CA GLY D 426 -15.26 23.72 26.87
C GLY D 426 -15.12 25.09 27.54
N ALA E 1 -17.21 42.76 16.96
CA ALA E 1 -17.03 41.32 17.11
C ALA E 1 -18.05 40.52 16.27
N VAL E 2 -17.61 39.36 15.77
CA VAL E 2 -18.48 38.40 15.09
C VAL E 2 -19.00 37.36 16.09
N VAL E 3 -20.24 36.94 15.92
CA VAL E 3 -20.78 35.91 16.78
C VAL E 3 -21.27 34.72 15.99
N SER E 4 -21.34 33.57 16.65
CA SER E 4 -21.88 32.38 16.03
C SER E 4 -23.35 32.61 15.76
N THR E 5 -23.84 32.00 14.68
CA THR E 5 -25.24 32.15 14.31
C THR E 5 -26.17 31.52 15.35
N ASP E 6 -25.63 30.60 16.16
CA ASP E 6 -26.41 29.95 17.21
C ASP E 6 -27.03 30.97 18.15
N GLU E 7 -26.39 32.14 18.26
CA GLU E 7 -26.86 33.24 19.12
C GLU E 7 -28.18 33.88 18.67
N TYR E 8 -28.25 34.26 17.40
CA TYR E 8 -29.38 35.01 16.91
C TYR E 8 -30.24 34.22 15.91
N VAL E 9 -29.80 33.05 15.52
CA VAL E 9 -30.61 32.26 14.61
C VAL E 9 -31.20 31.10 15.38
N ALA E 10 -32.52 31.08 15.53
CA ALA E 10 -33.15 30.01 16.30
C ALA E 10 -33.66 28.88 15.43
N ARG E 11 -33.57 27.68 15.97
CA ARG E 11 -33.93 26.45 15.27
C ARG E 11 -35.37 26.06 15.47
N THR E 12 -36.09 25.79 14.38
CA THR E 12 -37.41 25.17 14.51
C THR E 12 -37.26 23.67 14.40
N ASN E 13 -38.37 22.97 14.53
CA ASN E 13 -38.38 21.51 14.49
C ASN E 13 -38.85 21.00 13.13
N ILE E 14 -38.82 21.88 12.14
CA ILE E 14 -39.31 21.55 10.81
C ILE E 14 -38.15 21.21 9.88
N TYR E 15 -38.25 20.09 9.19
CA TYR E 15 -37.25 19.71 8.20
C TYR E 15 -37.85 19.43 6.83
N TYR E 16 -37.10 19.83 5.81
CA TYR E 16 -37.48 19.57 4.43
C TYR E 16 -36.33 18.84 3.74
N HIS E 17 -36.70 17.95 2.83
CA HIS E 17 -35.73 17.30 1.98
C HIS E 17 -35.87 17.94 0.64
N ALA E 18 -34.79 17.91 -0.14
CA ALA E 18 -34.76 18.57 -1.43
C ALA E 18 -33.69 17.89 -2.26
N GLY E 19 -33.96 17.67 -3.54
CA GLY E 19 -32.98 17.05 -4.41
C GLY E 19 -33.10 17.37 -5.90
N THR E 20 -31.93 17.46 -6.55
CA THR E 20 -31.88 17.47 -8.00
C THR E 20 -32.32 16.12 -8.49
N SER E 21 -32.99 16.05 -9.63
CA SER E 21 -33.35 14.73 -10.16
C SER E 21 -32.07 13.92 -10.44
N ARG E 22 -31.36 14.30 -11.49
CA ARG E 22 -30.18 13.60 -11.93
C ARG E 22 -29.50 14.51 -12.89
N LEU E 23 -28.37 15.05 -12.49
CA LEU E 23 -27.72 16.04 -13.32
C LEU E 23 -26.73 15.36 -14.25
N LEU E 24 -26.75 15.74 -15.53
CA LEU E 24 -25.88 15.10 -16.51
C LEU E 24 -25.05 16.10 -17.30
N ALA E 25 -23.79 15.74 -17.58
CA ALA E 25 -22.90 16.61 -18.36
C ALA E 25 -22.03 15.81 -19.34
N VAL E 26 -22.26 16.03 -20.63
CA VAL E 26 -21.56 15.33 -21.70
C VAL E 26 -20.80 16.28 -22.62
N GLY E 27 -19.49 16.10 -22.76
CA GLY E 27 -18.71 16.99 -23.58
C GLY E 27 -17.42 16.39 -24.05
N HIS E 28 -16.54 17.22 -24.61
CA HIS E 28 -15.21 16.77 -25.00
C HIS E 28 -14.24 17.04 -23.86
N PRO E 29 -13.41 16.05 -23.51
CA PRO E 29 -12.49 16.08 -22.36
C PRO E 29 -11.48 17.22 -22.34
N TYR E 30 -10.94 17.62 -23.49
CA TYR E 30 -9.82 18.57 -23.52
C TYR E 30 -10.17 19.98 -24.01
N PHE E 31 -11.24 20.13 -24.77
CA PHE E 31 -11.57 21.44 -25.31
C PHE E 31 -12.96 21.47 -25.95
N PRO E 32 -13.57 22.65 -26.02
CA PRO E 32 -14.91 22.73 -26.59
C PRO E 32 -14.90 22.71 -28.11
N ILE E 33 -15.91 22.06 -28.69
CA ILE E 33 -16.01 21.93 -30.14
C ILE E 33 -16.89 23.03 -30.68
N LYS E 34 -16.32 23.86 -31.57
CA LYS E 34 -17.12 24.92 -32.19
C LYS E 34 -16.90 24.90 -33.69
N LYS E 35 -17.76 25.62 -34.41
CA LYS E 35 -17.51 25.88 -35.82
C LYS E 35 -16.65 27.13 -35.87
N PRO E 36 -15.50 27.05 -36.58
CA PRO E 36 -14.57 28.16 -36.80
C PRO E 36 -15.25 29.43 -37.31
N ASN E 38 -17.70 30.95 -35.68
CA ASN E 38 -19.10 30.85 -35.26
C ASN E 38 -19.01 30.34 -33.84
N ASN E 39 -18.32 31.11 -32.99
CA ASN E 39 -17.95 30.66 -31.64
C ASN E 39 -19.10 30.17 -30.78
N LYS E 40 -20.28 30.06 -31.36
CA LYS E 40 -21.35 29.25 -30.81
C LYS E 40 -20.76 27.88 -30.51
N ILE E 41 -20.63 27.56 -29.22
CA ILE E 41 -20.13 26.25 -28.82
C ILE E 41 -21.12 25.18 -29.25
N LEU E 42 -20.65 24.28 -30.11
CA LEU E 42 -21.43 23.14 -30.56
C LEU E 42 -21.45 22.05 -29.49
N VAL E 43 -20.28 21.73 -28.96
CA VAL E 43 -20.14 20.78 -27.84
C VAL E 43 -19.21 21.39 -26.76
N PRO E 44 -19.58 21.30 -25.48
CA PRO E 44 -18.75 21.98 -24.48
C PRO E 44 -17.61 21.11 -23.91
N LYS E 45 -16.62 21.73 -23.28
CA LYS E 45 -15.57 20.99 -22.59
C LYS E 45 -16.07 20.46 -21.26
N VAL E 46 -16.05 19.14 -21.11
CA VAL E 46 -16.46 18.46 -19.88
C VAL E 46 -15.41 17.41 -19.49
N SER E 47 -14.78 17.59 -18.33
CA SER E 47 -13.68 16.73 -17.92
C SER E 47 -13.71 16.48 -16.43
N GLY E 48 -13.15 15.36 -16.01
CA GLY E 48 -13.18 15.01 -14.60
C GLY E 48 -12.25 15.90 -13.79
N LEU E 49 -11.42 16.63 -14.52
CA LEU E 49 -10.47 17.52 -13.91
C LEU E 49 -10.99 18.93 -13.77
N GLN E 50 -12.29 19.13 -13.91
CA GLN E 50 -12.88 20.46 -13.74
C GLN E 50 -13.60 20.63 -12.41
N TYR E 51 -13.60 21.85 -11.89
CA TYR E 51 -14.41 22.20 -10.74
C TYR E 51 -15.87 22.20 -11.15
N ARG E 52 -16.70 21.61 -10.30
CA ARG E 52 -18.13 21.78 -10.43
C ARG E 52 -18.64 22.70 -9.33
N VAL E 53 -19.11 23.88 -9.70
CA VAL E 53 -19.64 24.83 -8.71
C VAL E 53 -21.12 25.01 -8.93
N PHE E 54 -21.91 24.37 -8.05
CA PHE E 54 -23.36 24.43 -8.11
C PHE E 54 -23.91 25.56 -7.27
N ARG E 55 -24.58 26.51 -7.90
CA ARG E 55 -25.35 27.52 -7.17
C ARG E 55 -26.75 26.98 -6.88
N ILE E 56 -27.03 26.62 -5.63
CA ILE E 56 -28.30 26.00 -5.27
C ILE E 56 -29.36 27.00 -4.83
N HIS E 57 -30.44 27.09 -5.60
CA HIS E 57 -31.46 28.07 -5.28
C HIS E 57 -32.62 27.49 -4.44
N LEU E 58 -32.90 28.17 -3.33
CA LEU E 58 -33.91 27.73 -2.38
C LEU E 58 -35.15 28.60 -2.45
N PRO E 59 -36.31 28.01 -2.16
CA PRO E 59 -37.51 28.83 -2.03
C PRO E 59 -37.36 29.76 -0.83
N ASP E 60 -37.70 31.03 -1.00
CA ASP E 60 -37.75 31.97 0.12
C ASP E 60 -38.77 31.44 1.13
N PRO E 61 -38.31 31.09 2.34
CA PRO E 61 -39.17 30.49 3.37
C PRO E 61 -40.17 31.48 3.95
N ASN E 62 -40.08 32.74 3.55
CA ASN E 62 -41.07 33.74 3.96
C ASN E 62 -42.20 33.83 2.94
N LYS E 63 -41.91 33.44 1.71
CA LYS E 63 -42.92 33.42 0.68
C LYS E 63 -43.56 32.03 0.65
N PHE E 64 -42.77 31.04 1.07
CA PHE E 64 -43.11 29.63 0.98
C PHE E 64 -44.41 29.29 1.68
N GLY E 65 -45.12 28.30 1.16
CA GLY E 65 -46.41 27.92 1.70
C GLY E 65 -46.36 26.74 2.64
N PHE E 66 -46.15 27.01 3.94
CA PHE E 66 -46.27 25.98 4.97
C PHE E 66 -47.74 25.75 5.37
N PRO E 67 -48.07 24.51 5.78
CA PRO E 67 -49.43 24.17 6.24
C PRO E 67 -49.75 24.83 7.58
N ASP E 68 -48.70 24.99 8.39
CA ASP E 68 -48.83 25.59 9.71
C ASP E 68 -47.81 26.72 9.90
N THR E 69 -48.31 27.93 10.11
CA THR E 69 -47.46 29.11 10.22
C THR E 69 -47.30 29.63 11.65
N SER E 70 -47.86 28.90 12.61
CA SER E 70 -47.92 29.38 13.98
C SER E 70 -46.60 29.27 14.75
N PHE E 71 -45.63 28.58 14.17
CA PHE E 71 -44.32 28.41 14.80
C PHE E 71 -43.49 29.70 14.89
N TYR E 72 -43.90 30.76 14.18
CA TYR E 72 -43.16 32.03 14.24
C TYR E 72 -44.06 33.26 13.98
N ASN E 73 -43.55 34.43 14.36
CA ASN E 73 -44.31 35.68 14.29
C ASN E 73 -43.85 36.56 13.14
N PRO E 74 -44.60 36.55 12.05
CA PRO E 74 -44.24 37.38 10.89
C PRO E 74 -44.05 38.89 11.18
N ASP E 75 -44.53 39.39 12.31
CA ASP E 75 -44.38 40.81 12.63
C ASP E 75 -42.98 41.12 13.17
N THR E 76 -42.42 40.20 13.96
CA THR E 76 -41.15 40.43 14.63
C THR E 76 -39.99 39.58 14.12
N GLN E 77 -40.29 38.51 13.40
CA GLN E 77 -39.22 37.60 12.99
C GLN E 77 -39.29 37.19 11.52
N ARG E 78 -38.19 36.63 11.02
CA ARG E 78 -38.08 36.22 9.63
C ARG E 78 -37.50 34.82 9.53
N LEU E 79 -37.50 34.22 8.35
CA LEU E 79 -37.09 32.82 8.18
C LEU E 79 -35.87 32.60 7.26
N VAL E 80 -35.03 31.63 7.64
CA VAL E 80 -33.91 31.18 6.83
C VAL E 80 -33.80 29.68 6.88
N TRP E 81 -33.37 29.07 5.77
CA TRP E 81 -33.04 27.65 5.76
C TRP E 81 -31.60 27.44 6.24
N ALA E 82 -31.39 26.38 7.01
CA ALA E 82 -30.06 26.03 7.46
C ALA E 82 -29.75 24.66 6.94
N CYS E 83 -28.57 24.48 6.37
CA CYS E 83 -28.22 23.19 5.78
C CYS E 83 -27.62 22.23 6.82
N VAL E 84 -28.22 21.05 6.92
CA VAL E 84 -27.96 20.08 7.99
C VAL E 84 -27.43 18.76 7.42
N GLY E 85 -27.70 18.50 6.15
CA GLY E 85 -27.30 17.24 5.55
C GLY E 85 -27.13 17.32 4.05
N VAL E 86 -26.06 16.72 3.54
CA VAL E 86 -25.78 16.70 2.11
C VAL E 86 -25.36 15.30 1.65
N GLU E 87 -25.94 14.83 0.55
CA GLU E 87 -25.33 13.73 -0.18
C GLU E 87 -25.04 14.19 -1.59
N VAL E 88 -23.77 14.09 -1.97
CA VAL E 88 -23.34 14.34 -3.33
C VAL E 88 -23.25 12.97 -3.97
N GLY E 89 -24.29 12.61 -4.69
CA GLY E 89 -24.35 11.34 -5.38
C GLY E 89 -23.56 11.39 -6.65
N ARG E 90 -22.79 10.34 -6.92
CA ARG E 90 -21.99 10.27 -8.13
C ARG E 90 -22.37 9.04 -8.92
N GLY E 91 -22.33 9.20 -10.24
CA GLY E 91 -23.01 8.27 -11.11
C GLY E 91 -22.17 7.35 -11.95
N GLN E 92 -21.05 7.78 -12.48
CA GLN E 92 -20.38 6.88 -13.39
C GLN E 92 -19.55 5.83 -12.62
N PRO E 93 -19.04 4.80 -13.32
CA PRO E 93 -18.08 3.93 -12.65
C PRO E 93 -16.73 4.62 -12.40
N LEU E 94 -16.04 4.14 -11.39
CA LEU E 94 -14.73 4.66 -11.07
C LEU E 94 -13.81 4.35 -12.22
N GLY E 95 -12.95 5.30 -12.56
CA GLY E 95 -11.93 5.08 -13.58
C GLY E 95 -11.01 6.27 -13.73
N VAL E 96 -9.92 6.13 -14.47
CA VAL E 96 -9.03 7.26 -14.68
C VAL E 96 -8.88 7.65 -16.15
N GLY E 97 -9.02 8.95 -16.42
CA GLY E 97 -8.75 9.56 -17.71
C GLY E 97 -7.27 9.67 -18.00
N ILE E 98 -6.92 10.56 -18.92
CA ILE E 98 -5.56 10.64 -19.41
C ILE E 98 -5.52 11.87 -20.28
N SER E 99 -4.49 12.70 -20.15
CA SER E 99 -4.38 13.93 -20.96
C SER E 99 -3.01 14.00 -21.58
N GLY E 100 -2.88 14.75 -22.66
CA GLY E 100 -1.56 14.98 -23.21
C GLY E 100 -1.49 16.15 -24.15
N HIS E 101 -0.40 16.22 -24.90
CA HIS E 101 -0.20 17.25 -25.93
C HIS E 101 0.56 16.65 -27.11
N PRO E 102 0.07 16.86 -28.35
CA PRO E 102 0.75 16.31 -29.52
C PRO E 102 2.15 16.88 -29.65
N LEU E 103 2.33 18.11 -29.16
CA LEU E 103 3.62 18.78 -29.24
C LEU E 103 4.09 19.30 -27.87
N LEU E 104 4.27 18.38 -26.92
CA LEU E 104 4.71 18.73 -25.58
C LEU E 104 6.21 19.05 -25.50
N ASN E 105 6.56 20.16 -24.87
CA ASN E 105 7.97 20.46 -24.67
C ASN E 105 8.63 19.49 -23.67
N LYS E 106 9.00 18.31 -24.17
CA LYS E 106 9.84 17.35 -23.45
C LYS E 106 11.09 17.06 -24.29
N LEU E 107 12.26 17.47 -23.81
CA LEU E 107 13.48 17.21 -24.58
C LEU E 107 13.91 15.76 -24.38
N ASP E 108 14.76 15.50 -23.38
CA ASP E 108 15.21 14.13 -23.16
C ASP E 108 14.56 13.48 -21.95
N ASP E 109 14.74 12.16 -21.86
CA ASP E 109 14.41 11.39 -20.67
C ASP E 109 15.59 11.48 -19.72
N THR E 110 15.41 12.22 -18.63
CA THR E 110 16.52 12.51 -17.71
C THR E 110 16.52 11.64 -16.46
N GLU E 111 15.64 10.65 -16.43
CA GLU E 111 15.53 9.72 -15.31
C GLU E 111 16.69 8.72 -15.29
N ASN E 112 17.33 8.60 -16.46
CA ASN E 112 18.35 7.59 -16.74
C ASN E 112 18.85 7.76 -18.17
N ALA E 113 20.10 8.12 -18.32
CA ALA E 113 20.66 8.25 -19.65
C ALA E 113 21.98 7.49 -19.73
N SER E 114 22.17 6.77 -20.83
CA SER E 114 23.36 5.93 -21.00
C SER E 114 24.51 6.67 -21.65
N ALA E 115 24.22 7.82 -22.25
CA ALA E 115 25.21 8.68 -22.88
C ALA E 115 24.65 10.09 -22.93
N TYR E 116 25.50 11.09 -23.17
CA TYR E 116 25.05 12.46 -23.18
C TYR E 116 24.11 12.69 -24.36
N ALA E 117 22.98 13.34 -24.09
CA ALA E 117 21.96 13.57 -25.11
C ALA E 117 22.55 14.47 -26.18
N ALA E 118 21.94 14.42 -27.37
CA ALA E 118 22.46 15.13 -28.53
C ALA E 118 22.37 16.64 -28.33
N ASN E 119 21.60 17.32 -29.17
CA ASN E 119 21.44 18.76 -29.05
C ASN E 119 20.06 19.24 -29.48
N ALA E 120 19.58 20.29 -28.83
CA ALA E 120 18.28 20.84 -29.19
C ALA E 120 18.41 21.61 -30.51
N GLY E 121 17.80 21.07 -31.56
CA GLY E 121 17.75 21.75 -32.82
C GLY E 121 16.53 22.65 -32.84
N VAL E 122 15.70 22.48 -33.87
CA VAL E 122 14.44 23.19 -33.93
C VAL E 122 13.35 22.20 -33.57
N ASP E 123 12.53 22.56 -32.61
CA ASP E 123 11.35 21.76 -32.25
C ASP E 123 11.61 20.26 -32.00
N ASN E 124 11.96 19.92 -30.77
CA ASN E 124 12.03 18.52 -30.38
C ASN E 124 10.79 18.08 -29.60
N ARG E 125 9.70 18.85 -29.71
CA ARG E 125 8.47 18.54 -28.96
C ARG E 125 7.95 17.13 -29.27
N GLU E 126 7.43 16.43 -28.26
CA GLU E 126 7.00 15.03 -28.41
C GLU E 126 5.50 14.88 -28.19
N CYS E 127 4.90 13.83 -28.78
CA CYS E 127 3.49 13.52 -28.48
C CYS E 127 3.40 12.71 -27.20
N ILE E 128 2.93 13.35 -26.13
CA ILE E 128 3.07 12.78 -24.80
C ILE E 128 1.82 12.91 -23.95
N SER E 129 1.41 11.83 -23.29
CA SER E 129 0.26 11.93 -22.39
C SER E 129 0.63 11.51 -20.96
N MET E 130 -0.27 11.80 -20.03
CA MET E 130 -0.01 11.57 -18.63
C MET E 130 -1.32 11.36 -17.88
N ASP E 131 -1.28 10.58 -16.80
CA ASP E 131 -2.47 10.46 -15.98
C ASP E 131 -2.35 11.40 -14.78
N TYR E 132 -3.27 12.34 -14.71
CA TYR E 132 -3.20 13.44 -13.77
C TYR E 132 -3.27 13.04 -12.27
N LYS E 133 -2.94 13.98 -11.40
CA LYS E 133 -3.04 13.78 -9.97
C LYS E 133 -4.50 13.60 -9.57
N GLN E 134 -4.71 12.65 -8.66
CA GLN E 134 -6.02 12.33 -8.14
C GLN E 134 -6.52 13.31 -7.07
N THR E 135 -7.73 13.83 -7.27
CA THR E 135 -8.32 14.83 -6.36
C THR E 135 -9.80 14.57 -6.10
N GLN E 136 -10.17 14.50 -4.82
CA GLN E 136 -11.57 14.58 -4.41
C GLN E 136 -11.73 15.72 -3.41
N LEU E 137 -12.69 16.60 -3.65
CA LEU E 137 -13.03 17.61 -2.67
C LEU E 137 -14.49 18.00 -2.79
N CYS E 138 -15.05 18.41 -1.65
CA CYS E 138 -16.36 19.01 -1.60
C CYS E 138 -16.32 20.24 -0.72
N LEU E 139 -16.86 21.36 -1.21
CA LEU E 139 -16.91 22.60 -0.47
C LEU E 139 -18.36 23.04 -0.35
N ILE E 140 -18.81 23.32 0.88
CA ILE E 140 -20.15 23.85 1.13
C ILE E 140 -20.05 25.16 1.92
N GLY E 141 -20.71 26.20 1.42
CA GLY E 141 -20.83 27.46 2.11
C GLY E 141 -22.02 28.19 1.50
N CYS E 142 -22.38 29.38 1.99
CA CYS E 142 -23.43 30.14 1.29
C CYS E 142 -22.86 31.27 0.42
N LYS E 143 -21.54 31.42 0.42
CA LYS E 143 -20.90 32.26 -0.57
C LYS E 143 -20.01 31.38 -1.44
N PRO E 144 -19.77 31.80 -2.69
CA PRO E 144 -18.99 31.01 -3.65
C PRO E 144 -17.58 30.80 -3.15
N PRO E 145 -16.91 29.72 -3.59
CA PRO E 145 -15.58 29.37 -3.07
C PRO E 145 -14.51 30.24 -3.70
N ILE E 146 -13.42 30.42 -2.97
CA ILE E 146 -12.37 31.30 -3.44
C ILE E 146 -11.09 30.51 -3.65
N GLY E 147 -10.47 30.68 -4.81
CA GLY E 147 -9.25 29.97 -5.12
C GLY E 147 -7.99 30.81 -5.20
N GLU E 148 -6.84 30.17 -5.06
CA GLU E 148 -5.56 30.80 -5.32
C GLU E 148 -4.87 30.17 -6.53
N HIS E 149 -4.17 31.00 -7.30
CA HIS E 149 -3.24 30.52 -8.33
C HIS E 149 -2.15 31.54 -8.61
N TRP E 150 -1.01 31.07 -9.11
CA TRP E 150 0.09 31.95 -9.49
C TRP E 150 -0.14 32.54 -10.86
N GLY E 151 -0.05 33.85 -10.96
CA GLY E 151 -0.24 34.54 -12.22
C GLY E 151 0.98 35.36 -12.54
N LYS E 152 0.90 36.15 -13.60
CA LYS E 152 1.96 37.09 -13.94
C LYS E 152 1.77 38.38 -13.17
N GLY E 153 2.69 38.65 -12.24
CA GLY E 153 2.66 39.89 -11.47
C GLY E 153 2.96 41.17 -12.26
N SER E 154 2.54 42.31 -11.71
CA SER E 154 2.87 43.59 -12.29
C SER E 154 4.38 43.84 -12.14
N PRO E 155 5.04 44.37 -13.20
CA PRO E 155 6.49 44.63 -13.10
C PRO E 155 6.84 45.88 -12.29
N CYS E 156 8.05 45.91 -11.73
CA CYS E 156 8.55 47.08 -10.97
C CYS E 156 9.19 48.17 -11.88
N THR E 157 8.57 49.35 -11.88
CA THR E 157 8.70 50.38 -12.93
C THR E 157 10.17 50.86 -13.23
N ASN E 158 11.14 50.04 -12.88
CA ASN E 158 12.57 50.31 -13.11
C ASN E 158 13.14 49.75 -14.43
N VAL E 159 13.85 48.63 -14.32
CA VAL E 159 14.47 47.97 -15.48
C VAL E 159 13.44 47.53 -16.51
N ALA E 160 13.61 47.98 -17.75
CA ALA E 160 12.73 47.54 -18.82
C ALA E 160 12.75 46.01 -18.93
N VAL E 161 11.57 45.43 -19.05
CA VAL E 161 11.46 44.01 -19.30
C VAL E 161 12.08 43.73 -20.66
N ASN E 162 13.17 42.98 -20.69
CA ASN E 162 13.70 42.57 -21.98
C ASN E 162 12.93 41.37 -22.55
N PRO E 163 12.82 41.30 -23.87
CA PRO E 163 12.16 40.17 -24.52
C PRO E 163 12.66 38.84 -23.96
N GLY E 164 11.76 38.09 -23.34
CA GLY E 164 12.11 36.79 -22.82
C GLY E 164 12.57 36.80 -21.38
N ASP E 165 12.53 37.96 -20.73
CA ASP E 165 12.77 38.02 -19.31
C ASP E 165 11.68 37.25 -18.60
N CYS E 166 12.07 36.57 -17.52
CA CYS E 166 11.13 35.87 -16.67
C CYS E 166 10.03 36.81 -16.19
N PRO E 167 8.76 36.38 -16.29
CA PRO E 167 7.68 37.23 -15.77
C PRO E 167 7.63 37.16 -14.25
N PRO E 168 7.28 38.27 -13.59
CA PRO E 168 7.16 38.26 -12.13
C PRO E 168 5.94 37.47 -11.65
N LEU E 169 6.04 36.77 -10.54
CA LEU E 169 4.91 36.01 -10.04
C LEU E 169 4.05 36.80 -9.09
N GLU E 170 2.76 36.48 -9.07
CA GLU E 170 1.83 37.00 -8.08
C GLU E 170 0.83 35.93 -7.69
N LEU E 171 0.61 35.76 -6.39
CA LEU E 171 -0.40 34.81 -5.96
C LEU E 171 -1.75 35.48 -6.02
N ILE E 172 -2.61 35.02 -6.92
CA ILE E 172 -3.84 35.73 -7.25
C ILE E 172 -5.09 35.02 -6.71
N ASN E 173 -5.95 35.79 -6.03
CA ASN E 173 -7.20 35.25 -5.51
C ASN E 173 -8.37 35.50 -6.44
N THR E 174 -9.26 34.51 -6.51
CA THR E 174 -10.23 34.47 -7.57
C THR E 174 -11.41 33.63 -7.14
N VAL E 175 -12.57 33.92 -7.71
CA VAL E 175 -13.76 33.17 -7.42
C VAL E 175 -13.70 31.92 -8.26
N ILE E 176 -13.75 30.73 -7.63
CA ILE E 176 -13.75 29.49 -8.38
C ILE E 176 -15.08 29.27 -9.10
N GLN E 177 -15.04 29.31 -10.41
CA GLN E 177 -16.24 29.24 -11.23
C GLN E 177 -16.45 27.84 -11.77
N ASP E 178 -17.64 27.57 -12.31
CA ASP E 178 -17.95 26.26 -12.81
C ASP E 178 -17.29 26.07 -14.15
N GLY E 179 -16.55 24.98 -14.30
CA GLY E 179 -15.81 24.73 -15.52
C GLY E 179 -14.32 25.00 -15.38
N ASP E 180 -13.94 25.66 -14.29
CA ASP E 180 -12.53 25.93 -13.99
C ASP E 180 -11.71 24.65 -13.82
N MET E 181 -10.39 24.76 -13.87
CA MET E 181 -9.57 23.57 -13.73
C MET E 181 -8.87 23.49 -12.38
N VAL E 182 -8.80 22.26 -11.87
CA VAL E 182 -8.04 21.93 -10.70
C VAL E 182 -6.63 21.75 -11.08
N ASP E 183 -5.72 21.89 -10.11
CA ASP E 183 -4.33 21.53 -10.32
C ASP E 183 -4.25 20.03 -10.60
N THR E 184 -3.33 19.67 -11.47
CA THR E 184 -3.25 18.33 -12.02
C THR E 184 -1.86 17.72 -11.82
N GLY E 185 -0.92 18.49 -11.30
CA GLY E 185 0.42 18.00 -11.12
C GLY E 185 1.45 19.06 -11.39
N PHE E 186 1.04 20.10 -12.09
CA PHE E 186 1.95 21.18 -12.46
C PHE E 186 1.68 22.42 -11.64
N GLY E 187 0.98 22.23 -10.53
CA GLY E 187 0.72 23.30 -9.58
C GLY E 187 -0.44 24.14 -10.04
N ALA E 188 -0.78 25.14 -9.26
CA ALA E 188 -1.88 26.01 -9.59
C ALA E 188 -1.38 27.32 -10.17
N MET E 189 -1.41 27.42 -11.50
CA MET E 189 -0.92 28.60 -12.18
C MET E 189 -1.75 28.96 -13.38
N ASP E 190 -1.41 30.12 -13.96
CA ASP E 190 -2.04 30.65 -15.17
C ASP E 190 -1.15 30.28 -16.36
N PHE E 191 -1.50 29.21 -17.06
CA PHE E 191 -0.59 28.68 -18.07
C PHE E 191 -0.58 29.53 -19.34
N THR E 192 -1.63 30.33 -19.51
CA THR E 192 -1.73 31.28 -20.62
C THR E 192 -0.76 32.46 -20.49
N THR E 193 -0.72 33.07 -19.31
CA THR E 193 0.06 34.28 -19.11
C THR E 193 1.48 34.01 -18.63
N LEU E 194 1.74 32.78 -18.16
CA LEU E 194 3.08 32.41 -17.67
C LEU E 194 3.81 31.49 -18.62
N GLN E 195 3.13 30.99 -19.65
CA GLN E 195 3.77 30.09 -20.59
C GLN E 195 3.37 30.42 -22.01
N ALA E 196 4.28 31.11 -22.70
CA ALA E 196 4.08 31.58 -24.07
C ALA E 196 4.39 30.47 -25.05
N ASN E 197 5.09 29.46 -24.56
CA ASN E 197 5.30 28.20 -25.25
C ASN E 197 4.04 27.56 -25.86
N LYS E 198 2.95 27.63 -25.10
CA LYS E 198 1.74 26.87 -25.39
C LYS E 198 1.95 25.36 -25.41
N SER E 199 3.07 24.86 -24.87
CA SER E 199 3.41 23.44 -25.02
C SER E 199 4.06 22.78 -23.79
N GLU E 200 3.93 23.37 -22.60
CA GLU E 200 4.58 22.76 -21.44
C GLU E 200 3.69 21.74 -20.74
N VAL E 201 2.40 21.81 -21.02
CA VAL E 201 1.42 21.02 -20.31
C VAL E 201 0.36 20.59 -21.30
N PRO E 202 -0.46 19.58 -20.96
CA PRO E 202 -1.41 19.06 -21.97
C PRO E 202 -2.47 20.07 -22.41
N LEU E 203 -3.05 19.81 -23.59
CA LEU E 203 -4.16 20.60 -24.14
C LEU E 203 -5.21 21.09 -23.13
N ASP E 204 -5.72 20.21 -22.27
CA ASP E 204 -6.90 20.55 -21.47
C ASP E 204 -6.65 21.63 -20.42
N ILE E 205 -5.39 21.90 -20.11
CA ILE E 205 -5.07 22.94 -19.14
C ILE E 205 -4.12 24.01 -19.70
N CYS E 206 -3.63 23.82 -20.93
CA CYS E 206 -2.52 24.66 -21.43
C CYS E 206 -2.88 26.10 -21.81
N THR E 207 -4.15 26.40 -21.97
CA THR E 207 -4.55 27.80 -22.02
C THR E 207 -5.62 28.05 -20.97
N SER E 208 -5.55 27.35 -19.86
CA SER E 208 -6.49 27.55 -18.77
C SER E 208 -5.80 27.98 -17.49
N ILE E 209 -6.58 28.26 -16.46
CA ILE E 209 -6.00 28.48 -15.15
C ILE E 209 -6.31 27.25 -14.28
N CYS E 210 -5.29 26.72 -13.61
CA CYS E 210 -5.53 25.70 -12.62
C CYS E 210 -5.59 26.38 -11.28
N LYS E 211 -6.74 26.30 -10.62
CA LYS E 211 -6.90 26.93 -9.32
C LYS E 211 -6.94 25.92 -8.18
N TYR E 212 -6.34 26.29 -7.06
CA TYR E 212 -6.42 25.51 -5.83
C TYR E 212 -7.26 26.34 -4.87
N PRO E 213 -8.19 25.69 -4.15
CA PRO E 213 -8.97 26.40 -3.14
C PRO E 213 -8.09 27.13 -2.17
N ASP E 214 -8.42 28.37 -1.82
CA ASP E 214 -7.66 29.00 -0.75
C ASP E 214 -8.33 28.73 0.59
N TYR E 215 -8.13 27.51 1.10
CA TYR E 215 -8.64 27.08 2.41
C TYR E 215 -8.33 28.06 3.53
N ILE E 216 -7.05 28.36 3.72
CA ILE E 216 -6.57 29.30 4.74
C ILE E 216 -7.34 30.63 4.73
N LYS E 217 -7.53 31.22 3.56
CA LYS E 217 -8.25 32.48 3.48
C LYS E 217 -9.71 32.29 3.82
N MET E 218 -10.31 31.22 3.30
CA MET E 218 -11.74 30.94 3.46
C MET E 218 -12.11 30.70 4.92
N VAL E 219 -11.24 30.01 5.64
CA VAL E 219 -11.45 29.73 7.06
C VAL E 219 -11.15 30.98 7.93
N SER E 220 -10.22 31.80 7.48
CA SER E 220 -9.85 32.99 8.22
C SER E 220 -10.90 34.05 8.07
N GLU E 221 -11.72 33.91 7.06
CA GLU E 221 -12.80 34.84 6.84
C GLU E 221 -13.69 34.93 8.09
N PRO E 222 -13.90 36.15 8.59
CA PRO E 222 -14.57 36.43 9.87
C PRO E 222 -15.93 35.73 10.08
N TYR E 223 -16.87 35.93 9.17
CA TYR E 223 -18.21 35.38 9.31
C TYR E 223 -18.26 33.91 8.89
N GLY E 224 -17.31 33.50 8.06
CA GLY E 224 -17.23 32.13 7.63
C GLY E 224 -18.45 31.67 6.83
N ASP E 225 -18.78 32.43 5.80
CA ASP E 225 -19.90 32.12 4.91
C ASP E 225 -19.43 31.25 3.76
N SER E 226 -18.22 31.52 3.29
CA SER E 226 -17.77 30.96 2.02
C SER E 226 -17.65 29.44 2.10
N LEU E 227 -17.21 28.94 3.24
CA LEU E 227 -17.23 27.50 3.44
C LEU E 227 -17.45 27.13 4.91
N PHE E 228 -18.56 26.46 5.20
CA PHE E 228 -18.74 25.98 6.55
C PHE E 228 -18.62 24.48 6.64
N PHE E 229 -17.85 23.91 5.72
CA PHE E 229 -17.59 22.48 5.65
C PHE E 229 -16.84 22.15 4.38
N TYR E 230 -15.82 21.30 4.50
CA TYR E 230 -15.12 20.75 3.33
C TYR E 230 -14.57 19.35 3.61
N LEU E 231 -14.45 18.53 2.57
CA LEU E 231 -13.60 17.35 2.61
C LEU E 231 -12.66 17.43 1.42
N ARG E 232 -11.37 17.18 1.63
CA ARG E 232 -10.42 17.13 0.54
C ARG E 232 -9.63 15.85 0.63
N ARG E 233 -9.12 15.40 -0.50
CA ARG E 233 -8.41 14.14 -0.58
C ARG E 233 -7.63 14.17 -1.89
N GLU E 234 -6.31 14.31 -1.80
CA GLU E 234 -5.50 14.51 -3.00
C GLU E 234 -4.20 13.75 -2.90
N GLN E 235 -3.74 13.23 -4.04
CA GLN E 235 -2.57 12.38 -4.04
C GLN E 235 -1.87 12.35 -5.40
N MET E 236 -0.58 12.07 -5.36
CA MET E 236 0.25 12.23 -6.53
C MET E 236 1.64 11.64 -6.35
N PHE E 237 2.15 10.93 -7.36
CA PHE E 237 3.56 10.58 -7.36
C PHE E 237 4.19 10.96 -8.70
N VAL E 238 5.51 10.81 -8.83
CA VAL E 238 6.24 11.17 -10.02
C VAL E 238 6.41 9.95 -10.93
N ARG E 239 5.83 10.00 -12.13
CA ARG E 239 5.86 8.82 -12.97
C ARG E 239 7.03 8.91 -13.92
N HIS E 240 7.24 10.06 -14.58
CA HIS E 240 8.46 10.26 -15.38
C HIS E 240 9.23 11.56 -15.10
N LEU E 241 10.48 11.60 -15.55
CA LEU E 241 11.42 12.68 -15.25
C LEU E 241 12.09 13.29 -16.51
N PHE E 242 11.54 14.41 -16.97
CA PHE E 242 11.92 14.99 -18.24
C PHE E 242 12.62 16.34 -18.16
N ASN E 243 13.26 16.69 -19.28
CA ASN E 243 13.81 18.00 -19.61
C ASN E 243 12.83 18.94 -20.29
N ARG E 244 13.13 20.24 -20.28
CA ARG E 244 12.51 21.17 -21.25
C ARG E 244 13.54 21.71 -22.25
N ALA E 245 13.23 21.57 -23.54
CA ALA E 245 14.02 22.23 -24.55
C ALA E 245 13.61 23.69 -24.58
N GLY E 246 14.36 24.50 -25.32
CA GLY E 246 14.18 25.94 -25.27
C GLY E 246 15.52 26.48 -24.86
N THR E 247 15.63 27.78 -24.59
CA THR E 247 16.94 28.31 -24.25
C THR E 247 17.07 28.69 -22.80
N VAL E 248 18.31 28.69 -22.34
CA VAL E 248 18.61 29.02 -20.96
C VAL E 248 18.19 30.45 -20.64
N GLY E 249 17.15 30.55 -19.81
CA GLY E 249 16.65 31.83 -19.36
C GLY E 249 17.51 32.35 -18.22
N GLU E 250 18.04 31.42 -17.44
CA GLU E 250 18.92 31.73 -16.34
C GLU E 250 20.01 30.69 -16.22
N ASN E 251 21.23 31.12 -16.50
CA ASN E 251 22.39 30.24 -16.50
C ASN E 251 22.69 29.60 -15.16
N VAL E 252 23.24 28.39 -15.24
CA VAL E 252 23.70 27.67 -14.07
C VAL E 252 25.01 28.27 -13.57
N PRO E 253 24.98 28.83 -12.34
CA PRO E 253 26.16 29.44 -11.72
C PRO E 253 27.33 28.48 -11.78
N ASP E 254 28.48 28.89 -12.32
CA ASP E 254 29.54 27.91 -12.56
C ASP E 254 30.33 27.53 -11.29
N ASP E 255 29.88 28.00 -10.14
CA ASP E 255 30.46 27.55 -8.87
C ASP E 255 29.76 26.29 -8.38
N LEU E 256 28.81 25.82 -9.18
CA LEU E 256 28.06 24.60 -8.91
C LEU E 256 28.54 23.36 -9.71
N TYR E 257 29.54 23.52 -10.57
CA TYR E 257 30.01 22.39 -11.38
C TYR E 257 31.37 22.65 -12.02
N ILE E 258 32.04 21.56 -12.38
CA ILE E 258 33.30 21.60 -13.09
C ILE E 258 33.06 21.38 -14.58
N LYS E 259 33.46 22.36 -15.40
CA LYS E 259 33.30 22.32 -16.86
C LYS E 259 33.72 21.01 -17.49
N GLY E 260 32.89 20.52 -18.42
CA GLY E 260 33.20 19.32 -19.17
C GLY E 260 33.90 19.67 -20.46
N SER E 261 33.94 18.70 -21.38
CA SER E 261 34.56 18.91 -22.69
C SER E 261 34.03 17.90 -23.71
N GLY E 262 34.39 18.10 -24.97
CA GLY E 262 33.91 17.21 -26.00
C GLY E 262 32.40 17.25 -26.05
N SER E 263 31.76 16.16 -25.62
CA SER E 263 30.30 16.10 -25.62
C SER E 263 29.67 16.84 -24.42
N THR E 264 30.37 16.78 -23.29
CA THR E 264 29.92 17.45 -22.07
C THR E 264 30.44 18.88 -21.95
N ALA E 265 30.80 19.46 -23.10
CA ALA E 265 31.25 20.85 -23.14
C ALA E 265 30.05 21.75 -22.95
N ASN E 266 28.91 21.30 -23.47
CA ASN E 266 27.69 22.08 -23.44
C ASN E 266 26.69 21.53 -22.46
N LEU E 267 26.28 22.34 -21.51
CA LEU E 267 25.31 21.90 -20.51
C LEU E 267 23.92 21.61 -21.09
N ALA E 268 23.47 20.37 -20.89
CA ALA E 268 22.11 19.95 -21.14
C ALA E 268 21.15 20.78 -20.29
N SER E 269 19.99 21.10 -20.86
CA SER E 269 18.97 21.84 -20.14
C SER E 269 18.67 21.23 -18.77
N SER E 270 18.93 22.00 -17.71
CA SER E 270 18.62 21.55 -16.35
C SER E 270 17.32 22.12 -15.88
N ASN E 271 16.50 22.53 -16.84
CA ASN E 271 15.11 22.89 -16.64
C ASN E 271 14.18 21.67 -16.55
N TYR E 272 14.32 20.92 -15.44
CA TYR E 272 13.58 19.67 -15.21
C TYR E 272 12.09 19.86 -14.92
N PHE E 273 11.28 18.88 -15.31
CA PHE E 273 9.86 18.84 -14.92
C PHE E 273 9.41 17.37 -14.85
N PRO E 274 8.64 17.02 -13.80
CA PRO E 274 8.18 15.64 -13.72
C PRO E 274 6.82 15.44 -14.36
N THR E 275 6.53 14.18 -14.67
CA THR E 275 5.19 13.76 -15.07
C THR E 275 4.43 13.25 -13.85
N PRO E 276 3.27 13.82 -13.60
CA PRO E 276 2.50 13.41 -12.44
C PRO E 276 1.78 12.10 -12.67
N SER E 277 1.43 11.42 -11.59
CA SER E 277 0.53 10.29 -11.65
C SER E 277 -0.33 10.25 -10.42
N GLY E 278 -1.62 10.50 -10.55
CA GLY E 278 -2.55 10.13 -9.50
C GLY E 278 -2.64 8.63 -9.62
N SER E 279 -2.61 7.91 -8.51
CA SER E 279 -2.36 6.48 -8.60
C SER E 279 -3.63 5.69 -8.91
N MET E 280 -3.82 4.58 -8.22
CA MET E 280 -5.06 3.82 -8.28
C MET E 280 -6.22 4.58 -7.65
N VAL E 281 -7.40 4.47 -8.24
CA VAL E 281 -8.63 4.97 -7.59
C VAL E 281 -9.35 3.79 -6.96
N THR E 282 -10.02 4.01 -5.84
CA THR E 282 -10.60 2.90 -5.10
C THR E 282 -11.91 3.24 -4.40
N SER E 283 -12.86 2.32 -4.40
CA SER E 283 -14.13 2.47 -3.65
C SER E 283 -13.89 2.96 -2.21
N ASP E 284 -13.03 2.23 -1.49
CA ASP E 284 -12.83 2.48 -0.06
C ASP E 284 -12.53 3.94 0.26
N ALA E 285 -11.92 4.62 -0.70
CA ALA E 285 -11.44 5.97 -0.48
C ALA E 285 -12.39 7.04 -1.03
N GLN E 286 -13.65 6.66 -1.22
CA GLN E 286 -14.63 7.55 -1.81
C GLN E 286 -15.13 8.54 -0.78
N ILE E 287 -15.38 9.75 -1.25
CA ILE E 287 -15.82 10.85 -0.43
C ILE E 287 -17.30 11.03 -0.69
N PHE E 288 -17.74 10.49 -1.82
CA PHE E 288 -19.10 10.70 -2.27
C PHE E 288 -19.98 9.49 -2.04
N ASN E 289 -21.27 9.67 -2.35
CA ASN E 289 -22.31 8.71 -2.05
C ASN E 289 -22.30 8.34 -0.56
N LYS E 290 -21.92 9.32 0.26
CA LYS E 290 -21.88 9.21 1.71
C LYS E 290 -22.59 10.46 2.19
N PRO E 291 -23.30 10.38 3.32
CA PRO E 291 -23.99 11.60 3.76
C PRO E 291 -23.11 12.47 4.67
N TYR E 292 -23.21 13.79 4.55
CA TYR E 292 -22.47 14.69 5.45
C TYR E 292 -23.42 15.45 6.35
N TRP E 293 -23.31 15.24 7.65
CA TRP E 293 -24.15 15.94 8.61
C TRP E 293 -23.49 17.22 9.12
N LEU E 294 -23.94 18.37 8.62
CA LEU E 294 -23.31 19.66 8.94
C LEU E 294 -23.84 20.26 10.24
N GLN E 295 -23.35 19.78 11.39
CA GLN E 295 -23.98 20.16 12.64
C GLN E 295 -23.24 21.27 13.35
N ARG E 296 -21.92 21.13 13.49
CA ARG E 296 -21.13 22.13 14.19
C ARG E 296 -20.08 22.61 13.23
N ALA E 297 -20.24 23.82 12.74
CA ALA E 297 -19.27 24.36 11.80
C ALA E 297 -18.10 25.04 12.54
N GLN E 298 -16.88 24.82 12.06
CA GLN E 298 -15.72 25.51 12.60
C GLN E 298 -15.90 27.05 12.55
N GLY E 299 -16.65 27.55 11.57
CA GLY E 299 -16.94 28.97 11.38
C GLY E 299 -18.08 29.49 12.25
N HIS E 300 -18.35 30.80 12.16
CA HIS E 300 -19.44 31.38 12.95
C HIS E 300 -20.78 31.22 12.25
N ASN E 301 -20.74 31.03 10.94
CA ASN E 301 -21.91 30.61 10.20
C ASN E 301 -22.09 29.11 10.23
N ASN E 302 -23.04 28.67 11.03
CA ASN E 302 -23.27 27.27 11.22
C ASN E 302 -24.31 26.76 10.25
N GLY E 303 -23.98 26.84 8.96
CA GLY E 303 -24.80 26.28 7.91
C GLY E 303 -26.03 27.10 7.58
N ILE E 304 -26.06 28.35 8.00
CA ILE E 304 -27.18 29.19 7.62
C ILE E 304 -27.05 29.63 6.16
N CYS E 305 -28.13 29.40 5.41
CA CYS E 305 -28.15 29.70 3.99
C CYS E 305 -28.73 31.09 3.72
N TRP E 306 -28.00 32.11 4.17
CA TRP E 306 -28.31 33.51 3.93
C TRP E 306 -28.62 33.72 2.48
N GLY E 307 -29.65 34.51 2.22
CA GLY E 307 -30.04 34.85 0.87
C GLY E 307 -30.76 33.72 0.16
N ASN E 308 -31.11 32.68 0.89
CA ASN E 308 -31.74 31.50 0.30
C ASN E 308 -30.89 30.88 -0.80
N GLN E 309 -29.57 30.90 -0.59
CA GLN E 309 -28.59 30.43 -1.54
C GLN E 309 -27.76 29.37 -0.89
N LEU E 310 -27.06 28.58 -1.69
CA LEU E 310 -26.22 27.51 -1.19
C LEU E 310 -25.18 27.17 -2.25
N PHE E 311 -23.93 27.03 -1.86
CA PHE E 311 -22.90 26.67 -2.83
C PHE E 311 -22.26 25.33 -2.53
N VAL E 312 -22.17 24.49 -3.57
CA VAL E 312 -21.60 23.16 -3.42
C VAL E 312 -20.57 22.98 -4.51
N THR E 313 -19.33 22.90 -4.08
CA THR E 313 -18.24 22.72 -4.99
C THR E 313 -17.74 21.29 -4.89
N VAL E 314 -17.48 20.69 -6.04
CA VAL E 314 -17.02 19.32 -6.15
C VAL E 314 -15.90 19.23 -7.19
N VAL E 315 -14.81 18.55 -6.83
CA VAL E 315 -13.91 17.96 -7.81
C VAL E 315 -13.86 16.47 -7.54
N ASP E 316 -14.00 15.69 -8.59
CA ASP E 316 -13.89 14.25 -8.46
C ASP E 316 -13.15 13.72 -9.67
N THR E 317 -11.85 13.46 -9.54
CA THR E 317 -11.09 12.90 -10.68
C THR E 317 -11.12 11.39 -10.70
N THR E 318 -11.94 10.81 -9.84
CA THR E 318 -11.97 9.37 -9.69
C THR E 318 -12.91 8.67 -10.68
N ARG E 319 -13.50 9.46 -11.59
CA ARG E 319 -14.41 8.95 -12.61
C ARG E 319 -14.13 9.65 -13.92
N SER E 320 -12.85 9.85 -14.19
CA SER E 320 -12.41 10.70 -15.29
C SER E 320 -12.33 9.97 -16.64
N THR E 321 -12.73 8.70 -16.65
CA THR E 321 -12.72 7.86 -17.84
C THR E 321 -13.30 8.58 -19.05
N ASN E 322 -12.43 8.77 -20.04
CA ASN E 322 -12.86 9.24 -21.34
C ASN E 322 -13.21 8.05 -22.22
N MET E 323 -14.21 8.22 -23.06
CA MET E 323 -14.54 7.15 -24.00
C MET E 323 -14.26 7.62 -25.41
N SER E 324 -13.48 6.85 -26.15
CA SER E 324 -13.29 7.18 -27.55
C SER E 324 -14.44 6.55 -28.30
N LEU E 325 -15.12 7.34 -29.11
CA LEU E 325 -16.15 6.77 -29.94
C LEU E 325 -15.82 7.10 -31.39
N CYS E 326 -15.89 6.09 -32.25
CA CYS E 326 -15.45 6.23 -33.61
C CYS E 326 -16.53 5.81 -34.61
N ALA E 327 -16.60 6.56 -35.72
CA ALA E 327 -17.60 6.37 -36.74
C ALA E 327 -16.93 6.14 -38.08
N ALA E 328 -17.59 5.34 -38.92
CA ALA E 328 -17.08 4.97 -40.23
C ALA E 328 -17.55 5.93 -41.32
N ILE E 329 -16.70 6.18 -42.29
CA ILE E 329 -17.05 7.11 -43.35
C ILE E 329 -17.86 6.39 -44.42
N SER E 330 -17.35 5.24 -44.84
CA SER E 330 -18.13 4.32 -45.64
C SER E 330 -18.80 3.38 -44.67
N THR E 331 -19.22 2.23 -45.15
CA THR E 331 -19.89 1.24 -44.30
C THR E 331 -19.82 -0.07 -45.03
N SER E 332 -19.47 0.04 -46.30
CA SER E 332 -19.36 -1.12 -47.16
C SER E 332 -18.22 -2.03 -46.76
N GLU E 333 -17.01 -1.56 -47.09
CA GLU E 333 -15.81 -2.35 -47.31
C GLU E 333 -15.68 -3.68 -46.58
N THR E 334 -14.56 -3.82 -45.90
CA THR E 334 -14.12 -5.14 -45.50
C THR E 334 -12.71 -5.10 -44.91
N THR E 335 -11.94 -4.10 -45.28
CA THR E 335 -10.53 -4.08 -44.92
C THR E 335 -10.15 -2.75 -44.24
N TYR E 336 -9.59 -2.86 -43.03
CA TYR E 336 -9.34 -1.68 -42.22
C TYR E 336 -8.43 -0.69 -42.90
N LYS E 337 -8.89 0.56 -42.94
CA LYS E 337 -8.16 1.71 -43.48
C LYS E 337 -8.20 2.83 -42.45
N ASN E 338 -7.04 3.27 -41.97
CA ASN E 338 -7.02 4.33 -40.95
C ASN E 338 -7.86 5.54 -41.32
N THR E 339 -8.01 5.76 -42.62
CA THR E 339 -8.65 6.97 -43.15
C THR E 339 -10.18 6.86 -43.24
N ASN E 340 -10.69 5.64 -43.02
CA ASN E 340 -12.11 5.35 -43.14
C ASN E 340 -12.89 5.62 -41.86
N PHE E 341 -12.18 5.66 -40.73
CA PHE E 341 -12.84 5.87 -39.45
C PHE E 341 -12.43 7.17 -38.76
N LYS E 342 -13.38 8.04 -38.55
CA LYS E 342 -13.13 9.23 -37.77
C LYS E 342 -13.21 8.93 -36.26
N GLU E 343 -12.14 9.26 -35.54
CA GLU E 343 -12.05 9.04 -34.09
C GLU E 343 -12.37 10.29 -33.30
N TYR E 344 -13.29 10.16 -32.35
CA TYR E 344 -13.56 11.27 -31.44
C TYR E 344 -13.23 10.91 -29.97
N LEU E 345 -13.49 11.87 -29.08
CA LEU E 345 -13.42 11.69 -27.63
C LEU E 345 -14.62 12.34 -26.98
N ARG E 346 -15.18 11.68 -25.96
CA ARG E 346 -16.26 12.27 -25.18
C ARG E 346 -16.12 11.93 -23.70
N HIS E 347 -16.56 12.84 -22.82
CA HIS E 347 -16.57 12.52 -21.41
C HIS E 347 -17.93 12.76 -20.79
N GLY E 348 -18.34 11.85 -19.92
CA GLY E 348 -19.61 11.97 -19.24
C GLY E 348 -19.48 12.06 -17.73
N GLU E 349 -20.26 12.95 -17.15
CA GLU E 349 -20.24 13.17 -15.73
C GLU E 349 -21.70 13.00 -15.25
N GLU E 350 -21.91 12.26 -14.15
CA GLU E 350 -23.26 12.12 -13.56
C GLU E 350 -23.29 12.49 -12.09
N TYR E 351 -24.24 13.36 -11.74
CA TYR E 351 -24.39 13.87 -10.38
C TYR E 351 -25.80 13.66 -9.84
N ASP E 352 -25.93 13.81 -8.53
CA ASP E 352 -27.22 13.81 -7.89
C ASP E 352 -27.06 14.44 -6.51
N LEU E 353 -27.59 15.64 -6.36
CA LEU E 353 -27.45 16.39 -5.13
C LEU E 353 -28.66 16.25 -4.24
N GLN E 354 -28.46 15.73 -3.04
CA GLN E 354 -29.56 15.61 -2.09
C GLN E 354 -29.24 16.38 -0.80
N PHE E 355 -30.28 16.90 -0.16
CA PHE E 355 -30.13 17.86 0.93
C PHE E 355 -31.16 17.72 2.06
N ILE E 356 -30.72 17.81 3.31
CA ILE E 356 -31.69 18.04 4.35
C ILE E 356 -31.61 19.49 4.83
N PHE E 357 -32.72 20.21 4.77
CA PHE E 357 -32.74 21.59 5.25
C PHE E 357 -33.57 21.77 6.53
N GLN E 358 -33.09 22.61 7.44
CA GLN E 358 -33.79 22.91 8.69
C GLN E 358 -34.28 24.35 8.68
N LEU E 359 -35.57 24.55 8.95
CA LEU E 359 -36.14 25.89 9.03
C LEU E 359 -35.58 26.61 10.26
N CYS E 360 -35.25 27.90 10.11
CA CYS E 360 -34.79 28.69 11.26
C CYS E 360 -35.48 30.03 11.34
N LYS E 361 -35.38 30.68 12.49
CA LYS E 361 -36.08 31.94 12.69
C LYS E 361 -35.13 32.96 13.29
N ILE E 362 -35.19 34.20 12.79
CA ILE E 362 -34.43 35.29 13.35
C ILE E 362 -35.42 36.25 13.97
N THR E 363 -35.23 36.63 15.24
CA THR E 363 -36.05 37.71 15.79
C THR E 363 -35.34 39.06 15.65
N LEU E 364 -35.97 40.00 14.93
CA LEU E 364 -35.31 41.25 14.61
C LEU E 364 -35.39 42.28 15.73
N THR E 365 -34.60 42.03 16.76
CA THR E 365 -34.34 43.00 17.80
C THR E 365 -33.41 44.08 17.26
N ALA E 366 -33.19 45.13 18.04
CA ALA E 366 -32.35 46.22 17.56
C ALA E 366 -30.91 45.77 17.36
N ASP E 367 -30.46 44.79 18.14
CA ASP E 367 -29.08 44.31 18.10
C ASP E 367 -28.88 43.46 16.87
N VAL E 368 -29.88 42.66 16.59
CA VAL E 368 -29.77 41.66 15.56
C VAL E 368 -29.83 42.32 14.19
N MET E 369 -30.65 43.36 14.07
CA MET E 369 -30.74 44.10 12.82
C MET E 369 -29.43 44.83 12.55
N THR E 370 -28.91 45.47 13.57
CA THR E 370 -27.63 46.13 13.48
C THR E 370 -26.56 45.13 13.04
N TYR E 371 -26.51 43.97 13.69
CA TYR E 371 -25.48 43.00 13.35
C TYR E 371 -25.63 42.51 11.91
N ILE E 372 -26.85 42.10 11.55
CA ILE E 372 -27.11 41.57 10.22
C ILE E 372 -26.87 42.66 9.15
N HIS E 373 -27.22 43.89 9.47
CA HIS E 373 -26.97 44.99 8.56
C HIS E 373 -25.47 45.19 8.26
N SER E 374 -24.64 45.07 9.29
CA SER E 374 -23.21 45.16 9.12
C SER E 374 -22.68 44.00 8.30
N MET E 375 -23.28 42.84 8.54
CA MET E 375 -22.77 41.59 8.00
C MET E 375 -23.04 41.50 6.52
N ASN E 376 -24.25 41.87 6.13
CA ASN E 376 -24.73 41.74 4.77
C ASN E 376 -26.16 42.21 4.77
N SER E 377 -26.43 43.47 4.51
CA SER E 377 -27.82 43.89 4.67
C SER E 377 -28.65 43.71 3.42
N THR E 378 -28.10 43.05 2.42
CA THR E 378 -28.96 42.58 1.33
C THR E 378 -29.95 41.58 1.95
N ILE E 379 -29.51 40.85 2.98
CA ILE E 379 -30.40 40.01 3.78
C ILE E 379 -31.66 40.77 4.22
N LEU E 380 -31.47 41.87 4.93
CA LEU E 380 -32.59 42.66 5.42
C LEU E 380 -33.40 43.32 4.31
N GLU E 381 -32.70 43.92 3.35
CA GLU E 381 -33.37 44.54 2.21
C GLU E 381 -34.25 43.50 1.53
N ASP E 382 -33.72 42.30 1.34
CA ASP E 382 -34.45 41.27 0.61
C ASP E 382 -35.60 40.67 1.43
N TRP E 383 -35.58 40.82 2.75
CA TRP E 383 -36.70 40.29 3.55
C TRP E 383 -37.94 41.12 3.31
N ASN E 384 -38.37 41.90 4.30
CA ASN E 384 -39.64 42.60 4.12
C ASN E 384 -39.70 43.54 2.89
N GLY E 385 -38.56 44.10 2.49
CA GLY E 385 -38.49 44.96 1.31
C GLY E 385 -39.13 44.36 0.05
N GLY E 386 -38.49 43.35 -0.53
CA GLY E 386 -39.09 42.59 -1.62
C GLY E 386 -38.98 43.15 -3.04
N GLY E 387 -39.46 44.37 -3.26
CA GLY E 387 -39.46 45.00 -4.58
C GLY E 387 -38.07 45.38 -5.11
N SER E 388 -37.07 45.06 -4.28
CA SER E 388 -35.64 45.30 -4.52
C SER E 388 -35.06 45.23 -5.95
N GLY E 389 -35.86 44.79 -6.93
CA GLY E 389 -35.36 44.56 -8.28
C GLY E 389 -34.22 43.56 -8.24
N ALA E 390 -34.45 42.49 -7.47
CA ALA E 390 -33.40 41.55 -7.07
C ALA E 390 -32.49 41.15 -8.21
N GLU E 391 -31.49 41.99 -8.50
CA GLU E 391 -30.48 41.70 -9.51
C GLU E 391 -29.29 40.96 -8.90
N ASP E 392 -28.83 39.93 -9.61
CA ASP E 392 -27.69 39.09 -9.20
C ASP E 392 -26.38 39.87 -9.04
N PRO E 393 -25.83 39.92 -7.80
CA PRO E 393 -24.54 40.56 -7.54
C PRO E 393 -23.36 39.73 -8.03
N LEU E 394 -23.62 38.49 -8.46
CA LEU E 394 -22.58 37.62 -9.01
C LEU E 394 -22.88 37.21 -10.45
N LYS E 395 -23.29 38.18 -11.27
CA LYS E 395 -23.64 37.90 -12.65
C LYS E 395 -22.39 37.61 -13.50
N LYS E 396 -21.29 38.31 -13.20
CA LYS E 396 -20.01 38.08 -13.88
C LYS E 396 -19.58 36.60 -13.88
N TYR E 397 -19.81 35.93 -12.75
CA TYR E 397 -19.33 34.58 -12.55
C TYR E 397 -20.35 33.60 -13.10
N THR E 398 -19.87 32.46 -13.59
CA THR E 398 -20.80 31.47 -14.10
C THR E 398 -20.75 30.20 -13.22
N PHE E 399 -21.93 29.73 -12.84
CA PHE E 399 -22.09 28.51 -12.06
C PHE E 399 -23.12 27.58 -12.69
N TRP E 400 -23.11 26.33 -12.26
CA TRP E 400 -24.19 25.40 -12.59
C TRP E 400 -25.42 25.76 -11.76
N GLU E 401 -26.37 26.44 -12.40
CA GLU E 401 -27.58 26.89 -11.71
C GLU E 401 -28.49 25.71 -11.44
N VAL E 402 -28.78 25.50 -10.15
CA VAL E 402 -29.65 24.41 -9.69
C VAL E 402 -30.89 24.97 -9.02
N ASN E 403 -32.06 24.72 -9.58
CA ASN E 403 -33.30 25.25 -9.03
C ASN E 403 -33.99 24.23 -8.13
N LEU E 404 -34.04 24.51 -6.84
CA LEU E 404 -34.71 23.62 -5.91
C LEU E 404 -36.05 24.17 -5.39
N LYS E 405 -36.37 25.39 -5.83
CA LYS E 405 -37.58 26.07 -5.36
C LYS E 405 -38.85 25.21 -5.40
N GLU E 406 -38.89 24.24 -6.30
CA GLU E 406 -40.06 23.40 -6.49
C GLU E 406 -39.89 21.99 -5.92
N LYS E 407 -38.79 21.77 -5.20
CA LYS E 407 -38.33 20.41 -4.86
C LYS E 407 -38.31 20.08 -3.36
N PHE E 408 -38.85 20.98 -2.54
CA PHE E 408 -38.85 20.81 -1.09
C PHE E 408 -40.01 19.93 -0.61
N SER E 409 -39.70 18.86 0.11
CA SER E 409 -40.76 18.03 0.70
C SER E 409 -40.57 17.72 2.18
N ALA E 410 -41.65 17.75 2.94
CA ALA E 410 -41.55 17.55 4.38
C ALA E 410 -41.52 16.07 4.74
N ASP E 411 -41.80 15.21 3.77
CA ASP E 411 -41.83 13.77 4.01
C ASP E 411 -40.47 13.06 3.82
N LEU E 412 -39.54 13.33 4.74
CA LEU E 412 -38.18 12.79 4.66
C LEU E 412 -38.14 11.29 4.41
N ASP E 413 -39.09 10.60 5.02
CA ASP E 413 -39.40 9.19 4.81
C ASP E 413 -39.17 8.70 3.39
N GLN E 414 -39.58 9.52 2.43
CA GLN E 414 -39.72 9.09 1.04
C GLN E 414 -38.49 9.31 0.19
N PHE E 415 -37.39 9.70 0.83
CA PHE E 415 -36.15 9.96 0.10
C PHE E 415 -34.98 9.25 0.80
N PRO E 416 -33.99 8.82 0.00
CA PRO E 416 -32.87 8.09 0.62
C PRO E 416 -32.13 8.91 1.69
N LEU E 417 -31.87 10.20 1.42
CA LEU E 417 -31.17 11.04 2.38
C LEU E 417 -32.06 11.31 3.57
N GLY E 418 -33.36 11.13 3.39
CA GLY E 418 -34.31 11.37 4.46
C GLY E 418 -34.30 10.28 5.51
N ARG E 419 -34.33 9.05 5.02
CA ARG E 419 -34.29 7.90 5.91
C ARG E 419 -32.94 7.92 6.62
N LYS E 420 -31.89 8.22 5.86
CA LYS E 420 -30.54 8.30 6.43
C LYS E 420 -30.53 9.33 7.55
N PHE E 421 -31.15 10.46 7.30
CA PHE E 421 -31.24 11.51 8.30
C PHE E 421 -32.07 11.08 9.52
N LEU E 422 -33.28 10.56 9.27
CA LEU E 422 -34.14 10.14 10.36
C LEU E 422 -33.48 9.10 11.26
N LEU E 423 -32.73 8.18 10.65
CA LEU E 423 -32.06 7.12 11.40
C LEU E 423 -31.02 7.69 12.33
N GLN E 424 -30.29 8.70 11.88
CA GLN E 424 -29.20 9.24 12.67
C GLN E 424 -29.65 10.18 13.77
N ALA E 425 -30.69 10.96 13.52
CA ALA E 425 -31.16 11.84 14.58
C ALA E 425 -32.04 11.05 15.53
N GLY E 426 -32.84 10.12 14.98
CA GLY E 426 -33.83 9.40 15.76
C GLY E 426 -35.13 10.19 15.87
S JHM F . -2.64 -27.57 -37.21
C1 JHM F . 2.42 -25.49 -38.30
O1 JHM F . 2.79 -24.15 -37.91
C2 JHM F . 2.39 -25.58 -39.82
C3 JHM F . 1.39 -24.53 -40.31
O3 JHM F . 1.37 -24.53 -41.71
C4 JHM F . 0.00 -24.95 -39.77
O4 JHM F . -0.98 -24.01 -40.16
C5 JHM F . 0.10 -24.95 -38.22
O5 JHM F . 1.14 -25.82 -37.78
C6 JHM F . -1.15 -25.39 -37.47
O6 JHM F . -1.44 -26.74 -37.77
O7 JHM F . -2.24 -27.98 -35.87
O8 JHM F . -3.78 -26.68 -37.20
O9 JHM F . -2.83 -28.69 -38.12
C1 IDS F . -1.85 -24.49 -41.01
C2 IDS F . -3.08 -23.66 -40.94
C3 IDS F . -3.04 -22.44 -41.88
C4 IDS F . -2.52 -22.78 -43.26
C5 IDS F . -1.24 -23.52 -43.09
C6 IDS F . -0.49 -23.78 -44.40
O2 IDS F . -4.14 -24.42 -41.33
O3 IDS F . -2.17 -21.49 -41.32
O5 IDS F . -1.47 -24.71 -42.36
O6A IDS F . -0.16 -24.92 -44.72
O6B IDS F . -0.21 -22.84 -45.15
S IDS F . -5.33 -24.85 -40.46
O1S IDS F . -6.23 -25.50 -41.35
O2S IDS F . -4.80 -25.73 -39.48
O3S IDS F . -5.84 -23.64 -39.90
S JHM G . -1.89 10.10 -48.32
C1 JHM G . -4.79 5.34 -48.63
O1 JHM G . -5.49 4.95 -49.83
C2 JHM G . -5.79 5.59 -47.52
C3 JHM G . -6.73 6.70 -48.01
O3 JHM G . -7.72 6.93 -47.04
C4 JHM G . -5.88 7.98 -48.21
O4 JHM G . -6.68 9.03 -48.70
C5 JHM G . -4.79 7.64 -49.27
O5 JHM G . -4.02 6.50 -48.86
C6 JHM G . -3.79 8.74 -49.58
O6 JHM G . -3.03 9.02 -48.43
O7 JHM G . -0.72 9.49 -48.92
O8 JHM G . -2.36 11.25 -49.07
O9 JHM G . -1.72 10.39 -46.92
C1 IDS G . -6.76 10.14 -47.85
C2 IDS G . -7.27 11.32 -48.62
C3 IDS G . -8.78 11.30 -48.84
C4 IDS G . -9.55 10.92 -47.59
C5 IDS G . -8.94 9.67 -47.05
C6 IDS G . -9.73 9.06 -45.89
O2 IDS G . -6.97 12.45 -47.91
O3 IDS G . -9.06 10.34 -49.82
O4 IDS G . -9.39 11.95 -46.68
O5 IDS G . -7.59 9.89 -46.73
O6A IDS G . -9.18 8.81 -44.82
O6B IDS G . -10.93 8.80 -46.02
S IDS G . -6.02 13.57 -48.31
O1S IDS G . -4.72 13.00 -48.30
O2S IDS G . -6.16 14.59 -47.31
O3S IDS G . -6.44 13.97 -49.61
S JHM G . -9.93 14.63 -40.83
C1 JHM G . -10.49 12.05 -45.75
C2 JHM G . -11.58 12.91 -46.36
C3 JHM G . -10.96 14.28 -46.66
O3 JHM G . -11.91 15.10 -47.28
C4 JHM G . -10.53 14.90 -45.30
O4 JHM G . -9.92 16.15 -45.51
C5 JHM G . -9.50 13.93 -44.67
O5 JHM G . -10.04 12.62 -44.53
C6 JHM G . -8.98 14.32 -43.29
O6 JHM G . -10.04 14.29 -42.37
O7 JHM G . -9.40 13.45 -40.21
O8 JHM G . -11.27 14.96 -40.39
O9 JHM G . -9.03 15.77 -40.75
C1 IDS G . -10.58 17.24 -44.93
C2 IDS G . -9.66 18.41 -44.86
C3 IDS G . -9.49 19.15 -46.18
C4 IDS G . -10.81 19.38 -46.89
C5 IDS G . -11.51 18.06 -46.95
C6 IDS G . -12.78 18.07 -47.80
O2 IDS G . -10.16 19.30 -43.95
O3 IDS G . -8.68 18.36 -47.02
O4 IDS G . -10.97 20.74 -46.68
O5 IDS G . -11.76 17.59 -45.64
O6A IDS G . -12.75 18.47 -48.98
O6B IDS G . -13.86 17.71 -47.33
S IDS G . -9.56 19.72 -42.61
O1S IDS G . -8.22 20.11 -42.92
O2S IDS G . -9.60 18.55 -41.78
O3S IDS G . -10.37 20.76 -42.12
S JHM G . -15.52 22.86 -42.60
C1 JHM G . -12.34 21.17 -46.88
C2 JHM G . -12.35 22.44 -47.71
C3 JHM G . -11.53 23.49 -46.95
O3 JHM G . -11.46 24.67 -47.70
C4 JHM G . -12.27 23.76 -45.61
O4 JHM G . -11.54 24.69 -44.84
C5 JHM G . -12.33 22.41 -44.84
O5 JHM G . -12.97 21.40 -45.63
C6 JHM G . -13.06 22.44 -43.50
O6 JHM G . -14.41 22.73 -43.72
O7 JHM G . -15.90 21.49 -42.28
O8 JHM G . -16.61 23.63 -43.19
O9 JHM G . -14.89 23.54 -41.50
C1 IDS G . -12.22 25.88 -44.57
C2 IDS G . -11.55 26.60 -43.43
C3 IDS G . -10.28 27.35 -43.84
C4 IDS G . -10.46 28.13 -45.13
C5 IDS G . -11.02 27.20 -46.15
C6 IDS G . -11.08 27.78 -47.56
O2 IDS G . -12.43 27.53 -42.94
O3 IDS G . -9.26 26.40 -44.05
O5 IDS G . -12.28 26.72 -45.70
O6A IDS G . -10.06 28.24 -48.09
O6B IDS G . -12.14 27.81 -48.18
S IDS G . -13.08 27.54 -41.56
O1S IDS G . -11.99 27.44 -40.64
O2S IDS G . -13.94 26.42 -41.52
O3S IDS G . -13.78 28.77 -41.47
S JHM H . 34.92 -8.43 15.70
C1 JHM H . 33.82 -13.17 12.97
O1 JHM H . 34.73 -13.71 11.97
C2 JHM H . 32.52 -12.77 12.29
C3 JHM H . 32.87 -11.73 11.22
O3 JHM H . 31.72 -11.37 10.52
C4 JHM H . 33.45 -10.50 11.96
O4 JHM H . 33.84 -9.51 11.02
C5 JHM H . 34.72 -10.99 12.72
O5 JHM H . 34.41 -12.05 13.61
C6 JHM H . 35.43 -9.93 13.57
O6 JHM H . 34.58 -9.51 14.60
O7 JHM H . 35.74 -9.12 16.67
O8 JHM H . 33.66 -7.96 16.23
O9 JHM H . 35.65 -7.39 15.01
C1 IDS H . 33.14 -8.30 11.15
C2 IDS H . 33.89 -7.23 10.41
C3 IDS H . 33.69 -7.25 8.89
C4 IDS H . 32.24 -7.47 8.51
C5 IDS H . 31.73 -8.65 9.27
C6 IDS H . 30.34 -9.11 8.85
O2 IDS H . 33.43 -6.01 10.85
O3 IDS H . 34.43 -8.33 8.38
O5 IDS H . 31.82 -8.40 10.65
O6A IDS H . 30.10 -9.37 7.65
O6B IDS H . 29.43 -9.22 9.67
S IDS H . 34.21 -4.96 11.63
O1S IDS H . 35.40 -4.73 10.87
O2S IDS H . 34.50 -5.54 12.90
O3S IDS H . 33.36 -3.83 11.73
S JHM I . 37.55 -21.16 18.53
C1 JHM I . 32.02 -21.00 17.79
O1 JHM I . 31.39 -21.59 16.62
C2 JHM I . 31.82 -19.49 17.76
C3 JHM I . 32.43 -18.98 16.46
O3 JHM I . 32.22 -17.60 16.35
C4 JHM I . 33.96 -19.28 16.52
O4 JHM I . 34.59 -18.86 15.34
C5 JHM I . 34.11 -20.82 16.66
O5 JHM I . 33.40 -21.31 17.80
C6 JHM I . 35.54 -21.34 16.80
O6 JHM I . 36.09 -20.86 18.00
O7 JHM I . 37.48 -22.48 19.11
O8 JHM I . 37.86 -20.11 19.49
O9 JHM I . 38.40 -21.10 17.36
C1 IDS I . 35.55 -17.86 15.51
C2 IDS I . 36.43 -17.79 14.29
C3 IDS I . 35.79 -17.06 13.12
C4 IDS I . 35.11 -15.76 13.54
C5 IDS I . 34.20 -16.09 14.68
C6 IDS I . 33.31 -14.93 15.10
O2 IDS I . 37.57 -17.12 14.62
O3 IDS I . 34.80 -17.89 12.56
O5 IDS I . 34.97 -16.60 15.76
O6A IDS I . 33.29 -14.53 16.27
O6B IDS I . 32.57 -14.37 14.27
S IDS I . 38.99 -17.67 14.68
O1S IDS I . 39.20 -18.27 13.40
O2S IDS I . 39.01 -18.61 15.73
O3S IDS I . 39.83 -16.55 14.92
S JHM J . 47.41 -6.40 -2.29
C1 JHM J . 48.48 -1.05 -1.12
O1 JHM J . 47.44 -0.12 -0.75
C2 JHM J . 49.07 -0.62 -2.46
C3 JHM J . 47.92 -0.61 -3.47
O3 JHM J . 48.40 -0.17 -4.72
C4 JHM J . 47.41 -2.08 -3.60
O4 JHM J . 46.33 -2.14 -4.49
C5 JHM J . 46.93 -2.51 -2.19
O5 JHM J . 47.97 -2.37 -1.22
C6 JHM J . 46.43 -3.94 -2.05
O6 JHM J . 47.50 -4.84 -2.31
O7 JHM J . 47.46 -6.77 -0.88
O8 JHM J . 46.14 -6.73 -2.90
O9 JHM J . 48.54 -6.89 -3.05
C1 IDS J . 46.55 -2.93 -5.62
C2 IDS J . 45.25 -3.26 -6.28
C3 IDS J . 44.67 -2.11 -7.12
C4 IDS J . 45.71 -1.45 -7.99
C5 IDS J . 46.89 -1.11 -7.12
C6 IDS J . 47.95 -0.27 -7.82
O2 IDS J . 45.44 -4.31 -7.12
O3 IDS J . 44.17 -1.13 -6.24
O5 IDS J . 47.41 -2.30 -6.55
O6A IDS J . 49.12 -0.64 -7.85
O6B IDS J . 47.64 0.80 -8.37
S IDS J . 44.85 -5.72 -6.98
O1S IDS J . 45.44 -6.29 -5.82
O2S IDS J . 45.22 -6.41 -8.16
O3S IDS J . 43.44 -5.52 -6.85
S JHM K . 41.22 -3.78 -13.06
C1 JHM K . 45.57 -1.46 -10.43
O1 JHM K . 45.39 -0.59 -9.29
C2 JHM K . 46.15 -0.66 -11.58
C3 JHM K . 45.17 0.48 -11.88
O3 JHM K . 45.70 1.30 -12.89
C4 JHM K . 43.84 -0.17 -12.35
O4 JHM K . 42.89 0.83 -12.61
C5 JHM K . 43.34 -1.06 -11.17
O5 JHM K . 44.33 -2.03 -10.80
C6 JHM K . 42.06 -1.84 -11.44
O6 JHM K . 42.29 -2.77 -12.48
O7 JHM K . 41.17 -4.88 -12.12
O8 JHM K . 39.98 -3.04 -13.12
O9 JHM K . 41.70 -4.17 -14.37
C1 IDS K . 42.44 0.89 -13.93
C2 IDS K . 41.16 1.67 -14.00
C3 IDS K . 41.36 3.18 -13.94
C4 IDS K . 42.49 3.64 -14.84
C5 IDS K . 43.69 2.81 -14.52
C6 IDS K . 44.97 3.28 -15.21
O2 IDS K . 40.56 1.38 -15.19
O3 IDS K . 41.69 3.52 -12.63
O5 IDS K . 43.41 1.45 -14.80
O6A IDS K . 45.63 2.52 -15.91
O6B IDS K . 45.36 4.45 -15.07
S IDS K . 39.22 0.66 -15.39
O1S IDS K . 39.42 -0.68 -14.96
O2S IDS K . 38.95 0.74 -16.79
O3S IDS K . 38.28 1.36 -14.58
S JHM L . 22.04 41.82 -17.11
C1 JHM L . 26.19 45.53 -17.57
O1 JHM L . 26.81 45.82 -18.84
C2 JHM L . 27.20 44.87 -16.65
C3 JHM L . 27.69 43.60 -17.35
O3 JHM L . 28.68 42.98 -16.58
C4 JHM L . 26.46 42.66 -17.50
O4 JHM L . 26.83 41.47 -18.17
C5 JHM L . 25.41 43.42 -18.34
O5 JHM L . 25.07 44.68 -17.75
C6 JHM L . 24.08 42.69 -18.57
O6 JHM L . 23.43 42.53 -17.33
O7 JHM L . 21.99 41.44 -15.71
O8 JHM L . 21.05 42.80 -17.48
O9 JHM L . 22.04 40.67 -18.00
C1 IDS L . 26.69 40.31 -17.43
C2 IDS L . 26.71 39.12 -18.34
C3 IDS L . 28.10 38.71 -18.80
C4 IDS L . 29.11 38.72 -17.67
C5 IDS L . 29.00 40.03 -16.96
C6 IDS L . 30.08 40.25 -15.91
O2 IDS L . 26.18 38.05 -17.67
O3 IDS L . 28.53 39.65 -19.75
O5 IDS L . 27.70 40.17 -16.44
O6A IDS L . 31.28 40.16 -16.20
O6B IDS L . 29.78 40.53 -14.75
S IDS L . 24.87 37.31 -17.98
O1S IDS L . 24.97 36.96 -19.35
O2S IDS L . 24.84 36.20 -17.09
O3S IDS L . 23.83 38.24 -17.73
S JHM M . 25.96 33.61 -16.81
C1 JHM M . 30.29 37.13 -16.62
O1 JHM M . 30.72 37.87 -17.78
C2 JHM M . 31.39 36.14 -16.22
C3 JHM M . 31.62 35.24 -17.45
O3 JHM M . 32.68 34.35 -17.17
C4 JHM M . 30.31 34.45 -17.69
O4 JHM M . 30.46 33.62 -18.82
C5 JHM M . 29.19 35.50 -17.97
O5 JHM M . 29.09 36.43 -16.89
C6 JHM M . 27.79 34.94 -18.19
O6 JHM M . 27.36 34.32 -17.00
O7 JHM M . 26.11 32.72 -15.68
O8 JHM M . 25.01 34.68 -16.58
O9 JHM M . 25.69 32.90 -18.05
C1 IDS M . 30.32 32.25 -18.56
C2 IDS M . 30.08 31.51 -19.84
C3 IDS M . 31.33 31.29 -20.68
C4 IDS M . 32.51 30.83 -19.85
C5 IDS M . 32.64 31.77 -18.70
C6 IDS M . 33.90 31.54 -17.86
O2 IDS M . 29.58 30.28 -19.54
O3 IDS M . 31.68 32.53 -21.27
O5 IDS M . 31.47 31.73 -17.91
O6A IDS M . 35.02 31.55 -18.40
O6B IDS M . 33.84 31.35 -16.65
S IDS M . 28.18 29.74 -19.84
O1S IDS M . 28.01 29.95 -21.25
O2S IDS M . 28.19 28.38 -19.46
O3S IDS M . 27.27 30.52 -19.07
S JHM N . -28.81 28.81 -27.27
C1 JHM N . -31.61 33.40 -25.72
O1 JHM N . -33.02 33.37 -25.46
C2 JHM N . -31.35 34.26 -26.95
C3 JHM N . -32.14 33.65 -28.11
O3 JHM N . -31.99 34.45 -29.25
C4 JHM N . -31.56 32.24 -28.37
O4 JHM N . -32.26 31.59 -29.40
C5 JHM N . -31.73 31.43 -27.06
O5 JHM N . -31.12 32.09 -25.95
C6 JHM N . -31.17 30.01 -27.06
O6 JHM N . -29.78 30.06 -27.21
O7 JHM N . -28.63 28.39 -25.89
O8 JHM N . -29.51 27.82 -28.07
O9 JHM N . -27.59 29.27 -27.89
C1 IDS N . -31.50 31.28 -30.53
C2 IDS N . -32.22 30.27 -31.37
C3 IDS N . -33.34 30.86 -32.22
C4 IDS N . -32.93 32.15 -32.92
C5 IDS N . -32.34 33.05 -31.88
C6 IDS N . -32.04 34.46 -32.39
O2 IDS N . -31.32 29.71 -32.22
O3 IDS N . -34.42 31.17 -31.37
O5 IDS N . -31.21 32.43 -31.30
O6A IDS N . -30.92 34.95 -32.29
O6B IDS N . -32.94 35.13 -32.93
S IDS N . -30.85 28.25 -32.23
O1S IDS N . -30.12 28.05 -31.03
O2S IDS N . -30.03 28.11 -33.39
O3S IDS N . -32.05 27.47 -32.28
S JHM O . -34.10 25.40 -20.73
C1 JHM O . -35.53 29.70 -17.47
O1 JHM O . -36.87 30.27 -17.50
C2 JHM O . -34.54 30.74 -17.99
C3 JHM O . -34.98 31.11 -19.40
O3 JHM O . -34.13 32.11 -19.91
C4 JHM O . -34.85 29.83 -20.28
O4 JHM O . -35.26 30.11 -21.60
C5 JHM O . -35.80 28.77 -19.66
O5 JHM O . -35.48 28.54 -18.28
C6 JHM O . -35.80 27.40 -20.32
O6 JHM O . -34.52 26.81 -20.18
O7 JHM O . -34.63 24.43 -19.79
O8 JHM O . -34.71 25.29 -22.04
O9 JHM O . -32.66 25.41 -20.80
C1 IDS O . -34.24 29.94 -22.63
C2 IDS O . -34.78 29.80 -24.02
C3 IDS O . -35.32 31.11 -24.60
C4 IDS O . -34.40 32.29 -24.35
C5 IDS O . -34.08 32.31 -22.89
C6 IDS O . -33.32 33.54 -22.43
O2 IDS O . -33.76 29.40 -24.83
O3 IDS O . -36.55 31.38 -23.98
O5 IDS O . -33.42 31.10 -22.54
O6A IDS O . -32.25 33.44 -21.84
O6B IDS O . -33.76 34.67 -22.66
S IDS O . -33.64 28.05 -25.56
O1S IDS O . -33.51 27.06 -24.55
O2S IDS O . -32.50 28.16 -26.39
O3S IDS O . -34.87 27.93 -26.29
S JHM P . -33.55 33.02 -9.62
C1 JHM P . -38.90 34.62 -9.94
O1 JHM P . -39.98 33.74 -9.58
C2 JHM P . -38.97 34.93 -11.43
C3 JHM P . -38.88 33.60 -12.16
O3 JHM P . -39.00 33.81 -13.54
C4 JHM P . -37.48 32.99 -11.85
O4 JHM P . -37.35 31.73 -12.48
C5 JHM P . -37.42 32.79 -10.31
O5 JHM P . -37.65 34.02 -9.63
C6 JHM P . -36.09 32.25 -9.76
O6 JHM P . -35.08 33.19 -10.01
O7 JHM P . -32.81 33.92 -10.45
O8 JHM P . -33.49 33.34 -8.21
O9 JHM P . -33.24 31.63 -9.89
C1 IDS P . -36.32 31.66 -13.42
C2 IDS P . -36.00 30.23 -13.72
C3 IDS P . -36.99 29.56 -14.66
C4 IDS P . -37.34 30.43 -15.85
C5 IDS P . -37.74 31.77 -15.33
C6 IDS P . -38.29 32.71 -16.39
O2 IDS P . -34.77 30.17 -14.32
O3 IDS P . -38.18 29.32 -13.95
O5 IDS P . -36.65 32.34 -14.62
O6A IDS P . -37.81 33.83 -16.58
O6B IDS P . -39.25 32.36 -17.10
S IDS P . -33.49 29.55 -13.75
O1S IDS P . -33.87 28.22 -13.39
O2S IDS P . -32.54 29.62 -14.79
O3S IDS P . -33.13 30.34 -12.63
#